data_2B57
# 
_entry.id   2B57 
# 
_audit_conform.dict_name       mmcif_pdbx.dic 
_audit_conform.dict_version    5.387 
_audit_conform.dict_location   http://mmcif.pdb.org/dictionaries/ascii/mmcif_pdbx.dic 
# 
loop_
_database_2.database_id 
_database_2.database_code 
_database_2.pdbx_database_accession 
_database_2.pdbx_DOI 
PDB   2B57         pdb_00002b57 10.2210/pdb2b57/pdb 
NDB   UR0070       ?            ?                   
RCSB  RCSB034689   ?            ?                   
WWPDB D_1000034689 ?            ?                   
# 
loop_
_pdbx_audit_revision_history.ordinal 
_pdbx_audit_revision_history.data_content_type 
_pdbx_audit_revision_history.major_revision 
_pdbx_audit_revision_history.minor_revision 
_pdbx_audit_revision_history.revision_date 
1 'Structure model' 1 0 2006-05-23 
2 'Structure model' 1 1 2008-05-01 
3 'Structure model' 1 2 2011-07-13 
4 'Structure model' 1 3 2017-10-11 
5 'Structure model' 1 4 2021-10-20 
6 'Structure model' 1 5 2024-02-14 
# 
_pdbx_audit_revision_details.ordinal             1 
_pdbx_audit_revision_details.revision_ordinal    1 
_pdbx_audit_revision_details.data_content_type   'Structure model' 
_pdbx_audit_revision_details.provider            repository 
_pdbx_audit_revision_details.type                'Initial release' 
_pdbx_audit_revision_details.description         ? 
_pdbx_audit_revision_details.details             ? 
# 
loop_
_pdbx_audit_revision_group.ordinal 
_pdbx_audit_revision_group.revision_ordinal 
_pdbx_audit_revision_group.data_content_type 
_pdbx_audit_revision_group.group 
1 2 'Structure model' 'Version format compliance' 
2 3 'Structure model' 'Version format compliance' 
3 4 'Structure model' 'Refinement description'    
4 5 'Structure model' 'Database references'       
5 5 'Structure model' 'Derived calculations'      
6 6 'Structure model' 'Data collection'           
# 
loop_
_pdbx_audit_revision_category.ordinal 
_pdbx_audit_revision_category.revision_ordinal 
_pdbx_audit_revision_category.data_content_type 
_pdbx_audit_revision_category.category 
1 4 'Structure model' software           
2 5 'Structure model' database_2         
3 5 'Structure model' struct_ref_seq_dif 
4 5 'Structure model' struct_site        
5 6 'Structure model' chem_comp_atom     
6 6 'Structure model' chem_comp_bond     
# 
loop_
_pdbx_audit_revision_item.ordinal 
_pdbx_audit_revision_item.revision_ordinal 
_pdbx_audit_revision_item.data_content_type 
_pdbx_audit_revision_item.item 
1 5 'Structure model' '_database_2.pdbx_DOI'                
2 5 'Structure model' '_database_2.pdbx_database_accession' 
3 5 'Structure model' '_struct_ref_seq_dif.details'         
4 5 'Structure model' '_struct_site.pdbx_auth_asym_id'      
5 5 'Structure model' '_struct_site.pdbx_auth_comp_id'      
6 5 'Structure model' '_struct_site.pdbx_auth_seq_id'       
# 
_pdbx_database_status.status_code                     REL 
_pdbx_database_status.entry_id                        2B57 
_pdbx_database_status.recvd_initial_deposition_date   2005-09-27 
_pdbx_database_status.deposit_site                    RCSB 
_pdbx_database_status.process_site                    RCSB 
_pdbx_database_status.status_code_sf                  REL 
_pdbx_database_status.status_code_mr                  ? 
_pdbx_database_status.SG_entry                        ? 
_pdbx_database_status.pdb_format_compatible           Y 
_pdbx_database_status.status_code_cs                  ? 
_pdbx_database_status.methods_development_category    ? 
_pdbx_database_status.status_code_nmr_data            ? 
# 
loop_
_audit_author.name 
_audit_author.pdbx_ordinal 
'Gilbert, S.D.'  1 
'Stoddard, C.D.' 2 
'Wise, S.J.'     3 
'Batey, R.T.'    4 
# 
_citation.id                        primary 
_citation.title                     
'Thermodynamic and kinetic characterization of ligand binding to the purine riboswitch aptamer domain.' 
_citation.journal_abbrev            J.Mol.Biol. 
_citation.journal_volume            359 
_citation.page_first                754 
_citation.page_last                 768 
_citation.year                      2006 
_citation.journal_id_ASTM           JMOBAK 
_citation.country                   UK 
_citation.journal_id_ISSN           0022-2836 
_citation.journal_id_CSD            0070 
_citation.book_publisher            ? 
_citation.pdbx_database_id_PubMed   16650860 
_citation.pdbx_database_id_DOI      10.1016/j.jmb.2006.04.003 
# 
loop_
_citation_author.citation_id 
_citation_author.name 
_citation_author.ordinal 
_citation_author.identifier_ORCID 
primary 'Gilbert, S.D.'  1 ? 
primary 'Stoddard, C.D.' 2 ? 
primary 'Wise, S.J.'     3 ? 
primary 'Batey, R.T.'    4 ? 
# 
loop_
_entity.id 
_entity.type 
_entity.src_method 
_entity.pdbx_description 
_entity.formula_weight 
_entity.pdbx_number_of_molecules 
_entity.pdbx_ec 
_entity.pdbx_mutation 
_entity.pdbx_fragment 
_entity.details 
1 polymer     syn 65-MER                  20857.381 1   ? C74U 'G-box RNA' ? 
2 non-polymer syn 'ACETATE ION'           59.044    1   ? ?    ?           ? 
3 non-polymer syn 'COBALT HEXAMMINE(III)' 161.116   9   ? ?    ?           ? 
4 non-polymer syn 9H-PURINE-2,6-DIAMINE   150.141   1   ? ?    ?           ? 
5 water       nat water                   18.015    185 ? ?    ?           ? 
# 
_entity_poly.entity_id                      1 
_entity_poly.type                           polyribonucleotide 
_entity_poly.nstd_linkage                   no 
_entity_poly.nstd_monomer                   no 
_entity_poly.pdbx_seq_one_letter_code       GACAUAUAAUCGCGUGGAUAUGGCACGCAAGUUUCUACCGGGCACCGUAAAUGUCCGAUUAUGUC 
_entity_poly.pdbx_seq_one_letter_code_can   GACAUAUAAUCGCGUGGAUAUGGCACGCAAGUUUCUACCGGGCACCGUAAAUGUCCGAUUAUGUC 
_entity_poly.pdbx_strand_id                 A 
_entity_poly.pdbx_target_identifier         ? 
# 
loop_
_pdbx_entity_nonpoly.entity_id 
_pdbx_entity_nonpoly.name 
_pdbx_entity_nonpoly.comp_id 
2 'ACETATE ION'           ACT 
3 'COBALT HEXAMMINE(III)' NCO 
4 9H-PURINE-2,6-DIAMINE   6AP 
5 water                   HOH 
# 
loop_
_entity_poly_seq.entity_id 
_entity_poly_seq.num 
_entity_poly_seq.mon_id 
_entity_poly_seq.hetero 
1 1  G n 
1 2  A n 
1 3  C n 
1 4  A n 
1 5  U n 
1 6  A n 
1 7  U n 
1 8  A n 
1 9  A n 
1 10 U n 
1 11 C n 
1 12 G n 
1 13 C n 
1 14 G n 
1 15 U n 
1 16 G n 
1 17 G n 
1 18 A n 
1 19 U n 
1 20 A n 
1 21 U n 
1 22 G n 
1 23 G n 
1 24 C n 
1 25 A n 
1 26 C n 
1 27 G n 
1 28 C n 
1 29 A n 
1 30 A n 
1 31 G n 
1 32 U n 
1 33 U n 
1 34 U n 
1 35 C n 
1 36 U n 
1 37 A n 
1 38 C n 
1 39 C n 
1 40 G n 
1 41 G n 
1 42 G n 
1 43 C n 
1 44 A n 
1 45 C n 
1 46 C n 
1 47 G n 
1 48 U n 
1 49 A n 
1 50 A n 
1 51 A n 
1 52 U n 
1 53 G n 
1 54 U n 
1 55 C n 
1 56 C n 
1 57 G n 
1 58 A n 
1 59 U n 
1 60 U n 
1 61 A n 
1 62 U n 
1 63 G n 
1 64 U n 
1 65 C n 
# 
_pdbx_entity_src_syn.entity_id              1 
_pdbx_entity_src_syn.pdbx_src_id            1 
_pdbx_entity_src_syn.pdbx_alt_source_flag   sample 
_pdbx_entity_src_syn.pdbx_beg_seq_num       ? 
_pdbx_entity_src_syn.pdbx_end_seq_num       ? 
_pdbx_entity_src_syn.organism_scientific    ? 
_pdbx_entity_src_syn.organism_common_name   ? 
_pdbx_entity_src_syn.ncbi_taxonomy_id       ? 
_pdbx_entity_src_syn.details                
'RNA was prepared by in vitro transcription. The sequence of this RNA can be found naturally in Bacillus Subtilis' 
# 
loop_
_chem_comp.id 
_chem_comp.type 
_chem_comp.mon_nstd_flag 
_chem_comp.name 
_chem_comp.pdbx_synonyms 
_chem_comp.formula 
_chem_comp.formula_weight 
6AP non-polymer   . 9H-PURINE-2,6-DIAMINE        2,6-DIAMINOPURINE 'C5 H6 N6'        150.141 
A   'RNA linking' y "ADENOSINE-5'-MONOPHOSPHATE" ?                 'C10 H14 N5 O7 P' 347.221 
ACT non-polymer   . 'ACETATE ION'                ?                 'C2 H3 O2 -1'     59.044  
C   'RNA linking' y "CYTIDINE-5'-MONOPHOSPHATE"  ?                 'C9 H14 N3 O8 P'  323.197 
G   'RNA linking' y "GUANOSINE-5'-MONOPHOSPHATE" ?                 'C10 H14 N5 O8 P' 363.221 
HOH non-polymer   . WATER                        ?                 'H2 O'            18.015  
NCO non-polymer   . 'COBALT HEXAMMINE(III)'      ?                 'Co H18 N6 3'     161.116 
U   'RNA linking' y "URIDINE-5'-MONOPHOSPHATE"   ?                 'C9 H13 N2 O9 P'  324.181 
# 
loop_
_pdbx_poly_seq_scheme.asym_id 
_pdbx_poly_seq_scheme.entity_id 
_pdbx_poly_seq_scheme.seq_id 
_pdbx_poly_seq_scheme.mon_id 
_pdbx_poly_seq_scheme.ndb_seq_num 
_pdbx_poly_seq_scheme.pdb_seq_num 
_pdbx_poly_seq_scheme.auth_seq_num 
_pdbx_poly_seq_scheme.pdb_mon_id 
_pdbx_poly_seq_scheme.auth_mon_id 
_pdbx_poly_seq_scheme.pdb_strand_id 
_pdbx_poly_seq_scheme.pdb_ins_code 
_pdbx_poly_seq_scheme.hetero 
A 1 1  G 1  16 16 G GUA A . n 
A 1 2  A 2  17 17 A ADE A . n 
A 1 3  C 3  18 18 C CYT A . n 
A 1 4  A 4  19 19 A ADE A . n 
A 1 5  U 5  20 20 U URI A . n 
A 1 6  A 6  21 21 A ADE A . n 
A 1 7  U 7  22 22 U URI A . n 
A 1 8  A 8  23 23 A ADE A . n 
A 1 9  A 9  24 24 A ADE A . n 
A 1 10 U 10 25 25 U URI A . n 
A 1 11 C 11 26 26 C CYT A . n 
A 1 12 G 12 27 27 G GUA A . n 
A 1 13 C 13 28 28 C CYT A . n 
A 1 14 G 14 29 29 G GUA A . n 
A 1 15 U 15 30 30 U URI A . n 
A 1 16 G 16 31 31 G GUA A . n 
A 1 17 G 17 32 32 G GUA A . n 
A 1 18 A 18 33 33 A ADE A . n 
A 1 19 U 19 34 34 U URI A . n 
A 1 20 A 20 35 35 A ADE A . n 
A 1 21 U 21 36 36 U URI A . n 
A 1 22 G 22 37 37 G GUA A . n 
A 1 23 G 23 38 38 G GUA A . n 
A 1 24 C 24 39 39 C CYT A . n 
A 1 25 A 25 40 40 A ADE A . n 
A 1 26 C 26 41 41 C CYT A . n 
A 1 27 G 27 42 42 G GUA A . n 
A 1 28 C 28 43 43 C CYT A . n 
A 1 29 A 29 44 44 A ADE A . n 
A 1 30 A 30 45 45 A ADE A . n 
A 1 31 G 31 46 46 G GUA A . n 
A 1 32 U 32 47 47 U URI A . n 
A 1 33 U 33 48 48 U URI A . n 
A 1 34 U 34 49 49 U URI A . n 
A 1 35 C 35 50 50 C CYT A . n 
A 1 36 U 36 51 51 U URI A . n 
A 1 37 A 37 52 52 A ADE A . n 
A 1 38 C 38 53 53 C CYT A . n 
A 1 39 C 39 54 54 C CYT A . n 
A 1 40 G 40 55 55 G GUA A . n 
A 1 41 G 41 56 56 G GUA A . n 
A 1 42 G 42 57 57 G GUA A . n 
A 1 43 C 43 58 58 C CYT A . n 
A 1 44 A 44 59 59 A ADE A . n 
A 1 45 C 45 60 60 C CYT A . n 
A 1 46 C 46 61 61 C CYT A . n 
A 1 47 G 47 62 62 G GUA A . n 
A 1 48 U 48 63 63 U URI A . n 
A 1 49 A 49 64 64 A ADE A . n 
A 1 50 A 50 65 65 A ADE A . n 
A 1 51 A 51 66 66 A ADE A . n 
A 1 52 U 52 67 67 U URI A . n 
A 1 53 G 53 68 68 G GUA A . n 
A 1 54 U 54 69 69 U URI A . n 
A 1 55 C 55 70 70 C CYT A . n 
A 1 56 C 56 71 71 C CYT A . n 
A 1 57 G 57 72 72 G GUA A . n 
A 1 58 A 58 73 73 A ADE A . n 
A 1 59 U 59 74 74 U URI A . n 
A 1 60 U 60 75 75 U URI A . n 
A 1 61 A 61 76 76 A ADE A . n 
A 1 62 U 62 77 77 U URI A . n 
A 1 63 G 63 78 78 G GUA A . n 
A 1 64 U 64 79 79 U URI A . n 
A 1 65 C 65 80 80 C CYT A . n 
# 
loop_
_pdbx_nonpoly_scheme.asym_id 
_pdbx_nonpoly_scheme.entity_id 
_pdbx_nonpoly_scheme.mon_id 
_pdbx_nonpoly_scheme.ndb_seq_num 
_pdbx_nonpoly_scheme.pdb_seq_num 
_pdbx_nonpoly_scheme.auth_seq_num 
_pdbx_nonpoly_scheme.pdb_mon_id 
_pdbx_nonpoly_scheme.auth_mon_id 
_pdbx_nonpoly_scheme.pdb_strand_id 
_pdbx_nonpoly_scheme.pdb_ins_code 
B 2 ACT 1   92  92  ACT ACT A . 
C 3 NCO 1   101 101 NCO NCO A . 
D 3 NCO 1   102 102 NCO NCO A . 
E 3 NCO 1   103 103 NCO NCO A . 
F 3 NCO 1   104 104 NCO NCO A . 
G 3 NCO 1   105 105 NCO NCO A . 
H 3 NCO 1   107 107 NCO NCO A . 
I 3 NCO 1   108 108 NCO NCO A . 
J 3 NCO 1   109 109 NCO NCO A . 
K 3 NCO 1   112 112 NCO NCO A . 
L 4 6AP 1   91  91  6AP DAP A . 
M 5 HOH 1   300 300 HOH HOH A . 
M 5 HOH 2   301 301 HOH HOH A . 
M 5 HOH 3   302 302 HOH HOH A . 
M 5 HOH 4   303 303 HOH HOH A . 
M 5 HOH 5   304 304 HOH HOH A . 
M 5 HOH 6   305 305 HOH HOH A . 
M 5 HOH 7   306 306 HOH HOH A . 
M 5 HOH 8   307 307 HOH HOH A . 
M 5 HOH 9   308 308 HOH HOH A . 
M 5 HOH 10  309 309 HOH HOH A . 
M 5 HOH 11  310 310 HOH HOH A . 
M 5 HOH 12  311 311 HOH HOH A . 
M 5 HOH 13  312 312 HOH HOH A . 
M 5 HOH 14  313 313 HOH HOH A . 
M 5 HOH 15  314 314 HOH HOH A . 
M 5 HOH 16  315 315 HOH HOH A . 
M 5 HOH 17  316 316 HOH HOH A . 
M 5 HOH 18  317 317 HOH HOH A . 
M 5 HOH 19  318 318 HOH HOH A . 
M 5 HOH 20  319 319 HOH HOH A . 
M 5 HOH 21  320 320 HOH HOH A . 
M 5 HOH 22  321 321 HOH HOH A . 
M 5 HOH 23  322 322 HOH HOH A . 
M 5 HOH 24  323 323 HOH HOH A . 
M 5 HOH 25  324 324 HOH HOH A . 
M 5 HOH 26  325 325 HOH HOH A . 
M 5 HOH 27  326 326 HOH HOH A . 
M 5 HOH 28  327 327 HOH HOH A . 
M 5 HOH 29  328 328 HOH HOH A . 
M 5 HOH 30  329 329 HOH HOH A . 
M 5 HOH 31  330 330 HOH HOH A . 
M 5 HOH 32  331 331 HOH HOH A . 
M 5 HOH 33  332 332 HOH HOH A . 
M 5 HOH 34  333 333 HOH HOH A . 
M 5 HOH 35  334 334 HOH HOH A . 
M 5 HOH 36  335 335 HOH HOH A . 
M 5 HOH 37  336 336 HOH HOH A . 
M 5 HOH 38  337 337 HOH HOH A . 
M 5 HOH 39  338 338 HOH HOH A . 
M 5 HOH 40  339 339 HOH HOH A . 
M 5 HOH 41  340 340 HOH HOH A . 
M 5 HOH 42  341 341 HOH HOH A . 
M 5 HOH 43  342 342 HOH HOH A . 
M 5 HOH 44  343 343 HOH HOH A . 
M 5 HOH 45  344 344 HOH HOH A . 
M 5 HOH 46  345 345 HOH HOH A . 
M 5 HOH 47  346 346 HOH HOH A . 
M 5 HOH 48  347 347 HOH HOH A . 
M 5 HOH 49  348 348 HOH HOH A . 
M 5 HOH 50  349 349 HOH HOH A . 
M 5 HOH 51  350 350 HOH HOH A . 
M 5 HOH 52  351 351 HOH HOH A . 
M 5 HOH 53  352 352 HOH HOH A . 
M 5 HOH 54  353 353 HOH HOH A . 
M 5 HOH 55  354 354 HOH HOH A . 
M 5 HOH 56  355 355 HOH HOH A . 
M 5 HOH 57  356 356 HOH HOH A . 
M 5 HOH 58  357 357 HOH HOH A . 
M 5 HOH 59  358 358 HOH HOH A . 
M 5 HOH 60  359 359 HOH HOH A . 
M 5 HOH 61  360 360 HOH HOH A . 
M 5 HOH 62  361 361 HOH HOH A . 
M 5 HOH 63  362 362 HOH HOH A . 
M 5 HOH 64  363 363 HOH HOH A . 
M 5 HOH 65  364 364 HOH HOH A . 
M 5 HOH 66  365 365 HOH HOH A . 
M 5 HOH 67  366 366 HOH HOH A . 
M 5 HOH 68  367 367 HOH HOH A . 
M 5 HOH 69  368 368 HOH HOH A . 
M 5 HOH 70  369 369 HOH HOH A . 
M 5 HOH 71  370 370 HOH HOH A . 
M 5 HOH 72  371 371 HOH HOH A . 
M 5 HOH 73  372 372 HOH HOH A . 
M 5 HOH 74  373 373 HOH HOH A . 
M 5 HOH 75  374 374 HOH HOH A . 
M 5 HOH 76  375 375 HOH HOH A . 
M 5 HOH 77  376 376 HOH HOH A . 
M 5 HOH 78  377 377 HOH HOH A . 
M 5 HOH 79  378 378 HOH HOH A . 
M 5 HOH 80  379 379 HOH HOH A . 
M 5 HOH 81  380 380 HOH HOH A . 
M 5 HOH 82  381 381 HOH HOH A . 
M 5 HOH 83  382 382 HOH HOH A . 
M 5 HOH 84  383 383 HOH HOH A . 
M 5 HOH 85  384 384 HOH HOH A . 
M 5 HOH 86  385 385 HOH HOH A . 
M 5 HOH 87  386 386 HOH HOH A . 
M 5 HOH 88  387 387 HOH HOH A . 
M 5 HOH 89  388 388 HOH HOH A . 
M 5 HOH 90  389 389 HOH HOH A . 
M 5 HOH 91  390 390 HOH HOH A . 
M 5 HOH 92  391 391 HOH HOH A . 
M 5 HOH 93  392 392 HOH HOH A . 
M 5 HOH 94  393 393 HOH HOH A . 
M 5 HOH 95  394 394 HOH HOH A . 
M 5 HOH 96  395 395 HOH HOH A . 
M 5 HOH 97  396 396 HOH HOH A . 
M 5 HOH 98  397 397 HOH HOH A . 
M 5 HOH 99  398 398 HOH HOH A . 
M 5 HOH 100 399 399 HOH HOH A . 
M 5 HOH 101 400 400 HOH HOH A . 
M 5 HOH 102 401 401 HOH HOH A . 
M 5 HOH 103 402 402 HOH HOH A . 
M 5 HOH 104 403 403 HOH HOH A . 
M 5 HOH 105 404 404 HOH HOH A . 
M 5 HOH 106 405 405 HOH HOH A . 
M 5 HOH 107 406 406 HOH HOH A . 
M 5 HOH 108 407 407 HOH HOH A . 
M 5 HOH 109 408 408 HOH HOH A . 
M 5 HOH 110 409 409 HOH HOH A . 
M 5 HOH 111 410 410 HOH HOH A . 
M 5 HOH 112 411 411 HOH HOH A . 
M 5 HOH 113 412 412 HOH HOH A . 
M 5 HOH 114 413 413 HOH HOH A . 
M 5 HOH 115 414 414 HOH HOH A . 
M 5 HOH 116 415 415 HOH HOH A . 
M 5 HOH 117 416 416 HOH HOH A . 
M 5 HOH 118 417 417 HOH HOH A . 
M 5 HOH 119 418 418 HOH HOH A . 
M 5 HOH 120 419 419 HOH HOH A . 
M 5 HOH 121 420 420 HOH HOH A . 
M 5 HOH 122 421 421 HOH HOH A . 
M 5 HOH 123 422 422 HOH HOH A . 
M 5 HOH 124 423 423 HOH HOH A . 
M 5 HOH 125 424 424 HOH HOH A . 
M 5 HOH 126 425 425 HOH HOH A . 
M 5 HOH 127 426 426 HOH HOH A . 
M 5 HOH 128 427 427 HOH HOH A . 
M 5 HOH 129 428 428 HOH HOH A . 
M 5 HOH 130 429 429 HOH HOH A . 
M 5 HOH 131 430 430 HOH HOH A . 
M 5 HOH 132 431 431 HOH HOH A . 
M 5 HOH 133 432 432 HOH HOH A . 
M 5 HOH 134 433 433 HOH HOH A . 
M 5 HOH 135 434 434 HOH HOH A . 
M 5 HOH 136 435 435 HOH HOH A . 
M 5 HOH 137 436 436 HOH HOH A . 
M 5 HOH 138 437 437 HOH HOH A . 
M 5 HOH 139 438 438 HOH HOH A . 
M 5 HOH 140 439 439 HOH HOH A . 
M 5 HOH 141 440 440 HOH HOH A . 
M 5 HOH 142 441 441 HOH HOH A . 
M 5 HOH 143 442 442 HOH HOH A . 
M 5 HOH 144 443 443 HOH HOH A . 
M 5 HOH 145 444 444 HOH HOH A . 
M 5 HOH 146 445 445 HOH HOH A . 
M 5 HOH 147 446 446 HOH HOH A . 
M 5 HOH 148 447 447 HOH HOH A . 
M 5 HOH 149 448 448 HOH HOH A . 
M 5 HOH 150 449 449 HOH HOH A . 
M 5 HOH 151 450 450 HOH HOH A . 
M 5 HOH 152 451 451 HOH HOH A . 
M 5 HOH 153 452 452 HOH HOH A . 
M 5 HOH 154 453 453 HOH HOH A . 
M 5 HOH 155 454 454 HOH HOH A . 
M 5 HOH 156 455 455 HOH HOH A . 
M 5 HOH 157 456 456 HOH HOH A . 
M 5 HOH 158 457 457 HOH HOH A . 
M 5 HOH 159 458 458 HOH HOH A . 
M 5 HOH 160 459 459 HOH HOH A . 
M 5 HOH 161 460 460 HOH HOH A . 
M 5 HOH 162 461 461 HOH HOH A . 
M 5 HOH 163 462 462 HOH HOH A . 
M 5 HOH 164 463 463 HOH HOH A . 
M 5 HOH 165 464 464 HOH HOH A . 
M 5 HOH 166 465 465 HOH HOH A . 
M 5 HOH 167 466 466 HOH HOH A . 
M 5 HOH 168 467 467 HOH HOH A . 
M 5 HOH 169 468 468 HOH HOH A . 
M 5 HOH 170 469 469 HOH HOH A . 
M 5 HOH 171 470 470 HOH HOH A . 
M 5 HOH 172 471 471 HOH HOH A . 
M 5 HOH 173 472 472 HOH HOH A . 
M 5 HOH 174 473 473 HOH HOH A . 
M 5 HOH 175 474 474 HOH HOH A . 
M 5 HOH 176 475 475 HOH HOH A . 
M 5 HOH 177 476 476 HOH HOH A . 
M 5 HOH 178 477 477 HOH HOH A . 
M 5 HOH 179 478 478 HOH HOH A . 
M 5 HOH 180 479 479 HOH HOH A . 
M 5 HOH 181 480 480 HOH HOH A . 
M 5 HOH 182 481 481 HOH HOH A . 
M 5 HOH 183 482 482 HOH HOH A . 
M 5 HOH 184 483 483 HOH HOH A . 
M 5 HOH 185 484 484 HOH HOH A . 
# 
loop_
_software.name 
_software.classification 
_software.version 
_software.citation_id 
_software.pdbx_ordinal 
CNS    refinement     1.1 ? 1 
d*TREK 'data scaling' .   ? 2 
CNS    phasing        .   ? 3 
# 
_cell.entry_id           2B57 
_cell.length_a           131.900 
_cell.length_b           34.800 
_cell.length_c           41.460 
_cell.angle_alpha        90.00 
_cell.angle_beta         90.83 
_cell.angle_gamma        90.00 
_cell.Z_PDB              4 
_cell.pdbx_unique_axis   ? 
# 
_symmetry.entry_id                         2B57 
_symmetry.space_group_name_H-M             'C 1 2 1' 
_symmetry.pdbx_full_space_group_name_H-M   ? 
_symmetry.cell_setting                     ? 
_symmetry.Int_Tables_number                5 
_symmetry.space_group_name_Hall            ? 
# 
_exptl.entry_id          2B57 
_exptl.method            'X-RAY DIFFRACTION' 
_exptl.crystals_number   1 
# 
_exptl_crystal.id                    1 
_exptl_crystal.density_meas          ? 
_exptl_crystal.density_Matthews      2.29 
_exptl_crystal.density_percent_sol   46 
_exptl_crystal.description           ? 
_exptl_crystal.F_000                 ? 
_exptl_crystal.preparation           ? 
# 
_exptl_crystal_grow.crystal_id      1 
_exptl_crystal_grow.method          'VAPOR DIFFUSION, HANGING DROP' 
_exptl_crystal_grow.temp            298 
_exptl_crystal_grow.temp_details    ? 
_exptl_crystal_grow.pH              7.5 
_exptl_crystal_grow.pdbx_details    
'20% PEG 2K, 480 mM Ammonium Acetate, 12 mM Cobalt Hexammine, pH 7.5, VAPOR DIFFUSION, HANGING DROP, temperature 298K' 
_exptl_crystal_grow.pdbx_pH_range   . 
# 
loop_
_exptl_crystal_grow_comp.crystal_id 
_exptl_crystal_grow_comp.id 
_exptl_crystal_grow_comp.sol_id 
_exptl_crystal_grow_comp.name 
_exptl_crystal_grow_comp.volume 
_exptl_crystal_grow_comp.conc 
_exptl_crystal_grow_comp.details 
1 1 1 'PEG 2K'           ? ? ? 
1 2 1 'Ammonium Acetate' ? ? ? 
1 3 1 'Cobalt Hexammine' ? ? ? 
1 4 1 H2O                ? ? ? 
1 5 2 'PEG 2K'           ? ? ? 
1 6 2 'Ammonium Acetate' ? ? ? 
1 7 2 'Cobalt Hexammine' ? ? ? 
# 
_diffrn.id                     1 
_diffrn.ambient_temp           100 
_diffrn.ambient_temp_details   ? 
_diffrn.crystal_id             1 
# 
_diffrn_detector.diffrn_id              1 
_diffrn_detector.detector               'IMAGE PLATE' 
_diffrn_detector.type                   'RIGAKU RAXIS IV' 
_diffrn_detector.pdbx_collection_date   2005-03-18 
_diffrn_detector.details                ? 
# 
_diffrn_radiation.diffrn_id                        1 
_diffrn_radiation.wavelength_id                    1 
_diffrn_radiation.pdbx_monochromatic_or_laue_m_l   M 
_diffrn_radiation.monochromator                    'NI Filter' 
_diffrn_radiation.pdbx_diffrn_protocol             'SINGLE WAVELENGTH' 
_diffrn_radiation.pdbx_scattering_type             x-ray 
# 
_diffrn_radiation_wavelength.id           1 
_diffrn_radiation_wavelength.wavelength   1.5418 
_diffrn_radiation_wavelength.wt           1.0 
# 
_diffrn_source.diffrn_id                   1 
_diffrn_source.source                      'ROTATING ANODE' 
_diffrn_source.type                        RIGAKU 
_diffrn_source.pdbx_synchrotron_site       ? 
_diffrn_source.pdbx_synchrotron_beamline   ? 
_diffrn_source.pdbx_wavelength             ? 
_diffrn_source.pdbx_wavelength_list        1.5418 
# 
_reflns.entry_id                     2B57 
_reflns.observed_criterion_sigma_I   2.0 
_reflns.observed_criterion_sigma_F   2.0 
_reflns.d_resolution_low             20 
_reflns.d_resolution_high            2.15 
_reflns.number_obs                   10387 
_reflns.number_all                   10478 
_reflns.percent_possible_obs         99.1 
_reflns.pdbx_Rmerge_I_obs            ? 
_reflns.pdbx_Rsym_value              ? 
_reflns.pdbx_netI_over_sigmaI        ? 
_reflns.B_iso_Wilson_estimate        17.7 
_reflns.pdbx_redundancy              ? 
_reflns.R_free_details               ? 
_reflns.pdbx_chi_squared             ? 
_reflns.pdbx_scaling_rejects         ? 
_reflns.pdbx_diffrn_id               1 
_reflns.pdbx_ordinal                 1 
# 
_reflns_shell.d_res_high             2.15 
_reflns_shell.d_res_low              2.23 
_reflns_shell.percent_possible_all   90.71 
_reflns_shell.Rmerge_I_obs           ? 
_reflns_shell.pdbx_Rsym_value        ? 
_reflns_shell.meanI_over_sigI_obs    ? 
_reflns_shell.pdbx_redundancy        ? 
_reflns_shell.percent_possible_obs   ? 
_reflns_shell.number_unique_all      ? 
_reflns_shell.number_measured_all    ? 
_reflns_shell.number_measured_obs    ? 
_reflns_shell.number_unique_obs      ? 
_reflns_shell.pdbx_chi_squared       ? 
_reflns_shell.pdbx_diffrn_id         ? 
_reflns_shell.pdbx_ordinal           1 
# 
_refine.entry_id                                 2B57 
_refine.ls_number_reflns_obs                     10387 
_refine.ls_number_reflns_all                     10478 
_refine.pdbx_ls_sigma_I                          ? 
_refine.pdbx_ls_sigma_F                          0.0 
_refine.pdbx_data_cutoff_high_absF               423665.58 
_refine.pdbx_data_cutoff_low_absF                0.000000 
_refine.pdbx_data_cutoff_high_rms_absF           ? 
_refine.ls_d_res_low                             19.86 
_refine.ls_d_res_high                            2.15 
_refine.ls_percent_reflns_obs                    99.0 
_refine.ls_R_factor_obs                          0.246 
_refine.ls_R_factor_all                          0.26 
_refine.ls_R_factor_R_work                       0.228 
_refine.ls_R_factor_R_free                       0.289 
_refine.ls_R_factor_R_free_error                 0.010 
_refine.ls_R_factor_R_free_error_details         ? 
_refine.ls_percent_reflns_R_free                 7.6 
_refine.ls_number_reflns_R_free                  785 
_refine.ls_number_parameters                     ? 
_refine.ls_number_restraints                     ? 
_refine.occupancy_min                            ? 
_refine.occupancy_max                            ? 
_refine.correlation_coeff_Fo_to_Fc               ? 
_refine.correlation_coeff_Fo_to_Fc_free          ? 
_refine.B_iso_mean                               40.5 
_refine.aniso_B[1][1]                            -1.70 
_refine.aniso_B[2][2]                            0.12 
_refine.aniso_B[3][3]                            1.59 
_refine.aniso_B[1][2]                            0.00 
_refine.aniso_B[1][3]                            2.78 
_refine.aniso_B[2][3]                            0.00 
_refine.solvent_model_details                    'FLAT MODEL' 
_refine.solvent_model_param_ksol                 0.352404 
_refine.solvent_model_param_bsol                 52.7638 
_refine.pdbx_solvent_vdw_probe_radii             ? 
_refine.pdbx_solvent_ion_probe_radii             ? 
_refine.pdbx_solvent_shrinkage_radii             ? 
_refine.pdbx_ls_cross_valid_method               THROUGHOUT 
_refine.details                                  ? 
_refine.pdbx_starting_model                      ? 
_refine.pdbx_method_to_determine_struct          'MOLECULAR REPLACEMENT' 
_refine.pdbx_isotropic_thermal_model             RESTRAINED 
_refine.pdbx_stereochemistry_target_values       ? 
_refine.pdbx_stereochem_target_val_spec_case     ? 
_refine.pdbx_R_Free_selection_details            RANDOM 
_refine.pdbx_overall_ESU_R                       ? 
_refine.pdbx_overall_ESU_R_Free                  ? 
_refine.overall_SU_ML                            ? 
_refine.overall_SU_B                             ? 
_refine.ls_redundancy_reflns_obs                 ? 
_refine.overall_SU_R_Cruickshank_DPI             ? 
_refine.overall_SU_R_free                        ? 
_refine.ls_wR_factor_R_free                      ? 
_refine.ls_wR_factor_R_work                      ? 
_refine.overall_FOM_free_R_set                   ? 
_refine.overall_FOM_work_R_set                   ? 
_refine.pdbx_refine_id                           'X-RAY DIFFRACTION' 
_refine.pdbx_diffrn_id                           1 
_refine.pdbx_TLS_residual_ADP_flag               ? 
_refine.pdbx_overall_phase_error                 ? 
_refine.pdbx_overall_SU_R_free_Cruickshank_DPI   ? 
_refine.pdbx_overall_SU_R_Blow_DPI               ? 
_refine.pdbx_overall_SU_R_free_Blow_DPI          ? 
# 
_refine_analyze.entry_id                        2B57 
_refine_analyze.Luzzati_coordinate_error_obs    0.31 
_refine_analyze.Luzzati_sigma_a_obs             0.48 
_refine_analyze.Luzzati_d_res_low_obs           5.00 
_refine_analyze.Luzzati_coordinate_error_free   0.39 
_refine_analyze.Luzzati_sigma_a_free            0.48 
_refine_analyze.Luzzati_d_res_low_free          ? 
_refine_analyze.number_disordered_residues      ? 
_refine_analyze.occupancy_sum_hydrogen          ? 
_refine_analyze.occupancy_sum_non_hydrogen      ? 
_refine_analyze.pdbx_refine_id                  'X-RAY DIFFRACTION' 
# 
_refine_hist.pdbx_refine_id                   'X-RAY DIFFRACTION' 
_refine_hist.cycle_id                         LAST 
_refine_hist.pdbx_number_atoms_protein        0 
_refine_hist.pdbx_number_atoms_nucleic_acid   1379 
_refine_hist.pdbx_number_atoms_ligand         78 
_refine_hist.number_atoms_solvent             185 
_refine_hist.number_atoms_total               1642 
_refine_hist.d_res_high                       2.15 
_refine_hist.d_res_low                        19.86 
# 
loop_
_refine_ls_restr.type 
_refine_ls_restr.dev_ideal 
_refine_ls_restr.dev_ideal_target 
_refine_ls_restr.weight 
_refine_ls_restr.number 
_refine_ls_restr.pdbx_refine_id 
_refine_ls_restr.pdbx_restraint_function 
c_bond_d                0.005 ? ? ? 'X-RAY DIFFRACTION' ? 
c_bond_d_na             ?     ? ? ? 'X-RAY DIFFRACTION' ? 
c_bond_d_prot           ?     ? ? ? 'X-RAY DIFFRACTION' ? 
c_angle_d               ?     ? ? ? 'X-RAY DIFFRACTION' ? 
c_angle_d_na            ?     ? ? ? 'X-RAY DIFFRACTION' ? 
c_angle_d_prot          ?     ? ? ? 'X-RAY DIFFRACTION' ? 
c_angle_deg             1.2   ? ? ? 'X-RAY DIFFRACTION' ? 
c_angle_deg_na          ?     ? ? ? 'X-RAY DIFFRACTION' ? 
c_angle_deg_prot        ?     ? ? ? 'X-RAY DIFFRACTION' ? 
c_dihedral_angle_d      18.0  ? ? ? 'X-RAY DIFFRACTION' ? 
c_dihedral_angle_d_na   ?     ? ? ? 'X-RAY DIFFRACTION' ? 
c_dihedral_angle_d_prot ?     ? ? ? 'X-RAY DIFFRACTION' ? 
c_improper_angle_d      1.59  ? ? ? 'X-RAY DIFFRACTION' ? 
c_improper_angle_d_na   ?     ? ? ? 'X-RAY DIFFRACTION' ? 
c_improper_angle_d_prot ?     ? ? ? 'X-RAY DIFFRACTION' ? 
c_mcbond_it             ?     ? ? ? 'X-RAY DIFFRACTION' ? 
c_mcangle_it            ?     ? ? ? 'X-RAY DIFFRACTION' ? 
c_scbond_it             ?     ? ? ? 'X-RAY DIFFRACTION' ? 
c_scangle_it            ?     ? ? ? 'X-RAY DIFFRACTION' ? 
# 
_refine_ls_shell.pdbx_total_number_of_bins_used   6 
_refine_ls_shell.d_res_high                       2.15 
_refine_ls_shell.d_res_low                        2.28 
_refine_ls_shell.number_reflns_R_work             1559 
_refine_ls_shell.R_factor_R_work                  0.366 
_refine_ls_shell.percent_reflns_obs               98.7 
_refine_ls_shell.R_factor_R_free                  0.376 
_refine_ls_shell.R_factor_R_free_error            0.032 
_refine_ls_shell.percent_reflns_R_free            8.1 
_refine_ls_shell.number_reflns_R_free             137 
_refine_ls_shell.redundancy_reflns_obs            ? 
_refine_ls_shell.number_reflns_all                ? 
_refine_ls_shell.number_reflns_obs                ? 
_refine_ls_shell.R_factor_all                     ? 
_refine_ls_shell.pdbx_refine_id                   'X-RAY DIFFRACTION' 
# 
loop_
_pdbx_xplor_file.serial_no 
_pdbx_xplor_file.param_file 
_pdbx_xplor_file.topol_file 
_pdbx_xplor_file.pdbx_refine_id 
1 water_rep.param   water_rep.top   'X-RAY DIFFRACTION' 
2 dna-rna_rep.param dna-rna_rep.top 'X-RAY DIFFRACTION' 
3 ion.param         ion.top         'X-RAY DIFFRACTION' 
4 cohex_rep.param   cohex_rep.top   'X-RAY DIFFRACTION' 
5 acetate.param     acetate.top     'X-RAY DIFFRACTION' 
# 
_struct.entry_id                  2B57 
_struct.title                     'Guanine Riboswitch C74U mutant bound to 2,6-diaminopurine' 
_struct.pdbx_model_details        ? 
_struct.pdbx_CASP_flag            ? 
_struct.pdbx_model_type_details   ? 
# 
_struct_keywords.entry_id        2B57 
_struct_keywords.pdbx_keywords   RNA 
_struct_keywords.text            'RNA-ligand complex, Double helix, base triples, base quadruples, mRNA, purine, RNA' 
# 
loop_
_struct_asym.id 
_struct_asym.pdbx_blank_PDB_chainid_flag 
_struct_asym.pdbx_modified 
_struct_asym.entity_id 
_struct_asym.details 
A N N 1 ? 
B N N 2 ? 
C N N 3 ? 
D N N 3 ? 
E N N 3 ? 
F N N 3 ? 
G N N 3 ? 
H N N 3 ? 
I N N 3 ? 
J N N 3 ? 
K N N 3 ? 
L N N 4 ? 
M N N 5 ? 
# 
_struct_ref.id                         1 
_struct_ref.db_name                    GB 
_struct_ref.db_code                    BACYACA 
_struct_ref.entity_id                  1 
_struct_ref.pdbx_seq_one_letter_code   CAUAUAAUCGCGUGGAUAUGGCACGCAAGUUUCUACCGGGCACCGUAAAUGUCCGACUAUGUC 
_struct_ref.pdbx_align_begin           1258 
_struct_ref.pdbx_db_accession          1256615 
_struct_ref.pdbx_db_isoform            ? 
# 
_struct_ref_seq.align_id                      1 
_struct_ref_seq.ref_id                        1 
_struct_ref_seq.pdbx_PDB_id_code              2B57 
_struct_ref_seq.pdbx_strand_id                A 
_struct_ref_seq.seq_align_beg                 3 
_struct_ref_seq.pdbx_seq_align_beg_ins_code   ? 
_struct_ref_seq.seq_align_end                 65 
_struct_ref_seq.pdbx_seq_align_end_ins_code   ? 
_struct_ref_seq.pdbx_db_accession             1256615 
_struct_ref_seq.db_align_beg                  1258 
_struct_ref_seq.pdbx_db_align_beg_ins_code    ? 
_struct_ref_seq.db_align_end                  1320 
_struct_ref_seq.pdbx_db_align_end_ins_code    ? 
_struct_ref_seq.pdbx_auth_seq_align_beg       18 
_struct_ref_seq.pdbx_auth_seq_align_end       80 
# 
loop_
_struct_ref_seq_dif.align_id 
_struct_ref_seq_dif.pdbx_pdb_id_code 
_struct_ref_seq_dif.mon_id 
_struct_ref_seq_dif.pdbx_pdb_strand_id 
_struct_ref_seq_dif.seq_num 
_struct_ref_seq_dif.pdbx_pdb_ins_code 
_struct_ref_seq_dif.pdbx_seq_db_name 
_struct_ref_seq_dif.pdbx_seq_db_accession_code 
_struct_ref_seq_dif.db_mon_id 
_struct_ref_seq_dif.pdbx_seq_db_seq_num 
_struct_ref_seq_dif.details 
_struct_ref_seq_dif.pdbx_auth_seq_num 
_struct_ref_seq_dif.pdbx_ordinal 
1 2B57 G A 1  ? GB 1256615 ? ?    'engineered mutation' 16 1 
1 2B57 A A 2  ? GB 1256615 ? ?    'engineered mutation' 17 2 
1 2B57 U A 59 ? GB 1256615 C 1314 'engineered mutation' 74 3 
# 
_pdbx_struct_assembly.id                   1 
_pdbx_struct_assembly.details              author_defined_assembly 
_pdbx_struct_assembly.method_details       ? 
_pdbx_struct_assembly.oligomeric_details   monomeric 
_pdbx_struct_assembly.oligomeric_count     1 
# 
_pdbx_struct_assembly_gen.assembly_id       1 
_pdbx_struct_assembly_gen.oper_expression   1 
_pdbx_struct_assembly_gen.asym_id_list      A,B,C,D,E,F,G,H,I,J,K,L,M 
# 
_pdbx_struct_oper_list.id                   1 
_pdbx_struct_oper_list.type                 'identity operation' 
_pdbx_struct_oper_list.name                 1_555 
_pdbx_struct_oper_list.symmetry_operation   x,y,z 
_pdbx_struct_oper_list.matrix[1][1]         1.0000000000 
_pdbx_struct_oper_list.matrix[1][2]         0.0000000000 
_pdbx_struct_oper_list.matrix[1][3]         0.0000000000 
_pdbx_struct_oper_list.vector[1]            0.0000000000 
_pdbx_struct_oper_list.matrix[2][1]         0.0000000000 
_pdbx_struct_oper_list.matrix[2][2]         1.0000000000 
_pdbx_struct_oper_list.matrix[2][3]         0.0000000000 
_pdbx_struct_oper_list.vector[2]            0.0000000000 
_pdbx_struct_oper_list.matrix[3][1]         0.0000000000 
_pdbx_struct_oper_list.matrix[3][2]         0.0000000000 
_pdbx_struct_oper_list.matrix[3][3]         1.0000000000 
_pdbx_struct_oper_list.vector[3]            0.0000000000 
# 
_struct_biol.id                    1 
_struct_biol.pdbx_parent_biol_id   ? 
_struct_biol.details               ? 
# 
loop_
_struct_conn.id 
_struct_conn.conn_type_id 
_struct_conn.pdbx_leaving_atom_flag 
_struct_conn.pdbx_PDB_id 
_struct_conn.ptnr1_label_asym_id 
_struct_conn.ptnr1_label_comp_id 
_struct_conn.ptnr1_label_seq_id 
_struct_conn.ptnr1_label_atom_id 
_struct_conn.pdbx_ptnr1_label_alt_id 
_struct_conn.pdbx_ptnr1_PDB_ins_code 
_struct_conn.pdbx_ptnr1_standard_comp_id 
_struct_conn.ptnr1_symmetry 
_struct_conn.ptnr2_label_asym_id 
_struct_conn.ptnr2_label_comp_id 
_struct_conn.ptnr2_label_seq_id 
_struct_conn.ptnr2_label_atom_id 
_struct_conn.pdbx_ptnr2_label_alt_id 
_struct_conn.pdbx_ptnr2_PDB_ins_code 
_struct_conn.ptnr1_auth_asym_id 
_struct_conn.ptnr1_auth_comp_id 
_struct_conn.ptnr1_auth_seq_id 
_struct_conn.ptnr2_auth_asym_id 
_struct_conn.ptnr2_auth_comp_id 
_struct_conn.ptnr2_auth_seq_id 
_struct_conn.ptnr2_symmetry 
_struct_conn.pdbx_ptnr3_label_atom_id 
_struct_conn.pdbx_ptnr3_label_seq_id 
_struct_conn.pdbx_ptnr3_label_comp_id 
_struct_conn.pdbx_ptnr3_label_asym_id 
_struct_conn.pdbx_ptnr3_label_alt_id 
_struct_conn.pdbx_ptnr3_PDB_ins_code 
_struct_conn.details 
_struct_conn.pdbx_dist_value 
_struct_conn.pdbx_value_order 
_struct_conn.pdbx_role 
hydrog1  hydrog ? ? A G 1  N1 ? ? ? 1_555 A C 65 N3 ? ? A G 16 A C 80 1_555 ? ? ? ? ? ? WATSON-CRICK         ? ? ? 
hydrog2  hydrog ? ? A G 1  N2 ? ? ? 1_555 A C 65 O2 ? ? A G 16 A C 80 1_555 ? ? ? ? ? ? WATSON-CRICK         ? ? ? 
hydrog3  hydrog ? ? A G 1  O6 ? ? ? 1_555 A C 65 N4 ? ? A G 16 A C 80 1_555 ? ? ? ? ? ? WATSON-CRICK         ? ? ? 
hydrog4  hydrog ? ? A A 2  N1 ? ? ? 1_555 A U 64 N3 ? ? A A 17 A U 79 1_555 ? ? ? ? ? ? WATSON-CRICK         ? ? ? 
hydrog5  hydrog ? ? A A 2  N6 ? ? ? 1_555 A U 64 O4 ? ? A A 17 A U 79 1_555 ? ? ? ? ? ? WATSON-CRICK         ? ? ? 
hydrog6  hydrog ? ? A C 3  N3 ? ? ? 1_555 A G 63 N1 ? ? A C 18 A G 78 1_555 ? ? ? ? ? ? WATSON-CRICK         ? ? ? 
hydrog7  hydrog ? ? A C 3  N4 ? ? ? 1_555 A G 63 O6 ? ? A C 18 A G 78 1_555 ? ? ? ? ? ? WATSON-CRICK         ? ? ? 
hydrog8  hydrog ? ? A C 3  O2 ? ? ? 1_555 A G 63 N2 ? ? A C 18 A G 78 1_555 ? ? ? ? ? ? WATSON-CRICK         ? ? ? 
hydrog9  hydrog ? ? A A 4  N1 ? ? ? 1_555 A U 62 N3 ? ? A A 19 A U 77 1_555 ? ? ? ? ? ? WATSON-CRICK         ? ? ? 
hydrog10 hydrog ? ? A A 4  N6 ? ? ? 1_555 A U 62 O4 ? ? A A 19 A U 77 1_555 ? ? ? ? ? ? WATSON-CRICK         ? ? ? 
hydrog11 hydrog ? ? A U 5  N3 ? ? ? 1_555 A A 61 N1 ? ? A U 20 A A 76 1_555 ? ? ? ? ? ? WATSON-CRICK         ? ? ? 
hydrog12 hydrog ? ? A U 5  O4 ? ? ? 1_555 A A 61 N6 ? ? A U 20 A A 76 1_555 ? ? ? ? ? ? WATSON-CRICK         ? ? ? 
hydrog13 hydrog ? ? A A 6  N1 ? ? ? 1_555 A U 60 N3 ? ? A A 21 A U 75 1_555 ? ? ? ? ? ? WATSON-CRICK         ? ? ? 
hydrog14 hydrog ? ? A A 6  N6 ? ? ? 1_555 A U 60 O4 ? ? A A 21 A U 75 1_555 ? ? ? ? ? ? WATSON-CRICK         ? ? ? 
hydrog15 hydrog ? ? A U 7  O4 ? ? ? 1_555 A G 31 N1 ? ? A U 22 A G 46 1_555 ? ? ? ? ? ? 'U-G MISPAIR'        ? ? ? 
hydrog16 hydrog ? ? A U 7  N3 ? ? ? 1_555 A A 37 N1 ? ? A U 22 A A 52 1_555 ? ? ? ? ? ? WATSON-CRICK         ? ? ? 
hydrog17 hydrog ? ? A U 7  O4 ? ? ? 1_555 A A 37 N6 ? ? A U 22 A A 52 1_555 ? ? ? ? ? ? WATSON-CRICK         ? ? ? 
hydrog18 hydrog ? ? A A 8  N1 ? ? ? 1_555 A G 31 N2 ? ? A A 23 A G 46 1_555 ? ? ? ? ? ? TYPE_10_PAIR         ? ? ? 
hydrog19 hydrog ? ? A A 8  N6 ? ? ? 1_555 A G 31 N3 ? ? A A 23 A G 46 1_555 ? ? ? ? ? ? TYPE_10_PAIR         ? ? ? 
hydrog20 hydrog ? ? A U 10 N3 ? ? ? 1_555 A A 30 N1 ? ? A U 25 A A 45 1_555 ? ? ? ? ? ? WATSON-CRICK         ? ? ? 
hydrog21 hydrog ? ? A U 10 O4 ? ? ? 1_555 A A 30 N6 ? ? A U 25 A A 45 1_555 ? ? ? ? ? ? WATSON-CRICK         ? ? ? 
hydrog22 hydrog ? ? A G 12 N1 ? ? ? 1_555 A C 28 N3 ? ? A G 27 A C 43 1_555 ? ? ? ? ? ? WATSON-CRICK         ? ? ? 
hydrog23 hydrog ? ? A G 12 N2 ? ? ? 1_555 A C 28 O2 ? ? A G 27 A C 43 1_555 ? ? ? ? ? ? WATSON-CRICK         ? ? ? 
hydrog24 hydrog ? ? A G 12 O6 ? ? ? 1_555 A C 28 N4 ? ? A G 27 A C 43 1_555 ? ? ? ? ? ? WATSON-CRICK         ? ? ? 
hydrog25 hydrog ? ? A C 13 N3 ? ? ? 1_555 A G 27 N1 ? ? A C 28 A G 42 1_555 ? ? ? ? ? ? WATSON-CRICK         ? ? ? 
hydrog26 hydrog ? ? A C 13 N4 ? ? ? 1_555 A G 27 O6 ? ? A C 28 A G 42 1_555 ? ? ? ? ? ? WATSON-CRICK         ? ? ? 
hydrog27 hydrog ? ? A C 13 O2 ? ? ? 1_555 A G 27 N2 ? ? A C 28 A G 42 1_555 ? ? ? ? ? ? WATSON-CRICK         ? ? ? 
hydrog28 hydrog ? ? A G 14 N1 ? ? ? 1_555 A C 26 N3 ? ? A G 29 A C 41 1_555 ? ? ? ? ? ? WATSON-CRICK         ? ? ? 
hydrog29 hydrog ? ? A G 14 N2 ? ? ? 1_555 A C 26 O2 ? ? A G 29 A C 41 1_555 ? ? ? ? ? ? WATSON-CRICK         ? ? ? 
hydrog30 hydrog ? ? A G 14 O6 ? ? ? 1_555 A C 26 N4 ? ? A G 29 A C 41 1_555 ? ? ? ? ? ? WATSON-CRICK         ? ? ? 
hydrog31 hydrog ? ? A U 15 N3 ? ? ? 1_555 A A 25 N1 ? ? A U 30 A A 40 1_555 ? ? ? ? ? ? WATSON-CRICK         ? ? ? 
hydrog32 hydrog ? ? A U 15 O4 ? ? ? 1_555 A A 25 N6 ? ? A U 30 A A 40 1_555 ? ? ? ? ? ? WATSON-CRICK         ? ? ? 
hydrog33 hydrog ? ? A G 16 N1 ? ? ? 1_555 A C 24 N3 ? ? A G 31 A C 39 1_555 ? ? ? ? ? ? WATSON-CRICK         ? ? ? 
hydrog34 hydrog ? ? A G 16 N2 ? ? ? 1_555 A C 24 O2 ? ? A G 31 A C 39 1_555 ? ? ? ? ? ? WATSON-CRICK         ? ? ? 
hydrog35 hydrog ? ? A G 16 O6 ? ? ? 1_555 A C 24 N4 ? ? A G 31 A C 39 1_555 ? ? ? ? ? ? WATSON-CRICK         ? ? ? 
hydrog36 hydrog ? ? A A 18 N1 ? ? ? 1_555 A A 51 N6 ? ? A A 33 A A 66 1_555 ? ? ? ? ? ? TYPE_5_PAIR          ? ? ? 
hydrog37 hydrog ? ? A A 18 N6 ? ? ? 1_555 A A 51 N7 ? ? A A 33 A A 66 1_555 ? ? ? ? ? ? TYPE_5_PAIR          ? ? ? 
hydrog38 hydrog ? ? A U 19 N3 ? ? ? 1_555 A A 50 N7 ? ? A U 34 A A 65 1_555 ? ? ? ? ? ? 'REVERSED HOOGSTEEN' ? ? ? 
hydrog39 hydrog ? ? A U 19 O2 ? ? ? 1_555 A A 50 N6 ? ? A U 34 A A 65 1_555 ? ? ? ? ? ? 'REVERSED HOOGSTEEN' ? ? ? 
hydrog40 hydrog ? ? A A 20 N6 ? ? ? 1_555 A A 49 N1 ? ? A A 35 A A 64 1_555 ? ? ? ? ? ? TYPE_5_PAIR          ? ? ? 
hydrog41 hydrog ? ? A A 20 N7 ? ? ? 1_555 A A 49 N6 ? ? A A 35 A A 64 1_555 ? ? ? ? ? ? TYPE_5_PAIR          ? ? ? 
hydrog42 hydrog ? ? A G 22 N1 ? ? ? 1_555 A C 46 N3 ? ? A G 37 A C 61 1_555 ? ? ? ? ? ? WATSON-CRICK         ? ? ? 
hydrog43 hydrog ? ? A G 22 N2 ? ? ? 1_555 A C 46 O2 ? ? A G 37 A C 61 1_555 ? ? ? ? ? ? WATSON-CRICK         ? ? ? 
hydrog44 hydrog ? ? A G 22 O6 ? ? ? 1_555 A C 46 N4 ? ? A G 37 A C 61 1_555 ? ? ? ? ? ? WATSON-CRICK         ? ? ? 
hydrog45 hydrog ? ? A G 23 N1 ? ? ? 1_555 A C 45 N3 ? ? A G 38 A C 60 1_555 ? ? ? ? ? ? WATSON-CRICK         ? ? ? 
hydrog46 hydrog ? ? A G 23 N2 ? ? ? 1_555 A C 45 O2 ? ? A G 38 A C 60 1_555 ? ? ? ? ? ? WATSON-CRICK         ? ? ? 
hydrog47 hydrog ? ? A G 23 O6 ? ? ? 1_555 A C 45 N4 ? ? A G 38 A C 60 1_555 ? ? ? ? ? ? WATSON-CRICK         ? ? ? 
hydrog48 hydrog ? ? A G 23 N2 ? ? ? 1_555 A A 51 N1 ? ? A G 38 A A 66 1_555 ? ? ? ? ? ? TYPE_10_PAIR         ? ? ? 
hydrog49 hydrog ? ? A G 23 N3 ? ? ? 1_555 A A 51 N6 ? ? A G 38 A A 66 1_555 ? ? ? ? ? ? TYPE_10_PAIR         ? ? ? 
hydrog50 hydrog ? ? A G 31 N1 ? ? ? 1_555 A C 38 N3 ? ? A G 46 A C 53 1_555 ? ? ? ? ? ? WATSON-CRICK         ? ? ? 
hydrog51 hydrog ? ? A G 31 N2 ? ? ? 1_555 A C 38 O2 ? ? A G 46 A C 53 1_555 ? ? ? ? ? ? WATSON-CRICK         ? ? ? 
hydrog52 hydrog ? ? A G 31 O6 ? ? ? 1_555 A C 38 N4 ? ? A G 46 A C 53 1_555 ? ? ? ? ? ? WATSON-CRICK         ? ? ? 
hydrog53 hydrog ? ? A U 32 N3 ? ? ? 1_555 A U 36 O4 ? ? A U 47 A U 51 1_555 ? ? ? ? ? ? 'U-U MISPAIR'        ? ? ? 
hydrog54 hydrog ? ? A U 34 N3 ? ? ? 1_555 A A 61 N3 ? ? A U 49 A A 76 1_555 ? ? ? ? ? ? 'U-A PAIR'           ? ? ? 
hydrog55 hydrog ? ? A C 35 N4 ? ? ? 1_555 A U 60 O2 ? ? A C 50 A U 75 1_555 ? ? ? ? ? ? 'C-U MISPAIR'        ? ? ? 
hydrog56 hydrog ? ? A C 39 N3 ? ? ? 1_555 A G 57 N1 ? ? A C 54 A G 72 1_555 ? ? ? ? ? ? WATSON-CRICK         ? ? ? 
hydrog57 hydrog ? ? A C 39 N4 ? ? ? 1_555 A G 57 O6 ? ? A C 54 A G 72 1_555 ? ? ? ? ? ? WATSON-CRICK         ? ? ? 
hydrog58 hydrog ? ? A C 39 O2 ? ? ? 1_555 A G 57 N2 ? ? A C 54 A G 72 1_555 ? ? ? ? ? ? WATSON-CRICK         ? ? ? 
hydrog59 hydrog ? ? A G 40 N1 ? ? ? 1_555 A C 56 N3 ? ? A G 55 A C 71 1_555 ? ? ? ? ? ? WATSON-CRICK         ? ? ? 
hydrog60 hydrog ? ? A G 40 N2 ? ? ? 1_555 A C 56 O2 ? ? A G 55 A C 71 1_555 ? ? ? ? ? ? WATSON-CRICK         ? ? ? 
hydrog61 hydrog ? ? A G 40 O6 ? ? ? 1_555 A C 56 N4 ? ? A G 55 A C 71 1_555 ? ? ? ? ? ? WATSON-CRICK         ? ? ? 
hydrog62 hydrog ? ? A G 41 N1 ? ? ? 1_555 A C 55 N3 ? ? A G 56 A C 70 1_555 ? ? ? ? ? ? WATSON-CRICK         ? ? ? 
hydrog63 hydrog ? ? A G 41 N2 ? ? ? 1_555 A C 55 O2 ? ? A G 56 A C 70 1_555 ? ? ? ? ? ? WATSON-CRICK         ? ? ? 
hydrog64 hydrog ? ? A G 41 O6 ? ? ? 1_555 A C 55 N4 ? ? A G 56 A C 70 1_555 ? ? ? ? ? ? WATSON-CRICK         ? ? ? 
hydrog65 hydrog ? ? A G 42 N1 ? ? ? 1_555 A U 54 O2 ? ? A G 57 A U 69 1_555 ? ? ? ? ? ? TYPE_28_PAIR         ? ? ? 
hydrog66 hydrog ? ? A G 42 O6 ? ? ? 1_555 A U 54 N3 ? ? A G 57 A U 69 1_555 ? ? ? ? ? ? TYPE_28_PAIR         ? ? ? 
hydrog67 hydrog ? ? A C 43 N3 ? ? ? 1_555 A G 53 N1 ? ? A C 58 A G 68 1_555 ? ? ? ? ? ? WATSON-CRICK         ? ? ? 
hydrog68 hydrog ? ? A C 43 N4 ? ? ? 1_555 A G 53 O6 ? ? A C 58 A G 68 1_555 ? ? ? ? ? ? WATSON-CRICK         ? ? ? 
hydrog69 hydrog ? ? A C 43 O2 ? ? ? 1_555 A G 53 N2 ? ? A C 58 A G 68 1_555 ? ? ? ? ? ? WATSON-CRICK         ? ? ? 
hydrog70 hydrog ? ? A A 44 N1 ? ? ? 1_555 A U 52 N3 ? ? A A 59 A U 67 1_555 ? ? ? ? ? ? WATSON-CRICK         ? ? ? 
hydrog71 hydrog ? ? A A 44 N6 ? ? ? 1_555 A U 52 O4 ? ? A A 59 A U 67 1_555 ? ? ? ? ? ? WATSON-CRICK         ? ? ? 
hydrog72 hydrog ? ? A C 46 O2 ? ? ? 1_555 A A 50 N6 ? ? A C 61 A A 65 1_555 ? ? ? ? ? ? 'C-A MISPAIR'        ? ? ? 
hydrog73 hydrog ? ? A G 47 N2 ? ? ? 1_555 A U 48 O4 ? ? A G 62 A U 63 1_555 ? ? ? ? ? ? 'G-U MISPAIR'        ? ? ? 
# 
_struct_conn_type.id          hydrog 
_struct_conn_type.criteria    ? 
_struct_conn_type.reference   ? 
# 
loop_
_struct_site.id 
_struct_site.pdbx_evidence_code 
_struct_site.pdbx_auth_asym_id 
_struct_site.pdbx_auth_comp_id 
_struct_site.pdbx_auth_seq_id 
_struct_site.pdbx_auth_ins_code 
_struct_site.pdbx_num_residues 
_struct_site.details 
AC1 Software A ACT 92  ? 6  'BINDING SITE FOR RESIDUE ACT A 92'  
AC2 Software A NCO 101 ? 5  'BINDING SITE FOR RESIDUE NCO A 101' 
AC3 Software A NCO 102 ? 13 'BINDING SITE FOR RESIDUE NCO A 102' 
AC4 Software A NCO 103 ? 12 'BINDING SITE FOR RESIDUE NCO A 103' 
AC5 Software A NCO 104 ? 9  'BINDING SITE FOR RESIDUE NCO A 104' 
AC6 Software A NCO 105 ? 4  'BINDING SITE FOR RESIDUE NCO A 105' 
AC7 Software A NCO 107 ? 7  'BINDING SITE FOR RESIDUE NCO A 107' 
AC8 Software A NCO 108 ? 6  'BINDING SITE FOR RESIDUE NCO A 108' 
AC9 Software A NCO 109 ? 5  'BINDING SITE FOR RESIDUE NCO A 109' 
BC1 Software A NCO 112 ? 6  'BINDING SITE FOR RESIDUE NCO A 112' 
BC2 Software A 6AP 91  ? 9  'BINDING SITE FOR RESIDUE 6AP A 91'  
# 
loop_
_struct_site_gen.id 
_struct_site_gen.site_id 
_struct_site_gen.pdbx_num_res 
_struct_site_gen.label_comp_id 
_struct_site_gen.label_asym_id 
_struct_site_gen.label_seq_id 
_struct_site_gen.pdbx_auth_ins_code 
_struct_site_gen.auth_comp_id 
_struct_site_gen.auth_asym_id 
_struct_site_gen.auth_seq_id 
_struct_site_gen.label_atom_id 
_struct_site_gen.label_alt_id 
_struct_site_gen.symmetry 
_struct_site_gen.details 
1  AC1 6  G   A 17 ? G   A 32  . ? 1_555 ? 
2  AC1 6  A   A 18 ? A   A 33  . ? 1_555 ? 
3  AC1 6  G   A 23 ? G   A 38  . ? 1_555 ? 
4  AC1 6  C   A 24 ? C   A 39  . ? 1_555 ? 
5  AC1 6  U   A 52 ? U   A 67  . ? 1_555 ? 
6  AC1 6  HOH M .  ? HOH A 432 . ? 1_555 ? 
7  AC2 5  G   A 14 ? G   A 29  . ? 4_455 ? 
8  AC2 5  U   A 15 ? U   A 30  . ? 4_455 ? 
9  AC2 5  A   A 51 ? A   A 66  . ? 1_555 ? 
10 AC2 5  U   A 52 ? U   A 67  . ? 1_555 ? 
11 AC2 5  HOH M .  ? HOH A 363 . ? 1_555 ? 
12 AC3 13 G   A 23 ? G   A 38  . ? 1_555 ? 
13 AC3 13 C   A 24 ? C   A 39  . ? 1_555 ? 
14 AC3 13 G   A 41 ? G   A 56  . ? 1_555 ? 
15 AC3 13 G   A 42 ? G   A 57  . ? 4_446 ? 
16 AC3 13 C   A 43 ? C   A 58  . ? 4_446 ? 
17 AC3 13 HOH M .  ? HOH A 317 . ? 1_555 ? 
18 AC3 13 HOH M .  ? HOH A 400 . ? 1_555 ? 
19 AC3 13 HOH M .  ? HOH A 403 . ? 1_555 ? 
20 AC3 13 HOH M .  ? HOH A 412 . ? 4_456 ? 
21 AC3 13 HOH M .  ? HOH A 418 . ? 1_555 ? 
22 AC3 13 HOH M .  ? HOH A 442 . ? 1_555 ? 
23 AC3 13 HOH M .  ? HOH A 445 . ? 1_555 ? 
24 AC3 13 HOH M .  ? HOH A 453 . ? 1_555 ? 
25 AC4 12 C   A 24 ? C   A 39  . ? 1_555 ? 
26 AC4 12 G   A 40 ? G   A 55  . ? 1_555 ? 
27 AC4 12 G   A 41 ? G   A 56  . ? 1_555 ? 
28 AC4 12 G   A 42 ? G   A 57  . ? 1_555 ? 
29 AC4 12 G   A 53 ? G   A 68  . ? 1_555 ? 
30 AC4 12 U   A 54 ? U   A 69  . ? 1_555 ? 
31 AC4 12 HOH M .  ? HOH A 329 . ? 1_555 ? 
32 AC4 12 HOH M .  ? HOH A 335 . ? 1_555 ? 
33 AC4 12 HOH M .  ? HOH A 349 . ? 1_555 ? 
34 AC4 12 HOH M .  ? HOH A 360 . ? 1_555 ? 
35 AC4 12 HOH M .  ? HOH A 467 . ? 1_555 ? 
36 AC4 12 HOH M .  ? HOH A 481 . ? 1_555 ? 
37 AC5 9  U   A 15 ? U   A 30  . ? 1_555 ? 
38 AC5 9  G   A 16 ? G   A 31  . ? 1_555 ? 
39 AC5 9  G   A 17 ? G   A 32  . ? 1_555 ? 
40 AC5 9  A   A 50 ? A   A 65  . ? 1_555 ? 
41 AC5 9  A   A 51 ? A   A 66  . ? 1_555 ? 
42 AC5 9  HOH M .  ? HOH A 304 . ? 1_555 ? 
43 AC5 9  HOH M .  ? HOH A 318 . ? 1_555 ? 
44 AC5 9  HOH M .  ? HOH A 333 . ? 1_555 ? 
45 AC5 9  HOH M .  ? HOH A 432 . ? 1_555 ? 
46 AC6 4  G   A 22 ? G   A 37  . ? 1_555 ? 
47 AC6 4  G   A 23 ? G   A 38  . ? 1_555 ? 
48 AC6 4  C   A 43 ? C   A 58  . ? 1_555 ? 
49 AC6 4  HOH M .  ? HOH A 331 . ? 1_555 ? 
50 AC7 7  C   A 26 ? C   A 41  . ? 1_555 ? 
51 AC7 7  G   A 27 ? G   A 42  . ? 1_555 ? 
52 AC7 7  C   A 38 ? C   A 53  . ? 1_555 ? 
53 AC7 7  C   A 39 ? C   A 54  . ? 1_555 ? 
54 AC7 7  HOH M .  ? HOH A 384 . ? 1_555 ? 
55 AC7 7  HOH M .  ? HOH A 474 . ? 1_555 ? 
56 AC7 7  HOH M .  ? HOH A 476 . ? 4_446 ? 
57 AC8 6  G   A 31 ? G   A 46  . ? 1_555 ? 
58 AC8 6  U   A 32 ? U   A 47  . ? 1_555 ? 
59 AC8 6  C   A 35 ? C   A 50  . ? 1_555 ? 
60 AC8 6  U   A 36 ? U   A 51  . ? 1_555 ? 
61 AC8 6  HOH M .  ? HOH A 411 . ? 1_555 ? 
62 AC8 6  HOH M .  ? HOH A 471 . ? 1_555 ? 
63 AC9 5  A   A 8  ? A   A 23  . ? 1_555 ? 
64 AC9 5  A   A 9  ? A   A 24  . ? 1_555 ? 
65 AC9 5  C   A 56 ? C   A 71  . ? 1_555 ? 
66 AC9 5  HOH M .  ? HOH A 301 . ? 1_555 ? 
67 AC9 5  HOH M .  ? HOH A 368 . ? 1_555 ? 
68 BC1 6  U   A 21 ? U   A 36  . ? 4_456 ? 
69 BC1 6  G   A 27 ? G   A 42  . ? 1_565 ? 
70 BC1 6  C   A 28 ? C   A 43  . ? 1_565 ? 
71 BC1 6  G   A 57 ? G   A 72  . ? 1_555 ? 
72 BC1 6  A   A 58 ? A   A 73  . ? 1_555 ? 
73 BC1 6  HOH M .  ? HOH A 422 . ? 1_555 ? 
74 BC2 9  A   A 6  ? A   A 21  . ? 1_555 ? 
75 BC2 9  U   A 7  ? U   A 22  . ? 1_555 ? 
76 BC2 9  U   A 32 ? U   A 47  . ? 1_555 ? 
77 BC2 9  U   A 36 ? U   A 51  . ? 1_555 ? 
78 BC2 9  A   A 37 ? A   A 52  . ? 1_555 ? 
79 BC2 9  A   A 58 ? A   A 73  . ? 1_555 ? 
80 BC2 9  U   A 59 ? U   A 74  . ? 1_555 ? 
81 BC2 9  U   A 60 ? U   A 75  . ? 1_555 ? 
82 BC2 9  HOH M .  ? HOH A 332 . ? 1_555 ? 
# 
_pdbx_validate_rmsd_angle.id                         1 
_pdbx_validate_rmsd_angle.PDB_model_num              1 
_pdbx_validate_rmsd_angle.auth_atom_id_1             N9 
_pdbx_validate_rmsd_angle.auth_asym_id_1             A 
_pdbx_validate_rmsd_angle.auth_comp_id_1             A 
_pdbx_validate_rmsd_angle.auth_seq_id_1              65 
_pdbx_validate_rmsd_angle.PDB_ins_code_1             ? 
_pdbx_validate_rmsd_angle.label_alt_id_1             ? 
_pdbx_validate_rmsd_angle.auth_atom_id_2             "C1'" 
_pdbx_validate_rmsd_angle.auth_asym_id_2             A 
_pdbx_validate_rmsd_angle.auth_comp_id_2             A 
_pdbx_validate_rmsd_angle.auth_seq_id_2              65 
_pdbx_validate_rmsd_angle.PDB_ins_code_2             ? 
_pdbx_validate_rmsd_angle.label_alt_id_2             ? 
_pdbx_validate_rmsd_angle.auth_atom_id_3             "C2'" 
_pdbx_validate_rmsd_angle.auth_asym_id_3             A 
_pdbx_validate_rmsd_angle.auth_comp_id_3             A 
_pdbx_validate_rmsd_angle.auth_seq_id_3              65 
_pdbx_validate_rmsd_angle.PDB_ins_code_3             ? 
_pdbx_validate_rmsd_angle.label_alt_id_3             ? 
_pdbx_validate_rmsd_angle.angle_value                123.10 
_pdbx_validate_rmsd_angle.angle_target_value         114.00 
_pdbx_validate_rmsd_angle.angle_deviation            9.10 
_pdbx_validate_rmsd_angle.angle_standard_deviation   1.30 
_pdbx_validate_rmsd_angle.linker_flag                N 
# 
loop_
_pdbx_validate_planes.id 
_pdbx_validate_planes.PDB_model_num 
_pdbx_validate_planes.auth_comp_id 
_pdbx_validate_planes.auth_asym_id 
_pdbx_validate_planes.auth_seq_id 
_pdbx_validate_planes.PDB_ins_code 
_pdbx_validate_planes.label_alt_id 
_pdbx_validate_planes.rmsd 
_pdbx_validate_planes.type 
1 1 C A 28 ? ? 0.071 'SIDE CHAIN' 
2 1 U A 34 ? ? 0.071 'SIDE CHAIN' 
# 
loop_
_chem_comp_atom.comp_id 
_chem_comp_atom.atom_id 
_chem_comp_atom.type_symbol 
_chem_comp_atom.pdbx_aromatic_flag 
_chem_comp_atom.pdbx_stereo_config 
_chem_comp_atom.pdbx_ordinal 
6AP N9     N  Y N 1   
6AP C8     C  Y N 2   
6AP N7     N  Y N 3   
6AP C5     C  Y N 4   
6AP C4     C  Y N 5   
6AP N3     N  Y N 6   
6AP C2     C  Y N 7   
6AP N2     N  N N 8   
6AP N1     N  Y N 9   
6AP C6     C  Y N 10  
6AP N6     N  N N 11  
6AP HN9    H  N N 12  
6AP H8     H  N N 13  
6AP HN21   H  N N 14  
6AP HN22   H  N N 15  
6AP HN61   H  N N 16  
6AP HN62   H  N N 17  
A   OP3    O  N N 18  
A   P      P  N N 19  
A   OP1    O  N N 20  
A   OP2    O  N N 21  
A   "O5'"  O  N N 22  
A   "C5'"  C  N N 23  
A   "C4'"  C  N R 24  
A   "O4'"  O  N N 25  
A   "C3'"  C  N S 26  
A   "O3'"  O  N N 27  
A   "C2'"  C  N R 28  
A   "O2'"  O  N N 29  
A   "C1'"  C  N R 30  
A   N9     N  Y N 31  
A   C8     C  Y N 32  
A   N7     N  Y N 33  
A   C5     C  Y N 34  
A   C6     C  Y N 35  
A   N6     N  N N 36  
A   N1     N  Y N 37  
A   C2     C  Y N 38  
A   N3     N  Y N 39  
A   C4     C  Y N 40  
A   HOP3   H  N N 41  
A   HOP2   H  N N 42  
A   "H5'"  H  N N 43  
A   "H5''" H  N N 44  
A   "H4'"  H  N N 45  
A   "H3'"  H  N N 46  
A   "HO3'" H  N N 47  
A   "H2'"  H  N N 48  
A   "HO2'" H  N N 49  
A   "H1'"  H  N N 50  
A   H8     H  N N 51  
A   H61    H  N N 52  
A   H62    H  N N 53  
A   H2     H  N N 54  
ACT C      C  N N 55  
ACT O      O  N N 56  
ACT OXT    O  N N 57  
ACT CH3    C  N N 58  
ACT H1     H  N N 59  
ACT H2     H  N N 60  
ACT H3     H  N N 61  
C   OP3    O  N N 62  
C   P      P  N N 63  
C   OP1    O  N N 64  
C   OP2    O  N N 65  
C   "O5'"  O  N N 66  
C   "C5'"  C  N N 67  
C   "C4'"  C  N R 68  
C   "O4'"  O  N N 69  
C   "C3'"  C  N S 70  
C   "O3'"  O  N N 71  
C   "C2'"  C  N R 72  
C   "O2'"  O  N N 73  
C   "C1'"  C  N R 74  
C   N1     N  N N 75  
C   C2     C  N N 76  
C   O2     O  N N 77  
C   N3     N  N N 78  
C   C4     C  N N 79  
C   N4     N  N N 80  
C   C5     C  N N 81  
C   C6     C  N N 82  
C   HOP3   H  N N 83  
C   HOP2   H  N N 84  
C   "H5'"  H  N N 85  
C   "H5''" H  N N 86  
C   "H4'"  H  N N 87  
C   "H3'"  H  N N 88  
C   "HO3'" H  N N 89  
C   "H2'"  H  N N 90  
C   "HO2'" H  N N 91  
C   "H1'"  H  N N 92  
C   H41    H  N N 93  
C   H42    H  N N 94  
C   H5     H  N N 95  
C   H6     H  N N 96  
G   OP3    O  N N 97  
G   P      P  N N 98  
G   OP1    O  N N 99  
G   OP2    O  N N 100 
G   "O5'"  O  N N 101 
G   "C5'"  C  N N 102 
G   "C4'"  C  N R 103 
G   "O4'"  O  N N 104 
G   "C3'"  C  N S 105 
G   "O3'"  O  N N 106 
G   "C2'"  C  N R 107 
G   "O2'"  O  N N 108 
G   "C1'"  C  N R 109 
G   N9     N  Y N 110 
G   C8     C  Y N 111 
G   N7     N  Y N 112 
G   C5     C  Y N 113 
G   C6     C  N N 114 
G   O6     O  N N 115 
G   N1     N  N N 116 
G   C2     C  N N 117 
G   N2     N  N N 118 
G   N3     N  N N 119 
G   C4     C  Y N 120 
G   HOP3   H  N N 121 
G   HOP2   H  N N 122 
G   "H5'"  H  N N 123 
G   "H5''" H  N N 124 
G   "H4'"  H  N N 125 
G   "H3'"  H  N N 126 
G   "HO3'" H  N N 127 
G   "H2'"  H  N N 128 
G   "HO2'" H  N N 129 
G   "H1'"  H  N N 130 
G   H8     H  N N 131 
G   H1     H  N N 132 
G   H21    H  N N 133 
G   H22    H  N N 134 
HOH O      O  N N 135 
HOH H1     H  N N 136 
HOH H2     H  N N 137 
NCO CO     CO N N 138 
NCO N1     N  N N 139 
NCO N2     N  N N 140 
NCO N3     N  N N 141 
NCO N4     N  N N 142 
NCO N5     N  N N 143 
NCO N6     N  N N 144 
NCO HN11   H  N N 145 
NCO HN12   H  N N 146 
NCO HN13   H  N N 147 
NCO HN21   H  N N 148 
NCO HN22   H  N N 149 
NCO HN23   H  N N 150 
NCO HN31   H  N N 151 
NCO HN32   H  N N 152 
NCO HN33   H  N N 153 
NCO HN41   H  N N 154 
NCO HN42   H  N N 155 
NCO HN43   H  N N 156 
NCO HN51   H  N N 157 
NCO HN52   H  N N 158 
NCO HN53   H  N N 159 
NCO HN61   H  N N 160 
NCO HN62   H  N N 161 
NCO HN63   H  N N 162 
U   OP3    O  N N 163 
U   P      P  N N 164 
U   OP1    O  N N 165 
U   OP2    O  N N 166 
U   "O5'"  O  N N 167 
U   "C5'"  C  N N 168 
U   "C4'"  C  N R 169 
U   "O4'"  O  N N 170 
U   "C3'"  C  N S 171 
U   "O3'"  O  N N 172 
U   "C2'"  C  N R 173 
U   "O2'"  O  N N 174 
U   "C1'"  C  N R 175 
U   N1     N  N N 176 
U   C2     C  N N 177 
U   O2     O  N N 178 
U   N3     N  N N 179 
U   C4     C  N N 180 
U   O4     O  N N 181 
U   C5     C  N N 182 
U   C6     C  N N 183 
U   HOP3   H  N N 184 
U   HOP2   H  N N 185 
U   "H5'"  H  N N 186 
U   "H5''" H  N N 187 
U   "H4'"  H  N N 188 
U   "H3'"  H  N N 189 
U   "HO3'" H  N N 190 
U   "H2'"  H  N N 191 
U   "HO2'" H  N N 192 
U   "H1'"  H  N N 193 
U   H3     H  N N 194 
U   H5     H  N N 195 
U   H6     H  N N 196 
# 
loop_
_chem_comp_bond.comp_id 
_chem_comp_bond.atom_id_1 
_chem_comp_bond.atom_id_2 
_chem_comp_bond.value_order 
_chem_comp_bond.pdbx_aromatic_flag 
_chem_comp_bond.pdbx_stereo_config 
_chem_comp_bond.pdbx_ordinal 
6AP N9    C8     sing Y N 1   
6AP N9    C4     sing Y N 2   
6AP N9    HN9    sing N N 3   
6AP C8    N7     doub Y N 4   
6AP C8    H8     sing N N 5   
6AP N7    C5     sing Y N 6   
6AP C5    C4     sing Y N 7   
6AP C5    C6     doub Y N 8   
6AP C4    N3     doub Y N 9   
6AP N3    C2     sing Y N 10  
6AP C2    N2     sing N N 11  
6AP C2    N1     doub Y N 12  
6AP N2    HN21   sing N N 13  
6AP N2    HN22   sing N N 14  
6AP N1    C6     sing Y N 15  
6AP C6    N6     sing N N 16  
6AP N6    HN61   sing N N 17  
6AP N6    HN62   sing N N 18  
A   OP3   P      sing N N 19  
A   OP3   HOP3   sing N N 20  
A   P     OP1    doub N N 21  
A   P     OP2    sing N N 22  
A   P     "O5'"  sing N N 23  
A   OP2   HOP2   sing N N 24  
A   "O5'" "C5'"  sing N N 25  
A   "C5'" "C4'"  sing N N 26  
A   "C5'" "H5'"  sing N N 27  
A   "C5'" "H5''" sing N N 28  
A   "C4'" "O4'"  sing N N 29  
A   "C4'" "C3'"  sing N N 30  
A   "C4'" "H4'"  sing N N 31  
A   "O4'" "C1'"  sing N N 32  
A   "C3'" "O3'"  sing N N 33  
A   "C3'" "C2'"  sing N N 34  
A   "C3'" "H3'"  sing N N 35  
A   "O3'" "HO3'" sing N N 36  
A   "C2'" "O2'"  sing N N 37  
A   "C2'" "C1'"  sing N N 38  
A   "C2'" "H2'"  sing N N 39  
A   "O2'" "HO2'" sing N N 40  
A   "C1'" N9     sing N N 41  
A   "C1'" "H1'"  sing N N 42  
A   N9    C8     sing Y N 43  
A   N9    C4     sing Y N 44  
A   C8    N7     doub Y N 45  
A   C8    H8     sing N N 46  
A   N7    C5     sing Y N 47  
A   C5    C6     sing Y N 48  
A   C5    C4     doub Y N 49  
A   C6    N6     sing N N 50  
A   C6    N1     doub Y N 51  
A   N6    H61    sing N N 52  
A   N6    H62    sing N N 53  
A   N1    C2     sing Y N 54  
A   C2    N3     doub Y N 55  
A   C2    H2     sing N N 56  
A   N3    C4     sing Y N 57  
ACT C     O      doub N N 58  
ACT C     OXT    sing N N 59  
ACT C     CH3    sing N N 60  
ACT CH3   H1     sing N N 61  
ACT CH3   H2     sing N N 62  
ACT CH3   H3     sing N N 63  
C   OP3   P      sing N N 64  
C   OP3   HOP3   sing N N 65  
C   P     OP1    doub N N 66  
C   P     OP2    sing N N 67  
C   P     "O5'"  sing N N 68  
C   OP2   HOP2   sing N N 69  
C   "O5'" "C5'"  sing N N 70  
C   "C5'" "C4'"  sing N N 71  
C   "C5'" "H5'"  sing N N 72  
C   "C5'" "H5''" sing N N 73  
C   "C4'" "O4'"  sing N N 74  
C   "C4'" "C3'"  sing N N 75  
C   "C4'" "H4'"  sing N N 76  
C   "O4'" "C1'"  sing N N 77  
C   "C3'" "O3'"  sing N N 78  
C   "C3'" "C2'"  sing N N 79  
C   "C3'" "H3'"  sing N N 80  
C   "O3'" "HO3'" sing N N 81  
C   "C2'" "O2'"  sing N N 82  
C   "C2'" "C1'"  sing N N 83  
C   "C2'" "H2'"  sing N N 84  
C   "O2'" "HO2'" sing N N 85  
C   "C1'" N1     sing N N 86  
C   "C1'" "H1'"  sing N N 87  
C   N1    C2     sing N N 88  
C   N1    C6     sing N N 89  
C   C2    O2     doub N N 90  
C   C2    N3     sing N N 91  
C   N3    C4     doub N N 92  
C   C4    N4     sing N N 93  
C   C4    C5     sing N N 94  
C   N4    H41    sing N N 95  
C   N4    H42    sing N N 96  
C   C5    C6     doub N N 97  
C   C5    H5     sing N N 98  
C   C6    H6     sing N N 99  
G   OP3   P      sing N N 100 
G   OP3   HOP3   sing N N 101 
G   P     OP1    doub N N 102 
G   P     OP2    sing N N 103 
G   P     "O5'"  sing N N 104 
G   OP2   HOP2   sing N N 105 
G   "O5'" "C5'"  sing N N 106 
G   "C5'" "C4'"  sing N N 107 
G   "C5'" "H5'"  sing N N 108 
G   "C5'" "H5''" sing N N 109 
G   "C4'" "O4'"  sing N N 110 
G   "C4'" "C3'"  sing N N 111 
G   "C4'" "H4'"  sing N N 112 
G   "O4'" "C1'"  sing N N 113 
G   "C3'" "O3'"  sing N N 114 
G   "C3'" "C2'"  sing N N 115 
G   "C3'" "H3'"  sing N N 116 
G   "O3'" "HO3'" sing N N 117 
G   "C2'" "O2'"  sing N N 118 
G   "C2'" "C1'"  sing N N 119 
G   "C2'" "H2'"  sing N N 120 
G   "O2'" "HO2'" sing N N 121 
G   "C1'" N9     sing N N 122 
G   "C1'" "H1'"  sing N N 123 
G   N9    C8     sing Y N 124 
G   N9    C4     sing Y N 125 
G   C8    N7     doub Y N 126 
G   C8    H8     sing N N 127 
G   N7    C5     sing Y N 128 
G   C5    C6     sing N N 129 
G   C5    C4     doub Y N 130 
G   C6    O6     doub N N 131 
G   C6    N1     sing N N 132 
G   N1    C2     sing N N 133 
G   N1    H1     sing N N 134 
G   C2    N2     sing N N 135 
G   C2    N3     doub N N 136 
G   N2    H21    sing N N 137 
G   N2    H22    sing N N 138 
G   N3    C4     sing N N 139 
HOH O     H1     sing N N 140 
HOH O     H2     sing N N 141 
NCO CO    N1     sing N N 142 
NCO CO    N2     sing N N 143 
NCO CO    N3     sing N N 144 
NCO CO    N4     sing N N 145 
NCO CO    N5     sing N N 146 
NCO CO    N6     sing N N 147 
NCO N1    HN11   sing N N 148 
NCO N1    HN12   sing N N 149 
NCO N1    HN13   sing N N 150 
NCO N2    HN21   sing N N 151 
NCO N2    HN22   sing N N 152 
NCO N2    HN23   sing N N 153 
NCO N3    HN31   sing N N 154 
NCO N3    HN32   sing N N 155 
NCO N3    HN33   sing N N 156 
NCO N4    HN41   sing N N 157 
NCO N4    HN42   sing N N 158 
NCO N4    HN43   sing N N 159 
NCO N5    HN51   sing N N 160 
NCO N5    HN52   sing N N 161 
NCO N5    HN53   sing N N 162 
NCO N6    HN61   sing N N 163 
NCO N6    HN62   sing N N 164 
NCO N6    HN63   sing N N 165 
U   OP3   P      sing N N 166 
U   OP3   HOP3   sing N N 167 
U   P     OP1    doub N N 168 
U   P     OP2    sing N N 169 
U   P     "O5'"  sing N N 170 
U   OP2   HOP2   sing N N 171 
U   "O5'" "C5'"  sing N N 172 
U   "C5'" "C4'"  sing N N 173 
U   "C5'" "H5'"  sing N N 174 
U   "C5'" "H5''" sing N N 175 
U   "C4'" "O4'"  sing N N 176 
U   "C4'" "C3'"  sing N N 177 
U   "C4'" "H4'"  sing N N 178 
U   "O4'" "C1'"  sing N N 179 
U   "C3'" "O3'"  sing N N 180 
U   "C3'" "C2'"  sing N N 181 
U   "C3'" "H3'"  sing N N 182 
U   "O3'" "HO3'" sing N N 183 
U   "C2'" "O2'"  sing N N 184 
U   "C2'" "C1'"  sing N N 185 
U   "C2'" "H2'"  sing N N 186 
U   "O2'" "HO2'" sing N N 187 
U   "C1'" N1     sing N N 188 
U   "C1'" "H1'"  sing N N 189 
U   N1    C2     sing N N 190 
U   N1    C6     sing N N 191 
U   C2    O2     doub N N 192 
U   C2    N3     sing N N 193 
U   N3    C4     sing N N 194 
U   N3    H3     sing N N 195 
U   C4    O4     doub N N 196 
U   C4    C5     sing N N 197 
U   C5    C6     doub N N 198 
U   C5    H5     sing N N 199 
U   C6    H6     sing N N 200 
# 
loop_
_ndb_struct_conf_na.entry_id 
_ndb_struct_conf_na.feature 
2B57 'double helix'         
2B57 'a-form double helix'  
2B57 'mismatched base pair' 
2B57 'internal loop'        
2B57 'triple helix'         
2B57 'three-way junction'   
# 
loop_
_ndb_struct_na_base_pair.model_number 
_ndb_struct_na_base_pair.i_label_asym_id 
_ndb_struct_na_base_pair.i_label_comp_id 
_ndb_struct_na_base_pair.i_label_seq_id 
_ndb_struct_na_base_pair.i_symmetry 
_ndb_struct_na_base_pair.j_label_asym_id 
_ndb_struct_na_base_pair.j_label_comp_id 
_ndb_struct_na_base_pair.j_label_seq_id 
_ndb_struct_na_base_pair.j_symmetry 
_ndb_struct_na_base_pair.shear 
_ndb_struct_na_base_pair.stretch 
_ndb_struct_na_base_pair.stagger 
_ndb_struct_na_base_pair.buckle 
_ndb_struct_na_base_pair.propeller 
_ndb_struct_na_base_pair.opening 
_ndb_struct_na_base_pair.pair_number 
_ndb_struct_na_base_pair.pair_name 
_ndb_struct_na_base_pair.i_auth_asym_id 
_ndb_struct_na_base_pair.i_auth_seq_id 
_ndb_struct_na_base_pair.i_PDB_ins_code 
_ndb_struct_na_base_pair.j_auth_asym_id 
_ndb_struct_na_base_pair.j_auth_seq_id 
_ndb_struct_na_base_pair.j_PDB_ins_code 
_ndb_struct_na_base_pair.hbond_type_28 
_ndb_struct_na_base_pair.hbond_type_12 
1 A G 1  1_555 A C 65 1_555 -0.093 -0.038 -0.266 -16.880 -3.977  -2.613   1  A_G16:C80_A A 16 ? A 80 ? 19 1 
1 A A 2  1_555 A U 64 1_555 0.078  -0.110 0.156  9.306   -21.823 5.662    2  A_A17:U79_A A 17 ? A 79 ? 20 1 
1 A C 3  1_555 A G 63 1_555 0.076  -0.039 0.358  -3.831  -13.468 -1.916   3  A_C18:G78_A A 18 ? A 78 ? 19 1 
1 A A 4  1_555 A U 62 1_555 0.056  -0.078 -0.567 -6.671  -13.220 -0.071   4  A_A19:U77_A A 19 ? A 77 ? 20 1 
1 A U 5  1_555 A A 61 1_555 0.064  -0.135 0.345  -8.326  -12.621 5.604    5  A_U20:A76_A A 20 ? A 76 ? 20 1 
1 A A 6  1_555 A U 60 1_555 -0.031 -0.071 0.150  -0.466  -8.972  1.734    6  A_A21:U75_A A 21 ? A 75 ? 20 1 
1 A U 36 1_555 A U 32 1_555 -4.370 -0.965 0.378  -29.057 35.855  -68.872  7  A_U51:U47_A A 51 ? A 47 ? ?  ? 
1 A A 37 1_555 A U 7  1_555 -0.167 -0.083 -0.110 -12.420 -0.046  4.320    8  A_A52:U22_A A 52 ? A 22 ? 20 1 
1 A C 38 1_555 A G 31 1_555 0.229  -0.069 -0.175 19.558  -3.071  -0.192   9  A_C53:G46_A A 53 ? A 46 ? 19 1 
1 A U 10 1_555 A A 30 1_555 -0.013 -0.153 0.452  2.979   -11.499 1.586    10 A_U25:A45_A A 25 ? A 45 ? 20 1 
1 A G 12 1_555 A C 28 1_555 -0.010 -0.080 0.051  -3.793  -9.526  -0.672   11 A_G27:C43_A A 27 ? A 43 ? 19 1 
1 A C 13 1_555 A G 27 1_555 0.132  -0.100 -0.093 5.594   -8.121  1.415    12 A_C28:G42_A A 28 ? A 42 ? 19 1 
1 A G 14 1_555 A C 26 1_555 -0.300 -0.140 0.044  -0.570  -8.823  1.357    13 A_G29:C41_A A 29 ? A 41 ? 19 1 
1 A U 15 1_555 A A 25 1_555 0.015  -0.194 -0.039 4.011   -7.529  4.900    14 A_U30:A40_A A 30 ? A 40 ? 20 1 
1 A G 16 1_555 A C 24 1_555 -0.226 -0.139 0.149  5.232   -9.422  2.538    15 A_G31:C39_A A 31 ? A 39 ? 19 1 
1 A C 39 1_555 A G 57 1_555 0.179  -0.168 0.404  -6.675  -12.845 0.738    16 A_C54:G72_A A 54 ? A 72 ? 19 1 
1 A G 40 1_555 A C 56 1_555 -0.244 -0.165 0.025  -4.168  -9.604  -1.482   17 A_G55:C71_A A 55 ? A 71 ? 19 1 
1 A G 41 1_555 A C 55 1_555 -0.231 -0.169 0.059  -1.105  -12.197 -1.810   18 A_G56:C70_A A 56 ? A 70 ? 19 1 
1 A G 42 1_555 A U 54 1_555 -2.235 -0.744 0.223  0.942   -14.564 -5.313   19 A_G57:U69_A A 57 ? A 69 ? 28 ? 
1 A C 43 1_555 A G 53 1_555 0.209  -0.235 -0.012 3.134   -10.657 1.845    20 A_C58:G68_A A 58 ? A 68 ? 19 1 
1 A A 44 1_555 A U 52 1_555 0.129  -0.103 0.103  -1.811  -5.972  -0.064   21 A_A59:U67_A A 59 ? A 67 ? 20 1 
1 A C 45 1_555 A G 23 1_555 0.116  -0.201 0.177  -21.446 -11.432 -0.500   22 A_C60:G38_A A 60 ? A 38 ? 19 1 
1 A C 46 1_555 A G 22 1_555 0.102  -0.272 0.632  -5.477  -11.128 -4.215   23 A_C61:G37_A A 61 ? A 37 ? 19 1 
1 A A 49 1_555 A A 20 1_555 4.237  0.822  0.776  6.893   9.170   -108.098 24 A_A64:A35_A A 64 ? A 35 ? 5  4 
1 A G 47 1_555 A U 48 1_555 7.858  1.586  0.422  -1.003  11.951  14.155   25 A_G62:U63_A A 62 ? A 63 ? ?  ? 
# 
loop_
_ndb_struct_na_base_pair_step.model_number 
_ndb_struct_na_base_pair_step.i_label_asym_id_1 
_ndb_struct_na_base_pair_step.i_label_comp_id_1 
_ndb_struct_na_base_pair_step.i_label_seq_id_1 
_ndb_struct_na_base_pair_step.i_symmetry_1 
_ndb_struct_na_base_pair_step.j_label_asym_id_1 
_ndb_struct_na_base_pair_step.j_label_comp_id_1 
_ndb_struct_na_base_pair_step.j_label_seq_id_1 
_ndb_struct_na_base_pair_step.j_symmetry_1 
_ndb_struct_na_base_pair_step.i_label_asym_id_2 
_ndb_struct_na_base_pair_step.i_label_comp_id_2 
_ndb_struct_na_base_pair_step.i_label_seq_id_2 
_ndb_struct_na_base_pair_step.i_symmetry_2 
_ndb_struct_na_base_pair_step.j_label_asym_id_2 
_ndb_struct_na_base_pair_step.j_label_comp_id_2 
_ndb_struct_na_base_pair_step.j_label_seq_id_2 
_ndb_struct_na_base_pair_step.j_symmetry_2 
_ndb_struct_na_base_pair_step.shift 
_ndb_struct_na_base_pair_step.slide 
_ndb_struct_na_base_pair_step.rise 
_ndb_struct_na_base_pair_step.tilt 
_ndb_struct_na_base_pair_step.roll 
_ndb_struct_na_base_pair_step.twist 
_ndb_struct_na_base_pair_step.x_displacement 
_ndb_struct_na_base_pair_step.y_displacement 
_ndb_struct_na_base_pair_step.helical_rise 
_ndb_struct_na_base_pair_step.inclination 
_ndb_struct_na_base_pair_step.tip 
_ndb_struct_na_base_pair_step.helical_twist 
_ndb_struct_na_base_pair_step.step_number 
_ndb_struct_na_base_pair_step.step_name 
_ndb_struct_na_base_pair_step.i_auth_asym_id_1 
_ndb_struct_na_base_pair_step.i_auth_seq_id_1 
_ndb_struct_na_base_pair_step.i_PDB_ins_code_1 
_ndb_struct_na_base_pair_step.j_auth_asym_id_1 
_ndb_struct_na_base_pair_step.j_auth_seq_id_1 
_ndb_struct_na_base_pair_step.j_PDB_ins_code_1 
_ndb_struct_na_base_pair_step.i_auth_asym_id_2 
_ndb_struct_na_base_pair_step.i_auth_seq_id_2 
_ndb_struct_na_base_pair_step.i_PDB_ins_code_2 
_ndb_struct_na_base_pair_step.j_auth_asym_id_2 
_ndb_struct_na_base_pair_step.j_auth_seq_id_2 
_ndb_struct_na_base_pair_step.j_PDB_ins_code_2 
1 A G 1  1_555 A C 65 1_555 A A 2  1_555 A U 64 1_555 0.165  -1.188 2.628 0.255   1.149    32.594   -2.275 -0.259 2.587  2.047   
-0.455  32.615   1  AA_G16A17:U79C80_AA A 16 ? A 80 ? A 17 ? A 79 ? 
1 A A 2  1_555 A U 64 1_555 A C 3  1_555 A G 63 1_555 0.449  -1.667 3.557 -2.179  13.201   29.551   -5.273 -1.182 2.560  24.369  
4.022   32.378   2  AA_A17C18:G78U79_AA A 17 ? A 79 ? A 18 ? A 78 ? 
1 A C 3  1_555 A G 63 1_555 A A 4  1_555 A U 62 1_555 -0.235 -1.796 3.131 4.000   12.206   30.638   -4.898 0.986  2.226  21.930  
-7.187  33.162   3  AA_C18A19:U77G78_AA A 18 ? A 78 ? A 19 ? A 77 ? 
1 A A 4  1_555 A U 62 1_555 A U 5  1_555 A A 61 1_555 0.582  -1.095 3.204 -4.832  13.072   32.940   -3.508 -1.585 2.498  21.875  
8.086   35.691   4  AA_A19U20:A76U77_AA A 19 ? A 77 ? A 20 ? A 76 ? 
1 A U 5  1_555 A A 61 1_555 A A 6  1_555 A U 60 1_555 0.269  -1.740 2.703 3.609   17.512   29.923   -4.774 -0.066 1.507  30.710  
-6.328  34.753   5  AA_U20A21:U75A76_AA A 20 ? A 76 ? A 21 ? A 75 ? 
1 A A 6  1_555 A U 60 1_555 A U 36 1_555 A U 32 1_555 -2.355 6.396  1.985 16.851  4.261    154.241  3.270  1.241  1.959  2.185   
-8.639  154.541  6  AA_A21U51:U47U75_AA A 21 ? A 75 ? A 51 ? A 47 ? 
1 A U 36 1_555 A U 32 1_555 A A 37 1_555 A U 7  1_555 0.025  -1.035 3.185 -3.635  23.698   6.588    -7.726 -0.875 -0.139 73.992  
11.349  24.851   7  AA_U51A52:U22U47_AA A 51 ? A 47 ? A 52 ? A 22 ? 
1 A A 37 1_555 A U 7  1_555 A C 38 1_555 A G 31 1_555 1.975  0.092  2.437 1.847   12.126   44.786   -0.668 -2.389 2.457  15.572  
-2.372  46.352   8  AA_A52C53:G46U22_AA A 52 ? A 22 ? A 53 ? A 46 ? 
1 A C 38 1_555 A G 31 1_555 A U 10 1_555 A A 30 1_555 -1.936 -0.458 3.415 -16.508 2.644    53.785   -0.657 0.995  3.789  2.847   
17.770  56.138   9  AA_C53U25:A45G46_AA A 53 ? A 46 ? A 25 ? A 45 ? 
1 A U 10 1_555 A A 30 1_555 A G 12 1_555 A C 28 1_555 -1.131 -4.051 6.206 -0.612  12.018   62.259   -4.814 1.029  5.433  11.508  
0.586   63.297   10 AA_U25G27:C43A45_AA A 25 ? A 45 ? A 27 ? A 43 ? 
1 A G 12 1_555 A C 28 1_555 A C 13 1_555 A G 27 1_555 1.018  -2.442 3.056 4.129   4.995    26.020   -6.418 -1.247 2.676  10.880  
-8.995  26.801   11 AA_G27C28:G42C43_AA A 27 ? A 43 ? A 28 ? A 42 ? 
1 A C 13 1_555 A G 27 1_555 A G 14 1_555 A C 26 1_555 -0.663 -1.926 3.256 -2.157  8.992    28.630   -5.403 0.873  2.587  17.611  
4.225   30.057   12 AA_C28G29:C41G42_AA A 28 ? A 42 ? A 29 ? A 41 ? 
1 A G 14 1_555 A C 26 1_555 A U 15 1_555 A A 25 1_555 0.098  -1.284 3.158 -0.094  10.062   30.588   -3.947 -0.192 2.615  18.456  
0.172   32.163   13 AA_G29U30:A40C41_AA A 29 ? A 41 ? A 30 ? A 40 ? 
1 A U 15 1_555 A A 25 1_555 A G 16 1_555 A C 24 1_555 0.748  -1.648 3.159 -0.701  4.797    32.755   -3.644 -1.423 2.879  8.449   
1.234   33.102   14 AA_U30G31:C39A40_AA A 30 ? A 40 ? A 31 ? A 39 ? 
1 A C 39 1_555 A G 57 1_555 A G 40 1_555 A C 56 1_555 -0.660 -1.760 3.027 1.770   6.942    32.423   -4.090 1.413  2.566  12.247  
-3.122  33.185   15 AA_C54G55:C71G72_AA A 54 ? A 72 ? A 55 ? A 71 ? 
1 A G 40 1_555 A C 56 1_555 A G 41 1_555 A C 55 1_555 -0.298 -0.968 3.150 -1.017  7.466    32.299   -2.868 0.362  2.868  13.198  
1.798   33.143   16 AA_G55G56:C70C71_AA A 55 ? A 71 ? A 56 ? A 70 ? 
1 A G 41 1_555 A C 55 1_555 A G 42 1_555 A U 54 1_555 -0.011 -1.289 3.002 -3.014  6.281    28.647   -3.710 -0.543 2.653  12.462  
5.981   29.465   17 AA_G56G57:U69C70_AA A 56 ? A 70 ? A 57 ? A 69 ? 
1 A G 42 1_555 A U 54 1_555 A C 43 1_555 A G 53 1_555 0.657  -1.090 3.237 0.331   2.127    42.041   -1.733 -0.881 3.185  2.963   
-0.461  42.093   18 AA_G57C58:G68U69_AA A 57 ? A 69 ? A 58 ? A 68 ? 
1 A C 43 1_555 A G 53 1_555 A A 44 1_555 A U 52 1_555 0.338  -1.774 3.304 -0.196  4.275    34.281   -3.635 -0.599 3.065  7.218   
0.331   34.539   19 AA_C58A59:U67G68_AA A 58 ? A 68 ? A 59 ? A 67 ? 
1 A A 44 1_555 A U 52 1_555 A C 45 1_555 A G 23 1_555 2.144  -0.484 3.424 9.091   7.136    53.648   -0.993 -1.735 3.629  7.804   
-9.943  54.788   20 AA_A59C60:G38U67_AA A 59 ? A 67 ? A 60 ? A 38 ? 
1 A C 45 1_555 A G 23 1_555 A C 46 1_555 A G 22 1_555 -0.546 -0.501 3.051 -3.724  8.412    28.038   -2.641 0.339  2.833  16.800  
7.437   29.480   21 AA_C60C61:G37G38_AA A 60 ? A 38 ? A 61 ? A 37 ? 
1 A C 46 1_555 A G 22 1_555 A A 49 1_555 A A 20 1_555 2.115  4.082  2.890 68.099  -160.422 -79.745  -0.537 1.697  4.103  81.155  
34.451  -175.609 22 AA_C61A64:A35G37_AA A 61 ? A 37 ? A 64 ? A 35 ? 
1 A A 49 1_555 A A 20 1_555 A G 47 1_555 A U 48 1_555 3.343  -0.119 4.387 -20.050 173.816  -178.701 0.035  1.668  4.392  -86.908 
-10.025 -179.943 23 AA_A64G62:U63A35_AA A 64 ? A 35 ? A 62 ? A 63 ? 
# 
_atom_sites.entry_id                    2B57 
_atom_sites.fract_transf_matrix[1][1]   -0.00576545 
_atom_sites.fract_transf_matrix[1][2]   0.00035243 
_atom_sites.fract_transf_matrix[1][3]   -0.00491266 
_atom_sites.fract_transf_matrix[2][1]   0.00168814 
_atom_sites.fract_transf_matrix[2][2]   0.02868627 
_atom_sites.fract_transf_matrix[2][3]   0.00007674 
_atom_sites.fract_transf_matrix[3][1]   0.01533615 
_atom_sites.fract_transf_matrix[3][2]   -0.00085275 
_atom_sites.fract_transf_matrix[3][3]   -0.01859963 
_atom_sites.fract_transf_vector[1]      -0.181914 
_atom_sites.fract_transf_vector[2]      -0.420144 
_atom_sites.fract_transf_vector[3]      0.226465 
# 
loop_
_atom_type.symbol 
C  
CO 
N  
O  
P  
# 
loop_
_atom_site.group_PDB 
_atom_site.id 
_atom_site.type_symbol 
_atom_site.label_atom_id 
_atom_site.label_alt_id 
_atom_site.label_comp_id 
_atom_site.label_asym_id 
_atom_site.label_entity_id 
_atom_site.label_seq_id 
_atom_site.pdbx_PDB_ins_code 
_atom_site.Cartn_x 
_atom_site.Cartn_y 
_atom_site.Cartn_z 
_atom_site.occupancy 
_atom_site.B_iso_or_equiv 
_atom_site.pdbx_formal_charge 
_atom_site.auth_seq_id 
_atom_site.auth_comp_id 
_atom_site.auth_asym_id 
_atom_site.auth_atom_id 
_atom_site.pdbx_PDB_model_num 
ATOM   1    O  "O5'" . G   A 1 1  ? -5.703  13.418  -18.703 1.00 87.48  ? 16  G   A "O5'" 1 
ATOM   2    C  "C5'" . G   A 1 1  ? -4.850  14.540  -18.929 1.00 88.14  ? 16  G   A "C5'" 1 
ATOM   3    C  "C4'" . G   A 1 1  ? -5.552  15.872  -18.767 1.00 88.10  ? 16  G   A "C4'" 1 
ATOM   4    O  "O4'" . G   A 1 1  ? -6.565  16.017  -19.801 1.00 88.79  ? 16  G   A "O4'" 1 
ATOM   5    C  "C3'" . G   A 1 1  ? -6.320  16.053  -17.467 1.00 87.77  ? 16  G   A "C3'" 1 
ATOM   6    O  "O3'" . G   A 1 1  ? -5.473  16.478  -16.407 1.00 86.11  ? 16  G   A "O3'" 1 
ATOM   7    C  "C2'" . G   A 1 1  ? -7.345  17.115  -17.841 1.00 88.40  ? 16  G   A "C2'" 1 
ATOM   8    O  "O2'" . G   A 1 1  ? -6.807  18.422  -17.826 1.00 88.21  ? 16  G   A "O2'" 1 
ATOM   9    C  "C1'" . G   A 1 1  ? -7.688  16.711  -19.276 1.00 89.28  ? 16  G   A "C1'" 1 
ATOM   10   N  N9    . G   A 1 1  ? -8.851  15.833  -19.360 1.00 90.47  ? 16  G   A N9    1 
ATOM   11   C  C8    . G   A 1 1  ? -8.860  14.504  -19.709 1.00 91.02  ? 16  G   A C8    1 
ATOM   12   N  N7    . G   A 1 1  ? -10.055 13.980  -19.702 1.00 91.47  ? 16  G   A N7    1 
ATOM   13   C  C5    . G   A 1 1  ? -10.888 15.025  -19.323 1.00 91.26  ? 16  G   A C5    1 
ATOM   14   C  C6    . G   A 1 1  ? -12.298 15.060  -19.143 1.00 91.29  ? 16  G   A C6    1 
ATOM   15   O  O6    . G   A 1 1  ? -13.116 14.146  -19.288 1.00 90.97  ? 16  G   A O6    1 
ATOM   16   N  N1    . G   A 1 1  ? -12.731 16.323  -18.754 1.00 91.40  ? 16  G   A N1    1 
ATOM   17   C  C2    . G   A 1 1  ? -11.919 17.413  -18.562 1.00 91.49  ? 16  G   A C2    1 
ATOM   18   N  N2    . G   A 1 1  ? -12.534 18.545  -18.184 1.00 91.48  ? 16  G   A N2    1 
ATOM   19   N  N3    . G   A 1 1  ? -10.604 17.394  -18.725 1.00 91.36  ? 16  G   A N3    1 
ATOM   20   C  C4    . G   A 1 1  ? -10.160 16.176  -19.104 1.00 90.93  ? 16  G   A C4    1 
ATOM   21   P  P     . A   A 1 2  ? -5.937  16.249  -14.885 1.00 84.51  ? 17  A   A P     1 
ATOM   22   O  OP1   . A   A 1 2  ? -4.880  16.745  -13.963 1.00 85.15  ? 17  A   A OP1   1 
ATOM   23   O  OP2   . A   A 1 2  ? -6.411  14.847  -14.771 1.00 84.93  ? 17  A   A OP2   1 
ATOM   24   O  "O5'" . A   A 1 2  ? -7.199  17.204  -14.740 1.00 83.34  ? 17  A   A "O5'" 1 
ATOM   25   C  "C5'" . A   A 1 2  ? -7.079  18.604  -14.958 1.00 80.96  ? 17  A   A "C5'" 1 
ATOM   26   C  "C4'" . A   A 1 2  ? -8.384  19.278  -14.638 1.00 79.14  ? 17  A   A "C4'" 1 
ATOM   27   O  "O4'" . A   A 1 2  ? -9.372  18.933  -15.639 1.00 78.51  ? 17  A   A "O4'" 1 
ATOM   28   C  "C3'" . A   A 1 2  ? -9.004  18.821  -13.334 1.00 77.81  ? 17  A   A "C3'" 1 
ATOM   29   O  "O3'" . A   A 1 2  ? -8.426  19.505  -12.242 1.00 76.37  ? 17  A   A "O3'" 1 
ATOM   30   C  "C2'" . A   A 1 2  ? -10.477 19.137  -13.548 1.00 77.60  ? 17  A   A "C2'" 1 
ATOM   31   O  "O2'" . A   A 1 2  ? -10.795 20.498  -13.337 1.00 76.75  ? 17  A   A "O2'" 1 
ATOM   32   C  "C1'" . A   A 1 2  ? -10.640 18.784  -15.027 1.00 77.65  ? 17  A   A "C1'" 1 
ATOM   33   N  N9    . A   A 1 2  ? -11.061 17.400  -15.226 1.00 77.74  ? 17  A   A N9    1 
ATOM   34   C  C8    . A   A 1 2  ? -10.284 16.269  -15.211 1.00 77.82  ? 17  A   A C8    1 
ATOM   35   N  N7    . A   A 1 2  ? -10.952 15.167  -15.445 1.00 77.89  ? 17  A   A N7    1 
ATOM   36   C  C5    . A   A 1 2  ? -12.257 15.601  -15.622 1.00 77.81  ? 17  A   A C5    1 
ATOM   37   C  C6    . A   A 1 2  ? -13.449 14.920  -15.906 1.00 77.88  ? 17  A   A C6    1 
ATOM   38   N  N6    . A   A 1 2  ? -13.531 13.596  -16.073 1.00 77.92  ? 17  A   A N6    1 
ATOM   39   N  N1    . A   A 1 2  ? -14.576 15.654  -16.017 1.00 78.09  ? 17  A   A N1    1 
ATOM   40   C  C2    . A   A 1 2  ? -14.499 16.979  -15.854 1.00 78.31  ? 17  A   A C2    1 
ATOM   41   N  N3    . A   A 1 2  ? -13.441 17.733  -15.589 1.00 78.29  ? 17  A   A N3    1 
ATOM   42   C  C4    . A   A 1 2  ? -12.338 16.973  -15.483 1.00 77.98  ? 17  A   A C4    1 
ATOM   43   P  P     . C   A 1 3  ? -8.499  18.851  -10.786 1.00 74.80  ? 18  C   A P     1 
ATOM   44   O  OP1   . C   A 1 3  ? -7.526  19.525  -9.888  1.00 74.26  ? 18  C   A OP1   1 
ATOM   45   O  OP2   . C   A 1 3  ? -8.455  17.372  -10.954 1.00 73.82  ? 18  C   A OP2   1 
ATOM   46   O  "O5'" . C   A 1 3  ? -9.961  19.234  -10.313 1.00 72.21  ? 18  C   A "O5'" 1 
ATOM   47   C  "C5'" . C   A 1 3  ? -10.734 18.307  -9.596  1.00 69.42  ? 18  C   A "C5'" 1 
ATOM   48   C  "C4'" . C   A 1 3  ? -12.189 18.545  -9.859  1.00 67.69  ? 18  C   A "C4'" 1 
ATOM   49   O  "O4'" . C   A 1 3  ? -12.493 18.275  -11.251 1.00 67.21  ? 18  C   A "O4'" 1 
ATOM   50   C  "C3'" . C   A 1 3  ? -13.089 17.607  -9.098  1.00 67.11  ? 18  C   A "C3'" 1 
ATOM   51   O  "O3'" . C   A 1 3  ? -13.234 18.081  -7.776  1.00 65.95  ? 18  C   A "O3'" 1 
ATOM   52   C  "C2'" . C   A 1 3  ? -14.357 17.627  -9.936  1.00 66.12  ? 18  C   A "C2'" 1 
ATOM   53   O  "O2'" . C   A 1 3  ? -15.129 18.789  -9.716  1.00 65.37  ? 18  C   A "O2'" 1 
ATOM   54   C  "C1'" . C   A 1 3  ? -13.768 17.660  -11.347 1.00 65.53  ? 18  C   A "C1'" 1 
ATOM   55   N  N1    . C   A 1 3  ? -13.559 16.301  -11.866 1.00 64.80  ? 18  C   A N1    1 
ATOM   56   C  C2    . C   A 1 3  ? -14.667 15.491  -12.100 1.00 64.88  ? 18  C   A C2    1 
ATOM   57   O  O2    . C   A 1 3  ? -15.801 15.944  -11.881 1.00 65.19  ? 18  C   A O2    1 
ATOM   58   N  N3    . C   A 1 3  ? -14.478 14.231  -12.558 1.00 64.65  ? 18  C   A N3    1 
ATOM   59   C  C4    . C   A 1 3  ? -13.241 13.782  -12.788 1.00 64.52  ? 18  C   A C4    1 
ATOM   60   N  N4    . C   A 1 3  ? -13.104 12.533  -13.241 1.00 64.16  ? 18  C   A N4    1 
ATOM   61   C  C5    . C   A 1 3  ? -12.093 14.593  -12.562 1.00 63.93  ? 18  C   A C5    1 
ATOM   62   C  C6    . C   A 1 3  ? -12.297 15.834  -12.107 1.00 64.27  ? 18  C   A C6    1 
ATOM   63   P  P     . A   A 1 4  ? -13.100 17.051  -6.566  1.00 65.08  ? 19  A   A P     1 
ATOM   64   O  OP1   . A   A 1 4  ? -12.934 17.821  -5.309  1.00 65.74  ? 19  A   A OP1   1 
ATOM   65   O  OP2   . A   A 1 4  ? -12.074 16.054  -6.965  1.00 64.46  ? 19  A   A OP2   1 
ATOM   66   O  "O5'" . A   A 1 4  ? -14.530 16.359  -6.564  1.00 63.55  ? 19  A   A "O5'" 1 
ATOM   67   C  "C5'" . A   A 1 4  ? -15.701 17.164  -6.622  1.00 60.26  ? 19  A   A "C5'" 1 
ATOM   68   C  "C4'" . A   A 1 4  ? -16.913 16.311  -6.878  1.00 58.60  ? 19  A   A "C4'" 1 
ATOM   69   O  "O4'" . A   A 1 4  ? -16.950 15.915  -8.275  1.00 57.45  ? 19  A   A "O4'" 1 
ATOM   70   C  "C3'" . A   A 1 4  ? -16.898 14.990  -6.135  1.00 57.61  ? 19  A   A "C3'" 1 
ATOM   71   O  "O3'" . A   A 1 4  ? -17.302 15.120  -4.783  1.00 56.55  ? 19  A   A "O3'" 1 
ATOM   72   C  "C2'" . A   A 1 4  ? -17.844 14.141  -6.966  1.00 56.91  ? 19  A   A "C2'" 1 
ATOM   73   O  "O2'" . A   A 1 4  ? -19.197 14.431  -6.686  1.00 57.80  ? 19  A   A "O2'" 1 
ATOM   74   C  "C1'" . A   A 1 4  ? -17.504 14.613  -8.380  1.00 56.87  ? 19  A   A "C1'" 1 
ATOM   75   N  N9    . A   A 1 4  ? -16.550 13.740  -9.061  1.00 55.84  ? 19  A   A N9    1 
ATOM   76   C  C8    . A   A 1 4  ? -15.198 13.898  -9.223  1.00 55.34  ? 19  A   A C8    1 
ATOM   77   N  N7    . A   A 1 4  ? -14.632 12.929  -9.902  1.00 55.71  ? 19  A   A N7    1 
ATOM   78   C  C5    . A   A 1 4  ? -15.683 12.074  -10.204 1.00 54.91  ? 19  A   A C5    1 
ATOM   79   C  C6    . A   A 1 4  ? -15.747 10.858  -10.912 1.00 55.33  ? 19  A   A C6    1 
ATOM   80   N  N6    . A   A 1 4  ? -14.690 10.271  -11.476 1.00 55.56  ? 19  A   A N6    1 
ATOM   81   N  N1    . A   A 1 4  ? -16.952 10.258  -11.028 1.00 55.52  ? 19  A   A N1    1 
ATOM   82   C  C2    . A   A 1 4  ? -18.014 10.849  -10.469 1.00 56.76  ? 19  A   A C2    1 
ATOM   83   N  N3    . A   A 1 4  ? -18.082 11.992  -9.784  1.00 56.63  ? 19  A   A N3    1 
ATOM   84   C  C4    . A   A 1 4  ? -16.867 12.559  -9.687  1.00 55.23  ? 19  A   A C4    1 
ATOM   85   P  P     . U   A 1 5  ? -16.662 14.147  -3.682  1.00 55.96  ? 20  U   A P     1 
ATOM   86   O  OP1   . U   A 1 5  ? -17.073 14.596  -2.328  1.00 55.03  ? 20  U   A OP1   1 
ATOM   87   O  OP2   . U   A 1 5  ? -15.216 14.033  -4.008  1.00 54.93  ? 20  U   A OP2   1 
ATOM   88   O  "O5'" . U   A 1 5  ? -17.360 12.750  -3.990  1.00 53.56  ? 20  U   A "O5'" 1 
ATOM   89   C  "C5'" . U   A 1 5  ? -18.770 12.613  -3.912  1.00 49.32  ? 20  U   A "C5'" 1 
ATOM   90   C  "C4'" . U   A 1 5  ? -19.198 11.246  -4.395  1.00 47.89  ? 20  U   A "C4'" 1 
ATOM   91   O  "O4'" . U   A 1 5  ? -18.956 11.140  -5.825  1.00 48.12  ? 20  U   A "O4'" 1 
ATOM   92   C  "C3'" . U   A 1 5  ? -18.400 10.089  -3.824  1.00 46.33  ? 20  U   A "C3'" 1 
ATOM   93   O  "O3'" . U   A 1 5  ? -18.848 9.695   -2.545  1.00 45.55  ? 20  U   A "O3'" 1 
ATOM   94   C  "C2'" . U   A 1 5  ? -18.617 9.000   -4.860  1.00 46.36  ? 20  U   A "C2'" 1 
ATOM   95   O  "O2'" . U   A 1 5  ? -19.861 8.352   -4.717  1.00 46.35  ? 20  U   A "O2'" 1 
ATOM   96   C  "C1'" . U   A 1 5  ? -18.596 9.811   -6.152  1.00 46.30  ? 20  U   A "C1'" 1 
ATOM   97   N  N1    . U   A 1 5  ? -17.260 9.811   -6.755  1.00 46.11  ? 20  U   A N1    1 
ATOM   98   C  C2    . U   A 1 5  ? -16.916 8.703   -7.495  1.00 45.53  ? 20  U   A C2    1 
ATOM   99   O  O2    . U   A 1 5  ? -17.680 7.766   -7.668  1.00 45.10  ? 20  U   A O2    1 
ATOM   100  N  N3    . U   A 1 5  ? -15.649 8.725   -8.022  1.00 45.18  ? 20  U   A N3    1 
ATOM   101  C  C4    . U   A 1 5  ? -14.713 9.725   -7.887  1.00 44.24  ? 20  U   A C4    1 
ATOM   102  O  O4    . U   A 1 5  ? -13.616 9.599   -8.432  1.00 43.72  ? 20  U   A O4    1 
ATOM   103  C  C5    . U   A 1 5  ? -15.145 10.848  -7.108  1.00 45.24  ? 20  U   A C5    1 
ATOM   104  C  C6    . U   A 1 5  ? -16.379 10.853  -6.582  1.00 45.22  ? 20  U   A C6    1 
ATOM   105  P  P     . A   A 1 6  ? -17.805 9.041   -1.522  1.00 44.37  ? 21  A   A P     1 
ATOM   106  O  OP1   . A   A 1 6  ? -18.536 8.737   -0.270  1.00 43.74  ? 21  A   A OP1   1 
ATOM   107  O  OP2   . A   A 1 6  ? -16.634 9.954   -1.491  1.00 45.15  ? 21  A   A OP2   1 
ATOM   108  O  "O5'" . A   A 1 6  ? -17.378 7.675   -2.223  1.00 43.35  ? 21  A   A "O5'" 1 
ATOM   109  C  "C5'" . A   A 1 6  ? -18.290 6.594   -2.283  1.00 40.32  ? 21  A   A "C5'" 1 
ATOM   110  C  "C4'" . A   A 1 6  ? -17.660 5.369   -2.910  1.00 39.40  ? 21  A   A "C4'" 1 
ATOM   111  O  "O4'" . A   A 1 6  ? -17.365 5.625   -4.311  1.00 37.37  ? 21  A   A "O4'" 1 
ATOM   112  C  "C3'" . A   A 1 6  ? -16.301 4.989   -2.342  1.00 40.32  ? 21  A   A "C3'" 1 
ATOM   113  O  "O3'" . A   A 1 6  ? -16.416 4.265   -1.122  1.00 39.98  ? 21  A   A "O3'" 1 
ATOM   114  C  "C2'" . A   A 1 6  ? -15.695 4.156   -3.468  1.00 38.71  ? 21  A   A "C2'" 1 
ATOM   115  O  "O2'" . A   A 1 6  ? -16.139 2.819   -3.516  1.00 40.38  ? 21  A   A "O2'" 1 
ATOM   116  C  "C1'" . A   A 1 6  ? -16.230 4.872   -4.700  1.00 36.50  ? 21  A   A "C1'" 1 
ATOM   117  N  N9    . A   A 1 6  ? -15.239 5.727   -5.337  1.00 35.21  ? 21  A   A N9    1 
ATOM   118  C  C8    . A   A 1 6  ? -14.889 7.025   -5.084  1.00 34.84  ? 21  A   A C8    1 
ATOM   119  N  N7    . A   A 1 6  ? -13.904 7.458   -5.834  1.00 36.10  ? 21  A   A N7    1 
ATOM   120  C  C5    . A   A 1 6  ? -13.594 6.371   -6.644  1.00 34.54  ? 21  A   A C5    1 
ATOM   121  C  C6    . A   A 1 6  ? -12.635 6.180   -7.664  1.00 35.03  ? 21  A   A C6    1 
ATOM   122  N  N6    . A   A 1 6  ? -11.777 7.120   -8.065  1.00 36.24  ? 21  A   A N6    1 
ATOM   123  N  N1    . A   A 1 6  ? -12.592 4.974   -8.268  1.00 34.22  ? 21  A   A N1    1 
ATOM   124  C  C2    . A   A 1 6  ? -13.459 4.033   -7.875  1.00 34.75  ? 21  A   A C2    1 
ATOM   125  N  N3    . A   A 1 6  ? -14.405 4.095   -6.935  1.00 34.45  ? 21  A   A N3    1 
ATOM   126  C  C4    . A   A 1 6  ? -14.416 5.305   -6.353  1.00 34.77  ? 21  A   A C4    1 
ATOM   127  P  P     . U   A 1 7  ? -15.645 4.796   0.184   1.00 40.00  ? 22  U   A P     1 
ATOM   128  O  OP1   . U   A 1 7  ? -15.705 3.729   1.211   1.00 43.57  ? 22  U   A OP1   1 
ATOM   129  O  OP2   . U   A 1 7  ? -16.175 6.145   0.493   1.00 40.35  ? 22  U   A OP2   1 
ATOM   130  O  "O5'" . U   A 1 7  ? -14.131 4.958   -0.286  1.00 41.40  ? 22  U   A "O5'" 1 
ATOM   131  C  "C5'" . U   A 1 7  ? -13.214 5.798   0.428   1.00 39.00  ? 22  U   A "C5'" 1 
ATOM   132  C  "C4'" . U   A 1 7  ? -11.896 5.878   -0.313  1.00 38.04  ? 22  U   A "C4'" 1 
ATOM   133  O  "O4'" . U   A 1 7  ? -11.352 4.539   -0.403  1.00 35.80  ? 22  U   A "O4'" 1 
ATOM   134  C  "C3'" . U   A 1 7  ? -12.115 6.348   -1.752  1.00 37.29  ? 22  U   A "C3'" 1 
ATOM   135  O  "O3'" . U   A 1 7  ? -11.160 7.276   -2.252  1.00 35.48  ? 22  U   A "O3'" 1 
ATOM   136  C  "C2'" . U   A 1 7  ? -12.169 5.084   -2.599  1.00 37.05  ? 22  U   A "C2'" 1 
ATOM   137  O  "O2'" . U   A 1 7  ? -11.490 5.245   -3.828  1.00 37.12  ? 22  U   A "O2'" 1 
ATOM   138  C  "C1'" . U   A 1 7  ? -11.369 4.107   -1.738  1.00 36.91  ? 22  U   A "C1'" 1 
ATOM   139  N  N1    . U   A 1 7  ? -11.759 2.698   -1.808  1.00 35.78  ? 22  U   A N1    1 
ATOM   140  C  C2    . U   A 1 7  ? -10.937 1.882   -2.554  1.00 35.55  ? 22  U   A C2    1 
ATOM   141  O  O2    . U   A 1 7  ? -9.901  2.285   -3.074  1.00 33.90  ? 22  U   A O2    1 
ATOM   142  N  N3    . U   A 1 7  ? -11.357 0.587   -2.670  1.00 35.45  ? 22  U   A N3    1 
ATOM   143  C  C4    . U   A 1 7  ? -12.476 0.032   -2.116  1.00 35.57  ? 22  U   A C4    1 
ATOM   144  O  O4    . U   A 1 7  ? -12.762 -1.130  -2.396  1.00 37.55  ? 22  U   A O4    1 
ATOM   145  C  C5    . U   A 1 7  ? -13.261 0.932   -1.318  1.00 36.17  ? 22  U   A C5    1 
ATOM   146  C  C6    . U   A 1 7  ? -12.882 2.208   -1.195  1.00 35.88  ? 22  U   A C6    1 
ATOM   147  P  P     . A   A 1 8  ? -11.022 8.734   -1.611  1.00 36.13  ? 23  A   A P     1 
ATOM   148  O  OP1   . A   A 1 8  ? -12.360 9.198   -1.163  1.00 36.76  ? 23  A   A OP1   1 
ATOM   149  O  OP2   . A   A 1 8  ? -10.250 9.537   -2.595  1.00 36.84  ? 23  A   A OP2   1 
ATOM   150  O  "O5'" . A   A 1 8  ? -10.093 8.513   -0.336  1.00 34.66  ? 23  A   A "O5'" 1 
ATOM   151  C  "C5'" . A   A 1 8  ? -8.867  7.800   -0.448  1.00 34.75  ? 23  A   A "C5'" 1 
ATOM   152  C  "C4'" . A   A 1 8  ? -8.316  7.492   0.919   1.00 33.58  ? 23  A   A "C4'" 1 
ATOM   153  O  "O4'" . A   A 1 8  ? -9.359  6.923   1.745   1.00 32.94  ? 23  A   A "O4'" 1 
ATOM   154  C  "C3'" . A   A 1 8  ? -7.205  6.458   0.950   1.00 33.36  ? 23  A   A "C3'" 1 
ATOM   155  O  "O3'" . A   A 1 8  ? -5.954  7.102   0.733   1.00 35.71  ? 23  A   A "O3'" 1 
ATOM   156  C  "C2'" . A   A 1 8  ? -7.284  5.925   2.377   1.00 32.22  ? 23  A   A "C2'" 1 
ATOM   157  O  "O2'" . A   A 1 8  ? -6.560  6.730   3.277   1.00 30.79  ? 23  A   A "O2'" 1 
ATOM   158  C  "C1'" . A   A 1 8  ? -8.783  6.039   2.683   1.00 30.86  ? 23  A   A "C1'" 1 
ATOM   159  N  N9    . A   A 1 8  ? -9.534  4.788   2.653   1.00 28.37  ? 23  A   A N9    1 
ATOM   160  C  C8    . A   A 1 8  ? -10.552 4.422   3.494   1.00 28.24  ? 23  A   A C8    1 
ATOM   161  N  N7    . A   A 1 8  ? -11.044 3.234   3.243   1.00 27.97  ? 23  A   A N7    1 
ATOM   162  C  C5    . A   A 1 8  ? -10.295 2.786   2.165   1.00 27.47  ? 23  A   A C5    1 
ATOM   163  C  C6    . A   A 1 8  ? -10.321 1.593   1.434   1.00 27.61  ? 23  A   A C6    1 
ATOM   164  N  N6    . A   A 1 8  ? -11.166 0.593   1.684   1.00 26.51  ? 23  A   A N6    1 
ATOM   165  N  N1    . A   A 1 8  ? -9.439  1.459   0.420   1.00 28.13  ? 23  A   A N1    1 
ATOM   166  C  C2    . A   A 1 8  ? -8.599  2.467   0.163   1.00 27.21  ? 23  A   A C2    1 
ATOM   167  N  N3    . A   A 1 8  ? -8.480  3.638   0.779   1.00 28.84  ? 23  A   A N3    1 
ATOM   168  C  C4    . A   A 1 8  ? -9.365  3.735   1.786   1.00 27.88  ? 23  A   A C4    1 
ATOM   169  P  P     . A   A 1 9  ? -5.065  6.727   -0.553  1.00 35.99  ? 24  A   A P     1 
ATOM   170  O  OP1   . A   A 1 9  ? -3.915  7.668   -0.559  1.00 36.36  ? 24  A   A OP1   1 
ATOM   171  O  OP2   . A   A 1 9  ? -5.942  6.634   -1.750  1.00 34.41  ? 24  A   A OP2   1 
ATOM   172  O  "O5'" . A   A 1 9  ? -4.535  5.260   -0.238  1.00 34.54  ? 24  A   A "O5'" 1 
ATOM   173  C  "C5'" . A   A 1 9  ? -5.396  4.135   -0.358  1.00 33.08  ? 24  A   A "C5'" 1 
ATOM   174  C  "C4'" . A   A 1 9  ? -4.826  3.149   -1.346  1.00 32.07  ? 24  A   A "C4'" 1 
ATOM   175  O  "O4'" . A   A 1 9  ? -4.887  3.710   -2.675  1.00 32.60  ? 24  A   A "O4'" 1 
ATOM   176  C  "C3'" . A   A 1 9  ? -3.359  2.812   -1.157  1.00 31.34  ? 24  A   A "C3'" 1 
ATOM   177  O  "O3'" . A   A 1 9  ? -3.213  1.784   -0.194  1.00 31.79  ? 24  A   A "O3'" 1 
ATOM   178  C  "C2'" . A   A 1 9  ? -2.957  2.328   -2.542  1.00 32.27  ? 24  A   A "C2'" 1 
ATOM   179  O  "O2'" . A   A 1 9  ? -3.333  0.986   -2.776  1.00 31.61  ? 24  A   A "O2'" 1 
ATOM   180  C  "C1'" . A   A 1 9  ? -3.786  3.247   -3.435  1.00 30.35  ? 24  A   A "C1'" 1 
ATOM   181  N  N9    . A   A 1 9  ? -3.073  4.409   -3.952  1.00 28.37  ? 24  A   A N9    1 
ATOM   182  C  C8    . A   A 1 9  ? -3.215  5.726   -3.581  1.00 30.32  ? 24  A   A C8    1 
ATOM   183  N  N7    . A   A 1 9  ? -2.494  6.561   -4.299  1.00 26.73  ? 24  A   A N7    1 
ATOM   184  C  C5    . A   A 1 9  ? -1.820  5.736   -5.182  1.00 27.06  ? 24  A   A C5    1 
ATOM   185  C  C6    . A   A 1 9  ? -0.927  6.009   -6.215  1.00 28.00  ? 24  A   A C6    1 
ATOM   186  N  N6    . A   A 1 9  ? -0.553  7.241   -6.554  1.00 28.66  ? 24  A   A N6    1 
ATOM   187  N  N1    . A   A 1 9  ? -0.431  4.964   -6.912  1.00 28.07  ? 24  A   A N1    1 
ATOM   188  C  C2    . A   A 1 9  ? -0.834  3.720   -6.580  1.00 28.16  ? 24  A   A C2    1 
ATOM   189  N  N3    . A   A 1 9  ? -1.684  3.335   -5.631  1.00 25.77  ? 24  A   A N3    1 
ATOM   190  C  C4    . A   A 1 9  ? -2.148  4.403   -4.962  1.00 28.24  ? 24  A   A C4    1 
ATOM   191  P  P     . U   A 1 10 ? -2.155  1.961   0.996   1.00 31.46  ? 25  U   A P     1 
ATOM   192  O  OP1   . U   A 1 10 ? -1.536  3.301   0.823   1.00 29.70  ? 25  U   A OP1   1 
ATOM   193  O  OP2   . U   A 1 10 ? -1.300  0.758   1.027   1.00 32.46  ? 25  U   A OP2   1 
ATOM   194  O  "O5'" . U   A 1 10 ? -3.051  1.921   2.316   1.00 32.36  ? 25  U   A "O5'" 1 
ATOM   195  C  "C5'" . U   A 1 10 ? -3.728  3.083   2.783   1.00 33.50  ? 25  U   A "C5'" 1 
ATOM   196  C  "C4'" . U   A 1 10 ? -5.080  2.707   3.345   1.00 35.60  ? 25  U   A "C4'" 1 
ATOM   197  O  "O4'" . U   A 1 10 ? -5.948  2.255   2.272   1.00 34.77  ? 25  U   A "O4'" 1 
ATOM   198  C  "C3'" . U   A 1 10 ? -5.093  1.545   4.324   1.00 36.78  ? 25  U   A "C3'" 1 
ATOM   199  O  "O3'" . U   A 1 10 ? -4.740  1.964   5.633   1.00 40.93  ? 25  U   A "O3'" 1 
ATOM   200  C  "C2'" . U   A 1 10 ? -6.544  1.094   4.257   1.00 36.95  ? 25  U   A "C2'" 1 
ATOM   201  O  "O2'" . U   A 1 10 ? -7.416  1.907   5.019   1.00 39.63  ? 25  U   A "O2'" 1 
ATOM   202  C  "C1'" . U   A 1 10 ? -6.846  1.277   2.770   1.00 34.28  ? 25  U   A "C1'" 1 
ATOM   203  N  N1    . U   A 1 10 ? -6.676  0.042   1.993   1.00 32.59  ? 25  U   A N1    1 
ATOM   204  C  C2    . U   A 1 10 ? -7.543  -0.997  2.257   1.00 31.98  ? 25  U   A C2    1 
ATOM   205  O  O2    . U   A 1 10 ? -8.418  -0.925  3.094   1.00 34.36  ? 25  U   A O2    1 
ATOM   206  N  N3    . U   A 1 10 ? -7.348  -2.121  1.504   1.00 31.58  ? 25  U   A N3    1 
ATOM   207  C  C4    . U   A 1 10 ? -6.394  -2.310  0.526   1.00 31.62  ? 25  U   A C4    1 
ATOM   208  O  O4    . U   A 1 10 ? -6.380  -3.367  -0.108  1.00 34.27  ? 25  U   A O4    1 
ATOM   209  C  C5    . U   A 1 10 ? -5.531  -1.194  0.313   1.00 29.89  ? 25  U   A C5    1 
ATOM   210  C  C6    . U   A 1 10 ? -5.695  -0.082  1.035   1.00 32.30  ? 25  U   A C6    1 
ATOM   211  P  P     . C   A 1 11 ? -3.853  0.998   6.565   1.00 43.35  ? 26  C   A P     1 
ATOM   212  O  OP1   . C   A 1 11 ? -3.349  1.821   7.693   1.00 44.47  ? 26  C   A OP1   1 
ATOM   213  O  OP2   . C   A 1 11 ? -2.888  0.289   5.689   1.00 44.96  ? 26  C   A OP2   1 
ATOM   214  O  "O5'" . C   A 1 11 ? -4.887  -0.084  7.114   1.00 42.38  ? 26  C   A "O5'" 1 
ATOM   215  C  "C5'" . C   A 1 11 ? -5.969  0.292   7.959   1.00 45.09  ? 26  C   A "C5'" 1 
ATOM   216  C  "C4'" . C   A 1 11 ? -6.966  -0.840  8.064   1.00 47.02  ? 26  C   A "C4'" 1 
ATOM   217  O  "O4'" . C   A 1 11 ? -7.550  -1.091  6.752   1.00 49.55  ? 26  C   A "O4'" 1 
ATOM   218  C  "C3'" . C   A 1 11 ? -6.374  -2.176  8.479   1.00 47.48  ? 26  C   A "C3'" 1 
ATOM   219  O  "O3'" . C   A 1 11 ? -6.304  -2.292  9.896   1.00 44.38  ? 26  C   A "O3'" 1 
ATOM   220  C  "C2'" . C   A 1 11 ? -7.365  -3.154  7.869   1.00 48.16  ? 26  C   A "C2'" 1 
ATOM   221  O  "O2'" . C   A 1 11 ? -8.562  -3.162  8.617   1.00 49.76  ? 26  C   A "O2'" 1 
ATOM   222  C  "C1'" . C   A 1 11 ? -7.623  -2.492  6.514   1.00 49.67  ? 26  C   A "C1'" 1 
ATOM   223  N  N1    . C   A 1 11 ? -6.619  -2.828  5.477   1.00 50.13  ? 26  C   A N1    1 
ATOM   224  C  C2    . C   A 1 11 ? -6.769  -4.006  4.723   1.00 50.57  ? 26  C   A C2    1 
ATOM   225  O  O2    . C   A 1 11 ? -7.739  -4.743  4.946   1.00 51.12  ? 26  C   A O2    1 
ATOM   226  N  N3    . C   A 1 11 ? -5.846  -4.304  3.766   1.00 50.31  ? 26  C   A N3    1 
ATOM   227  C  C4    . C   A 1 11 ? -4.815  -3.476  3.550   1.00 49.83  ? 26  C   A C4    1 
ATOM   228  N  N4    . C   A 1 11 ? -3.936  -3.789  2.590   1.00 44.69  ? 26  C   A N4    1 
ATOM   229  C  C5    . C   A 1 11 ? -4.638  -2.280  4.307   1.00 50.63  ? 26  C   A C5    1 
ATOM   230  C  C6    . C   A 1 11 ? -5.554  -1.999  5.248   1.00 50.87  ? 26  C   A C6    1 
ATOM   231  P  P     . G   A 1 12 ? -5.091  -3.113  10.568  1.00 42.20  ? 27  G   A P     1 
ATOM   232  O  OP1   . G   A 1 12 ? -4.909  -2.607  11.955  1.00 39.05  ? 27  G   A OP1   1 
ATOM   233  O  OP2   . G   A 1 12 ? -3.939  -3.121  9.629   1.00 40.38  ? 27  G   A OP2   1 
ATOM   234  O  "O5'" . G   A 1 12 ? -5.640  -4.602  10.636  1.00 41.06  ? 27  G   A "O5'" 1 
ATOM   235  C  "C5'" . G   A 1 12 ? -6.726  -4.929  11.486  1.00 37.55  ? 27  G   A "C5'" 1 
ATOM   236  C  "C4'" . G   A 1 12 ? -7.230  -6.312  11.170  1.00 36.43  ? 27  G   A "C4'" 1 
ATOM   237  O  "O4'" . G   A 1 12 ? -7.766  -6.343  9.819   1.00 33.46  ? 27  G   A "O4'" 1 
ATOM   238  C  "C3'" . G   A 1 12 ? -6.176  -7.401  11.124  1.00 34.74  ? 27  G   A "C3'" 1 
ATOM   239  O  "O3'" . G   A 1 12 ? -5.794  -7.849  12.410  1.00 34.07  ? 27  G   A "O3'" 1 
ATOM   240  C  "C2'" . G   A 1 12 ? -6.917  -8.483  10.366  1.00 34.89  ? 27  G   A "C2'" 1 
ATOM   241  O  "O2'" . G   A 1 12 ? -7.876  -9.134  11.171  1.00 37.35  ? 27  G   A "O2'" 1 
ATOM   242  C  "C1'" . G   A 1 12 ? -7.612  -7.651  9.291   1.00 35.27  ? 27  G   A "C1'" 1 
ATOM   243  N  N9    . G   A 1 12 ? -6.772  -7.587  8.102   1.00 34.29  ? 27  G   A N9    1 
ATOM   244  C  C8    . G   A 1 12 ? -5.976  -6.549  7.680   1.00 34.12  ? 27  G   A C8    1 
ATOM   245  N  N7    . G   A 1 12 ? -5.347  -6.810  6.563   1.00 34.61  ? 27  G   A N7    1 
ATOM   246  C  C5    . G   A 1 12 ? -5.756  -8.096  6.232   1.00 33.99  ? 27  G   A C5    1 
ATOM   247  C  C6    . G   A 1 12 ? -5.418  -8.918  5.119   1.00 32.83  ? 27  G   A C6    1 
ATOM   248  O  O6    . G   A 1 12 ? -4.684  -8.654  4.157   1.00 33.12  ? 27  G   A O6    1 
ATOM   249  N  N1    . G   A 1 12 ? -6.048  -10.157 5.191   1.00 30.06  ? 27  G   A N1    1 
ATOM   250  C  C2    . G   A 1 12 ? -6.907  -10.552 6.190   1.00 31.25  ? 27  G   A C2    1 
ATOM   251  N  N2    . G   A 1 12 ? -7.432  -11.783 6.078   1.00 28.48  ? 27  G   A N2    1 
ATOM   252  N  N3    . G   A 1 12 ? -7.235  -9.793  7.225   1.00 31.73  ? 27  G   A N3    1 
ATOM   253  C  C4    . G   A 1 12 ? -6.628  -8.589  7.180   1.00 33.52  ? 27  G   A C4    1 
ATOM   254  P  P     . C   A 1 13 ? -4.246  -8.146  12.710  1.00 35.53  ? 28  C   A P     1 
ATOM   255  O  OP1   . C   A 1 13 ? -4.149  -8.510  14.143  1.00 34.03  ? 28  C   A OP1   1 
ATOM   256  O  OP2   . C   A 1 13 ? -3.475  -6.986  12.199  1.00 34.68  ? 28  C   A OP2   1 
ATOM   257  O  "O5'" . C   A 1 13 ? -3.882  -9.405  11.783  1.00 35.11  ? 28  C   A "O5'" 1 
ATOM   258  C  "C5'" . C   A 1 13 ? -4.441  -10.681 12.061  1.00 35.22  ? 28  C   A "C5'" 1 
ATOM   259  C  "C4'" . C   A 1 13 ? -4.133  -11.707 10.971  1.00 32.19  ? 28  C   A "C4'" 1 
ATOM   260  O  "O4'" . C   A 1 13 ? -4.680  -11.304 9.685   1.00 29.90  ? 28  C   A "O4'" 1 
ATOM   261  C  "C3'" . C   A 1 13 ? -2.720  -12.141 10.584  1.00 29.92  ? 28  C   A "C3'" 1 
ATOM   262  O  "O3'" . C   A 1 13 ? -2.072  -12.979 11.555  1.00 30.70  ? 28  C   A "O3'" 1 
ATOM   263  C  "C2'" . C   A 1 13 ? -3.056  -12.994 9.371   1.00 29.46  ? 28  C   A "C2'" 1 
ATOM   264  O  "O2'" . C   A 1 13 ? -3.653  -14.199 9.792   1.00 29.41  ? 28  C   A "O2'" 1 
ATOM   265  C  "C1'" . C   A 1 13 ? -4.139  -12.154 8.685   1.00 28.40  ? 28  C   A "C1'" 1 
ATOM   266  N  N1    . C   A 1 13 ? -3.538  -11.359 7.602   1.00 27.38  ? 28  C   A N1    1 
ATOM   267  C  C2    . C   A 1 13 ? -3.403  -11.961 6.344   1.00 27.31  ? 28  C   A C2    1 
ATOM   268  O  O2    . C   A 1 13 ? -3.943  -13.068 6.147   1.00 24.79  ? 28  C   A O2    1 
ATOM   269  N  N3    . C   A 1 13 ? -2.709  -11.319 5.373   1.00 27.57  ? 28  C   A N3    1 
ATOM   270  C  C4    . C   A 1 13 ? -2.205  -10.111 5.606   1.00 28.53  ? 28  C   A C4    1 
ATOM   271  N  N4    . C   A 1 13 ? -1.482  -9.542  4.638   1.00 27.58  ? 28  C   A N4    1 
ATOM   272  C  C5    . C   A 1 13 ? -2.405  -9.437  6.851   1.00 28.16  ? 28  C   A C5    1 
ATOM   273  C  C6    . C   A 1 13 ? -3.069  -10.095 7.814   1.00 25.23  ? 28  C   A C6    1 
ATOM   274  P  P     . G   A 1 14 ? -0.611  -13.603 11.240  1.00 32.00  ? 29  G   A P     1 
ATOM   275  O  OP1   . G   A 1 14 ? -0.097  -14.289 12.450  1.00 32.17  ? 29  G   A OP1   1 
ATOM   276  O  OP2   . G   A 1 14 ? 0.223   -12.556 10.597  1.00 32.98  ? 29  G   A OP2   1 
ATOM   277  O  "O5'" . G   A 1 14 ? -0.883  -14.715 10.125  1.00 33.31  ? 29  G   A "O5'" 1 
ATOM   278  C  "C5'" . G   A 1 14 ? -1.538  -15.942 10.446  1.00 30.24  ? 29  G   A "C5'" 1 
ATOM   279  C  "C4'" . G   A 1 14 ? -1.423  -16.920 9.294   1.00 27.46  ? 29  G   A "C4'" 1 
ATOM   280  O  "O4'" . G   A 1 14 ? -2.052  -16.355 8.114   1.00 28.24  ? 29  G   A "O4'" 1 
ATOM   281  C  "C3'" . G   A 1 14 ? -0.007  -17.248 8.856   1.00 26.79  ? 29  G   A "C3'" 1 
ATOM   282  O  "O3'" . G   A 1 14 ? 0.512   -18.320 9.626   1.00 24.66  ? 29  G   A "O3'" 1 
ATOM   283  C  "C2'" . G   A 1 14 ? -0.208  -17.656 7.403   1.00 27.77  ? 29  G   A "C2'" 1 
ATOM   284  O  "O2'" . G   A 1 14 ? -0.710  -18.968 7.276   1.00 29.29  ? 29  G   A "O2'" 1 
ATOM   285  C  "C1'" . G   A 1 14 ? -1.285  -16.669 6.961   1.00 28.71  ? 29  G   A "C1'" 1 
ATOM   286  N  N9    . G   A 1 14 ? -0.726  -15.428 6.430   1.00 29.22  ? 29  G   A N9    1 
ATOM   287  C  C8    . G   A 1 14 ? -0.659  -14.212 7.065   1.00 31.49  ? 29  G   A C8    1 
ATOM   288  N  N7    . G   A 1 14 ? -0.097  -13.281 6.338   1.00 32.42  ? 29  G   A N7    1 
ATOM   289  C  C5    . G   A 1 14 ? 0.219   -13.923 5.151   1.00 32.39  ? 29  G   A C5    1 
ATOM   290  C  C6    . G   A 1 14 ? 0.841   -13.425 3.972   1.00 32.60  ? 29  G   A C6    1 
ATOM   291  O  O6    . G   A 1 14 ? 1.254   -12.278 3.736   1.00 32.82  ? 29  G   A O6    1 
ATOM   292  N  N1    . G   A 1 14 ? 0.968   -14.419 3.008   1.00 31.13  ? 29  G   A N1    1 
ATOM   293  C  C2    . G   A 1 14 ? 0.560   -15.722 3.162   1.00 32.22  ? 29  G   A C2    1 
ATOM   294  N  N2    . G   A 1 14 ? 0.779   -16.543 2.121   1.00 33.15  ? 29  G   A N2    1 
ATOM   295  N  N3    . G   A 1 14 ? -0.019  -16.193 4.251   1.00 30.63  ? 29  G   A N3    1 
ATOM   296  C  C4    . G   A 1 14 ? -0.159  -15.249 5.196   1.00 30.22  ? 29  G   A C4    1 
ATOM   297  P  P     . U   A 1 15 ? 1.996   -18.225 10.215  1.00 25.41  ? 30  U   A P     1 
ATOM   298  O  OP1   . U   A 1 15 ? 2.170   -19.254 11.270  1.00 25.96  ? 30  U   A OP1   1 
ATOM   299  O  OP2   . U   A 1 15 ? 2.290   -16.815 10.519  1.00 22.64  ? 30  U   A OP2   1 
ATOM   300  O  "O5'" . U   A 1 15 ? 2.914   -18.608 8.975   1.00 27.38  ? 30  U   A "O5'" 1 
ATOM   301  C  "C5'" . U   A 1 15 ? 2.849   -19.896 8.402   1.00 25.25  ? 30  U   A "C5'" 1 
ATOM   302  C  "C4'" . U   A 1 15 ? 3.479   -19.878 7.033   1.00 27.46  ? 30  U   A "C4'" 1 
ATOM   303  O  "O4'" . U   A 1 15 ? 2.700   -19.035 6.136   1.00 26.92  ? 30  U   A "O4'" 1 
ATOM   304  C  "C3'" . U   A 1 15 ? 4.864   -19.256 6.940   1.00 26.33  ? 30  U   A "C3'" 1 
ATOM   305  O  "O3'" . U   A 1 15 ? 5.862   -20.145 7.395   1.00 27.31  ? 30  U   A "O3'" 1 
ATOM   306  C  "C2'" . U   A 1 15 ? 4.959   -19.029 5.448   1.00 26.59  ? 30  U   A "C2'" 1 
ATOM   307  O  "O2'" . U   A 1 15 ? 5.082   -20.246 4.749   1.00 29.70  ? 30  U   A "O2'" 1 
ATOM   308  C  "C1'" . U   A 1 15 ? 3.571   -18.471 5.164   1.00 26.52  ? 30  U   A "C1'" 1 
ATOM   309  N  N1    . U   A 1 15 ? 3.562   -17.007 5.290   1.00 27.20  ? 30  U   A N1    1 
ATOM   310  C  C2    . U   A 1 15 ? 4.041   -16.285 4.207   1.00 27.20  ? 30  U   A C2    1 
ATOM   311  O  O2    . U   A 1 15 ? 4.450   -16.818 3.187   1.00 24.15  ? 30  U   A O2    1 
ATOM   312  N  N3    . U   A 1 15 ? 4.026   -14.922 4.365   1.00 27.44  ? 30  U   A N3    1 
ATOM   313  C  C4    . U   A 1 15 ? 3.596   -14.216 5.477   1.00 30.05  ? 30  U   A C4    1 
ATOM   314  O  O4    . U   A 1 15 ? 3.663   -12.983 5.473   1.00 29.09  ? 30  U   A O4    1 
ATOM   315  C  C5    . U   A 1 15 ? 3.111   -15.033 6.557   1.00 28.98  ? 30  U   A C5    1 
ATOM   316  C  C6    . U   A 1 15 ? 3.111   -16.369 6.427   1.00 28.21  ? 30  U   A C6    1 
ATOM   317  P  P     . G   A 1 16 ? 7.129   -19.580 8.203   1.00 25.35  ? 31  G   A P     1 
ATOM   318  O  OP1   . G   A 1 16 ? 7.760   -20.740 8.872   1.00 28.25  ? 31  G   A OP1   1 
ATOM   319  O  OP2   . G   A 1 16 ? 6.746   -18.392 9.004   1.00 29.00  ? 31  G   A OP2   1 
ATOM   320  O  "O5'" . G   A 1 16 ? 8.106   -19.082 7.055   1.00 28.43  ? 31  G   A "O5'" 1 
ATOM   321  C  "C5'" . G   A 1 16 ? 8.549   -19.979 6.047   1.00 27.30  ? 31  G   A "C5'" 1 
ATOM   322  C  "C4'" . G   A 1 16 ? 8.956   -19.220 4.807   1.00 28.16  ? 31  G   A "C4'" 1 
ATOM   323  O  "O4'" . G   A 1 16 ? 7.830   -18.448 4.315   1.00 28.71  ? 31  G   A "O4'" 1 
ATOM   324  C  "C3'" . G   A 1 16 ? 10.035  -18.163 4.964   1.00 28.46  ? 31  G   A "C3'" 1 
ATOM   325  O  "O3'" . G   A 1 16 ? 11.338  -18.710 5.001   1.00 28.82  ? 31  G   A "O3'" 1 
ATOM   326  C  "C2'" . G   A 1 16 ? 9.833   -17.359 3.698   1.00 28.35  ? 31  G   A "C2'" 1 
ATOM   327  O  "O2'" . G   A 1 16 ? 10.338  -18.028 2.564   1.00 29.08  ? 31  G   A "O2'" 1 
ATOM   328  C  "C1'" . G   A 1 16 ? 8.309   -17.290 3.651   1.00 28.31  ? 31  G   A "C1'" 1 
ATOM   329  N  N9    . G   A 1 16 ? 7.861   -16.115 4.389   1.00 30.84  ? 31  G   A N9    1 
ATOM   330  C  C8    . G   A 1 16 ? 7.267   -16.064 5.629   1.00 28.98  ? 31  G   A C8    1 
ATOM   331  N  N7    . G   A 1 16 ? 7.011   -14.844 6.020   1.00 30.44  ? 31  G   A N7    1 
ATOM   332  C  C5    . G   A 1 16 ? 7.462   -14.048 4.974   1.00 30.27  ? 31  G   A C5    1 
ATOM   333  C  C6    . G   A 1 16 ? 7.462   -12.632 4.822   1.00 32.38  ? 31  G   A C6    1 
ATOM   334  O  O6    . G   A 1 16 ? 7.055   -11.774 5.618   1.00 35.70  ? 31  G   A O6    1 
ATOM   335  N  N1    . G   A 1 16 ? 8.016   -12.248 3.600   1.00 29.36  ? 31  G   A N1    1 
ATOM   336  C  C2    . G   A 1 16 ? 8.516   -13.117 2.651   1.00 30.15  ? 31  G   A C2    1 
ATOM   337  N  N2    . G   A 1 16 ? 9.029   -12.574 1.527   1.00 27.14  ? 31  G   A N2    1 
ATOM   338  N  N3    . G   A 1 16 ? 8.519   -14.429 2.790   1.00 28.19  ? 31  G   A N3    1 
ATOM   339  C  C4    . G   A 1 16 ? 7.981   -14.819 3.961   1.00 28.55  ? 31  G   A C4    1 
ATOM   340  P  P     . G   A 1 17 ? 12.523  -17.854 5.643   1.00 30.41  ? 32  G   A P     1 
ATOM   341  O  OP1   . G   A 1 17 ? 13.801  -18.595 5.490   1.00 30.43  ? 32  G   A OP1   1 
ATOM   342  O  OP2   . G   A 1 17 ? 12.077  -17.431 6.989   1.00 31.22  ? 32  G   A OP2   1 
ATOM   343  O  "O5'" . G   A 1 17 ? 12.595  -16.566 4.710   1.00 30.96  ? 32  G   A "O5'" 1 
ATOM   344  C  "C5'" . G   A 1 17 ? 13.121  -16.652 3.390   1.00 29.22  ? 32  G   A "C5'" 1 
ATOM   345  C  "C4'" . G   A 1 17 ? 13.327  -15.271 2.825   1.00 27.88  ? 32  G   A "C4'" 1 
ATOM   346  O  "O4'" . G   A 1 17 ? 12.045  -14.592 2.734   1.00 28.57  ? 32  G   A "O4'" 1 
ATOM   347  C  "C3'" . G   A 1 17 ? 14.144  -14.342 3.699   1.00 28.99  ? 32  G   A "C3'" 1 
ATOM   348  O  "O3'" . G   A 1 17 ? 15.533  -14.578 3.564   1.00 27.10  ? 32  G   A "O3'" 1 
ATOM   349  C  "C2'" . G   A 1 17 ? 13.716  -12.981 3.176   1.00 29.11  ? 32  G   A "C2'" 1 
ATOM   350  O  "O2'" . G   A 1 17 ? 14.284  -12.700 1.912   1.00 32.43  ? 32  G   A "O2'" 1 
ATOM   351  C  "C1'" . G   A 1 17 ? 12.216  -13.207 3.006   1.00 27.82  ? 32  G   A "C1'" 1 
ATOM   352  N  N9    . G   A 1 17 ? 11.453  -12.872 4.207   1.00 28.12  ? 32  G   A N9    1 
ATOM   353  C  C8    . G   A 1 17 ? 10.877  -13.743 5.102   1.00 27.73  ? 32  G   A C8    1 
ATOM   354  N  N7    . G   A 1 17 ? 10.256  -13.138 6.078   1.00 26.69  ? 32  G   A N7    1 
ATOM   355  C  C5    . G   A 1 17 ? 10.431  -11.788 5.810   1.00 27.16  ? 32  G   A C5    1 
ATOM   356  C  C6    . G   A 1 17 ? 9.976   -10.637 6.519   1.00 27.82  ? 32  G   A C6    1 
ATOM   357  O  O6    . G   A 1 17 ? 9.298   -10.583 7.552   1.00 27.85  ? 32  G   A O6    1 
ATOM   358  N  N1    . G   A 1 17 ? 10.385  -9.462  5.901   1.00 26.79  ? 32  G   A N1    1 
ATOM   359  C  C2    . G   A 1 17 ? 11.133  -9.395  4.750   1.00 29.46  ? 32  G   A C2    1 
ATOM   360  N  N2    . G   A 1 17 ? 11.431  -8.164  4.306   1.00 28.64  ? 32  G   A N2    1 
ATOM   361  N  N3    . G   A 1 17 ? 11.560  -10.459 4.079   1.00 29.56  ? 32  G   A N3    1 
ATOM   362  C  C4    . G   A 1 17 ? 11.173  -11.610 4.661   1.00 27.04  ? 32  G   A C4    1 
ATOM   363  P  P     . A   A 1 18 ? 16.523  -14.089 4.719   1.00 29.13  ? 33  A   A P     1 
ATOM   364  O  OP1   . A   A 1 18 ? 17.868  -14.661 4.462   1.00 29.49  ? 33  A   A OP1   1 
ATOM   365  O  OP2   . A   A 1 18 ? 15.855  -14.350 6.016   1.00 29.04  ? 33  A   A OP2   1 
ATOM   366  O  "O5'" . A   A 1 18 ? 16.578  -12.511 4.494   1.00 29.34  ? 33  A   A "O5'" 1 
ATOM   367  C  "C5'" . A   A 1 18 ? 16.960  -11.974 3.231   1.00 31.31  ? 33  A   A "C5'" 1 
ATOM   368  C  "C4'" . A   A 1 18 ? 16.895  -10.462 3.248   1.00 31.30  ? 33  A   A "C4'" 1 
ATOM   369  O  "O4'" . A   A 1 18 ? 15.521  -10.039 3.439   1.00 29.26  ? 33  A   A "O4'" 1 
ATOM   370  C  "C3'" . A   A 1 18 ? 17.627  -9.750  4.374   1.00 32.49  ? 33  A   A "C3'" 1 
ATOM   371  O  "O3'" . A   A 1 18 ? 19.033  -9.670  4.143   1.00 34.06  ? 33  A   A "O3'" 1 
ATOM   372  C  "C2'" . A   A 1 18 ? 16.959  -8.383  4.335   1.00 31.23  ? 33  A   A "C2'" 1 
ATOM   373  O  "O2'" . A   A 1 18 ? 17.397  -7.596  3.243   1.00 30.36  ? 33  A   A "O2'" 1 
ATOM   374  C  "C1'" . A   A 1 18 ? 15.507  -8.775  4.078   1.00 29.51  ? 33  A   A "C1'" 1 
ATOM   375  N  N9    . A   A 1 18 ? 14.697  -8.858  5.293   1.00 29.42  ? 33  A   A N9    1 
ATOM   376  C  C8    . A   A 1 18 ? 14.169  -9.961  5.922   1.00 27.86  ? 33  A   A C8    1 
ATOM   377  N  N7    . A   A 1 18 ? 13.434  -9.669  6.968   1.00 27.61  ? 33  A   A N7    1 
ATOM   378  C  C5    . A   A 1 18 ? 13.488  -8.286  7.037   1.00 26.74  ? 33  A   A C5    1 
ATOM   379  C  C6    . A   A 1 18 ? 12.896  -7.355  7.909   1.00 26.11  ? 33  A   A C6    1 
ATOM   380  N  N6    . A   A 1 18 ? 12.058  -7.681  8.896   1.00 24.73  ? 33  A   A N6    1 
ATOM   381  N  N1    . A   A 1 18 ? 13.182  -6.050  7.716   1.00 26.29  ? 33  A   A N1    1 
ATOM   382  C  C2    . A   A 1 18 ? 13.980  -5.710  6.699   1.00 26.15  ? 33  A   A C2    1 
ATOM   383  N  N3    . A   A 1 18 ? 14.572  -6.489  5.800   1.00 26.18  ? 33  A   A N3    1 
ATOM   384  C  C4    . A   A 1 18 ? 14.284  -7.778  6.027   1.00 27.03  ? 33  A   A C4    1 
ATOM   385  P  P     . U   A 1 19 ? 20.046  -9.785  5.383   1.00 34.35  ? 34  U   A P     1 
ATOM   386  O  OP1   . U   A 1 19 ? 21.429  -9.887  4.845   1.00 34.50  ? 34  U   A OP1   1 
ATOM   387  O  OP2   . U   A 1 19 ? 19.525  -10.859 6.275   1.00 34.59  ? 34  U   A OP2   1 
ATOM   388  O  "O5'" . U   A 1 19 ? 19.872  -8.398  6.161   1.00 34.10  ? 34  U   A "O5'" 1 
ATOM   389  C  "C5'" . U   A 1 19 ? 19.856  -7.166  5.449   1.00 31.85  ? 34  U   A "C5'" 1 
ATOM   390  C  "C4'" . U   A 1 19 ? 19.423  -6.011  6.340   1.00 30.96  ? 34  U   A "C4'" 1 
ATOM   391  O  "O4'" . U   A 1 19 ? 18.055  -6.208  6.791   1.00 29.98  ? 34  U   A "O4'" 1 
ATOM   392  C  "C3'" . U   A 1 19 ? 20.268  -5.901  7.607   1.00 30.55  ? 34  U   A "C3'" 1 
ATOM   393  O  "O3'" . U   A 1 19 ? 20.628  -4.554  7.860   1.00 30.70  ? 34  U   A "O3'" 1 
ATOM   394  C  "C2'" . U   A 1 19 ? 19.448  -6.563  8.715   1.00 30.41  ? 34  U   A "C2'" 1 
ATOM   395  O  "O2'" . U   A 1 19 ? 19.478  -5.899  9.965   1.00 29.58  ? 34  U   A "O2'" 1 
ATOM   396  C  "C1'" . U   A 1 19 ? 18.031  -6.384  8.186   1.00 28.31  ? 34  U   A "C1'" 1 
ATOM   397  N  N1    . U   A 1 19 ? 17.065  -7.406  8.584   1.00 26.91  ? 34  U   A N1    1 
ATOM   398  C  C2    . U   A 1 19 ? 16.109  -7.007  9.499   1.00 28.16  ? 34  U   A C2    1 
ATOM   399  O  O2    . U   A 1 19 ? 15.992  -5.841  9.865   1.00 25.45  ? 34  U   A O2    1 
ATOM   400  N  N3    . U   A 1 19 ? 15.297  -8.008  9.962   1.00 25.25  ? 34  U   A N3    1 
ATOM   401  C  C4    . U   A 1 19 ? 15.334  -9.332  9.598   1.00 26.20  ? 34  U   A C4    1 
ATOM   402  O  O4    . U   A 1 19 ? 14.634  -10.141 10.206  1.00 27.87  ? 34  U   A O4    1 
ATOM   403  C  C5    . U   A 1 19 ? 16.311  -9.650  8.599   1.00 25.04  ? 34  U   A C5    1 
ATOM   404  C  C6    . U   A 1 19 ? 17.122  -8.693  8.135   1.00 25.64  ? 34  U   A C6    1 
ATOM   405  P  P     . A   A 1 20 ? 22.161  -4.128  7.977   1.00 33.79  ? 35  A   A P     1 
ATOM   406  O  OP1   . A   A 1 20 ? 22.862  -4.694  6.792   1.00 30.15  ? 35  A   A OP1   1 
ATOM   407  O  OP2   . A   A 1 20 ? 22.635  -4.460  9.342   1.00 31.26  ? 35  A   A OP2   1 
ATOM   408  O  "O5'" . A   A 1 20 ? 22.074  -2.537  7.845   1.00 32.13  ? 35  A   A "O5'" 1 
ATOM   409  C  "C5'" . A   A 1 20 ? 21.324  -1.951  6.785   1.00 31.35  ? 35  A   A "C5'" 1 
ATOM   410  C  "C4'" . A   A 1 20 ? 21.077  -0.474  7.026   1.00 32.52  ? 35  A   A "C4'" 1 
ATOM   411  O  "O4'" . A   A 1 20 ? 20.058  -0.301  8.043   1.00 33.27  ? 35  A   A "O4'" 1 
ATOM   412  C  "C3'" . A   A 1 20 ? 22.313  0.245   7.548   1.00 32.19  ? 35  A   A "C3'" 1 
ATOM   413  O  "O3'" . A   A 1 20 ? 22.664  1.421   6.831   1.00 30.70  ? 35  A   A "O3'" 1 
ATOM   414  C  "C2'" . A   A 1 20 ? 22.132  0.370   9.059   1.00 33.96  ? 35  A   A "C2'" 1 
ATOM   415  O  "O2'" . A   A 1 20 ? 22.503  1.646   9.545   1.00 36.76  ? 35  A   A "O2'" 1 
ATOM   416  C  "C1'" . A   A 1 20 ? 20.615  0.280   9.199   1.00 33.08  ? 35  A   A "C1'" 1 
ATOM   417  N  N9    . A   A 1 20 ? 20.081  -0.382  10.383  1.00 33.41  ? 35  A   A N9    1 
ATOM   418  C  C8    . A   A 1 20 ? 19.657  -1.675  10.532  1.00 33.60  ? 35  A   A C8    1 
ATOM   419  N  N7    . A   A 1 20 ? 19.204  -1.945  11.732  1.00 34.63  ? 35  A   A N7    1 
ATOM   420  C  C5    . A   A 1 20 ? 19.350  -0.746  12.419  1.00 34.15  ? 35  A   A C5    1 
ATOM   421  C  C6    . A   A 1 20 ? 19.060  -0.371  13.741  1.00 34.54  ? 35  A   A C6    1 
ATOM   422  N  N6    . A   A 1 20 ? 18.562  -1.205  14.654  1.00 34.42  ? 35  A   A N6    1 
ATOM   423  N  N1    . A   A 1 20 ? 19.311  0.905   14.100  1.00 33.79  ? 35  A   A N1    1 
ATOM   424  C  C2    . A   A 1 20 ? 19.833  1.733   13.190  1.00 33.36  ? 35  A   A C2    1 
ATOM   425  N  N3    . A   A 1 20 ? 20.161  1.495   11.927  1.00 32.83  ? 35  A   A N3    1 
ATOM   426  C  C4    . A   A 1 20 ? 19.890  0.222   11.600  1.00 32.74  ? 35  A   A C4    1 
ATOM   427  P  P     . U   A 1 21 ? 23.720  1.340   5.629   1.00 30.34  ? 36  U   A P     1 
ATOM   428  O  OP1   . U   A 1 21 ? 24.911  0.654   6.172   1.00 26.68  ? 36  U   A OP1   1 
ATOM   429  O  OP2   . U   A 1 21 ? 23.857  2.705   5.063   1.00 32.77  ? 36  U   A OP2   1 
ATOM   430  O  "O5'" . U   A 1 21 ? 22.983  0.423   4.546   1.00 29.33  ? 36  U   A "O5'" 1 
ATOM   431  C  "C5'" . U   A 1 21 ? 22.393  0.971   3.353   1.00 28.03  ? 36  U   A "C5'" 1 
ATOM   432  C  "C4'" . U   A 1 21 ? 22.728  0.070   2.191   1.00 29.47  ? 36  U   A "C4'" 1 
ATOM   433  O  "O4'" . U   A 1 21 ? 24.157  0.038   2.071   1.00 31.41  ? 36  U   A "O4'" 1 
ATOM   434  C  "C3'" . U   A 1 21 ? 22.270  -1.369  2.418   1.00 29.83  ? 36  U   A "C3'" 1 
ATOM   435  O  "O3'" . U   A 1 21 ? 21.458  -1.796  1.325   1.00 29.40  ? 36  U   A "O3'" 1 
ATOM   436  C  "C2'" . U   A 1 21 ? 23.503  -2.245  2.195   1.00 30.35  ? 36  U   A "C2'" 1 
ATOM   437  O  "O2'" . U   A 1 21 ? 23.282  -3.238  1.217   1.00 35.45  ? 36  U   A "O2'" 1 
ATOM   438  C  "C1'" . U   A 1 21 ? 24.541  -1.246  1.686   1.00 29.20  ? 36  U   A "C1'" 1 
ATOM   439  N  N1    . U   A 1 21 ? 25.927  -1.482  2.077   1.00 28.69  ? 36  U   A N1    1 
ATOM   440  C  C2    . U   A 1 21 ? 26.704  -2.157  1.165   1.00 28.26  ? 36  U   A C2    1 
ATOM   441  O  O2    . U   A 1 21 ? 26.267  -2.544  0.091   1.00 26.75  ? 36  U   A O2    1 
ATOM   442  N  N3    . U   A 1 21 ? 28.002  -2.362  1.554   1.00 26.01  ? 36  U   A N3    1 
ATOM   443  C  C4    . U   A 1 21 ? 28.577  -1.972  2.735   1.00 24.52  ? 36  U   A C4    1 
ATOM   444  O  O4    . U   A 1 21 ? 29.752  -2.268  2.961   1.00 25.60  ? 36  U   A O4    1 
ATOM   445  C  C5    . U   A 1 21 ? 27.701  -1.274  3.626   1.00 25.04  ? 36  U   A C5    1 
ATOM   446  C  C6    . U   A 1 21 ? 26.434  -1.061  3.274   1.00 25.07  ? 36  U   A C6    1 
ATOM   447  P  P     . G   A 1 22 ? 20.036  -1.144  1.035   1.00 30.88  ? 37  G   A P     1 
ATOM   448  O  OP1   . G   A 1 22 ? 19.813  -1.238  -0.424  1.00 29.02  ? 37  G   A OP1   1 
ATOM   449  O  OP2   . G   A 1 22 ? 19.962  0.178   1.705   1.00 34.55  ? 37  G   A OP2   1 
ATOM   450  O  "O5'" . G   A 1 22 ? 19.047  -2.166  1.746   1.00 30.34  ? 37  G   A "O5'" 1 
ATOM   451  C  "C5'" . G   A 1 22 ? 19.141  -3.563  1.488   1.00 29.06  ? 37  G   A "C5'" 1 
ATOM   452  C  "C4'" . G   A 1 22 ? 18.172  -4.310  2.366   1.00 28.12  ? 37  G   A "C4'" 1 
ATOM   453  O  "O4'" . G   A 1 22 ? 18.582  -4.189  3.755   1.00 28.99  ? 37  G   A "O4'" 1 
ATOM   454  C  "C3'" . G   A 1 22 ? 16.760  -3.754  2.328   1.00 29.32  ? 37  G   A "C3'" 1 
ATOM   455  O  "O3'" . G   A 1 22 ? 16.031  -4.314  1.241   1.00 26.10  ? 37  G   A "O3'" 1 
ATOM   456  C  "C2'" . G   A 1 22 ? 16.218  -4.170  3.687   1.00 28.60  ? 37  G   A "C2'" 1 
ATOM   457  O  "O2'" . G   A 1 22 ? 15.865  -5.536  3.697   1.00 29.40  ? 37  G   A "O2'" 1 
ATOM   458  C  "C1'" . G   A 1 22 ? 17.446  -3.957  4.576   1.00 29.09  ? 37  G   A "C1'" 1 
ATOM   459  N  N9    . G   A 1 22 ? 17.561  -2.600  5.104   1.00 29.34  ? 37  G   A N9    1 
ATOM   460  C  C8    . G   A 1 22 ? 18.086  -1.519  4.441   1.00 28.69  ? 37  G   A C8    1 
ATOM   461  N  N7    . G   A 1 22 ? 18.081  -0.427  5.155   1.00 28.08  ? 37  G   A N7    1 
ATOM   462  C  C5    . G   A 1 22 ? 17.516  -0.803  6.361   1.00 28.37  ? 37  G   A C5    1 
ATOM   463  C  C6    . G   A 1 22 ? 17.259  -0.038  7.518   1.00 28.46  ? 37  G   A C6    1 
ATOM   464  O  O6    . G   A 1 22 ? 17.472  1.159   7.702   1.00 28.18  ? 37  G   A O6    1 
ATOM   465  N  N1    . G   A 1 22 ? 16.684  -0.805  8.525   1.00 27.24  ? 37  G   A N1    1 
ATOM   466  C  C2    . G   A 1 22 ? 16.380  -2.134  8.419   1.00 26.87  ? 37  G   A C2    1 
ATOM   467  N  N2    . G   A 1 22 ? 15.816  -2.688  9.497   1.00 24.43  ? 37  G   A N2    1 
ATOM   468  N  N3    . G   A 1 22 ? 16.610  -2.866  7.334   1.00 26.57  ? 37  G   A N3    1 
ATOM   469  C  C4    . G   A 1 22 ? 17.181  -2.140  6.351   1.00 28.30  ? 37  G   A C4    1 
ATOM   470  P  P     . G   A 1 23 ? 14.878  -3.452  0.540   1.00 28.89  ? 38  G   A P     1 
ATOM   471  O  OP1   . G   A 1 23 ? 14.356  -4.194  -0.629  1.00 24.80  ? 38  G   A OP1   1 
ATOM   472  O  OP2   . G   A 1 23 ? 15.386  -2.066  0.363   1.00 27.58  ? 38  G   A OP2   1 
ATOM   473  O  "O5'" . G   A 1 23 ? 13.751  -3.389  1.659   1.00 28.25  ? 38  G   A "O5'" 1 
ATOM   474  C  "C5'" . G   A 1 23 ? 13.100  -4.573  2.102   1.00 28.66  ? 38  G   A "C5'" 1 
ATOM   475  C  "C4'" . G   A 1 23 ? 12.230  -4.264  3.292   1.00 26.56  ? 38  G   A "C4'" 1 
ATOM   476  O  "O4'" . G   A 1 23 ? 13.068  -3.879  4.403   1.00 28.19  ? 38  G   A "O4'" 1 
ATOM   477  C  "C3'" . G   A 1 23 ? 11.274  -3.100  3.115   1.00 25.78  ? 38  G   A "C3'" 1 
ATOM   478  O  "O3'" . G   A 1 23 ? 10.099  -3.595  2.494   1.00 28.65  ? 38  G   A "O3'" 1 
ATOM   479  C  "C2'" . G   A 1 23 ? 11.034  -2.674  4.558   1.00 27.49  ? 38  G   A "C2'" 1 
ATOM   480  O  "O2'" . G   A 1 23 ? 10.089  -3.461  5.259   1.00 26.49  ? 38  G   A "O2'" 1 
ATOM   481  C  "C1'" . G   A 1 23 ? 12.413  -2.899  5.173   1.00 28.33  ? 38  G   A "C1'" 1 
ATOM   482  N  N9    . G   A 1 23 ? 13.222  -1.695  5.137   1.00 31.52  ? 38  G   A N9    1 
ATOM   483  C  C8    . G   A 1 23 ? 13.866  -1.159  4.048   1.00 31.64  ? 38  G   A C8    1 
ATOM   484  N  N7    . G   A 1 23 ? 14.479  -0.041  4.320   1.00 31.69  ? 38  G   A N7    1 
ATOM   485  C  C5    . G   A 1 23 ? 14.233  0.161   5.670   1.00 33.15  ? 38  G   A C5    1 
ATOM   486  C  C6    . G   A 1 23 ? 14.640  1.201   6.519   1.00 35.02  ? 38  G   A C6    1 
ATOM   487  O  O6    . G   A 1 23 ? 15.338  2.176   6.245   1.00 34.85  ? 38  G   A O6    1 
ATOM   488  N  N1    . G   A 1 23 ? 14.161  1.026   7.815   1.00 35.15  ? 38  G   A N1    1 
ATOM   489  C  C2    . G   A 1 23 ? 13.399  -0.035  8.237   1.00 36.26  ? 38  G   A C2    1 
ATOM   490  N  N2    . G   A 1 23 ? 13.025  -0.031  9.523   1.00 35.91  ? 38  G   A N2    1 
ATOM   491  N  N3    . G   A 1 23 ? 13.026  -1.028  7.451   1.00 35.59  ? 38  G   A N3    1 
ATOM   492  C  C4    . G   A 1 23 ? 13.470  -0.860  6.187   1.00 33.62  ? 38  G   A C4    1 
ATOM   493  P  P     . C   A 1 24 ? 9.264   -2.679  1.477   1.00 29.70  ? 39  C   A P     1 
ATOM   494  O  OP1   . C   A 1 24 ? 10.140  -1.703  0.796   1.00 27.15  ? 39  C   A OP1   1 
ATOM   495  O  OP2   . C   A 1 24 ? 8.072   -2.203  2.225   1.00 33.74  ? 39  C   A OP2   1 
ATOM   496  O  "O5'" . C   A 1 24 ? 8.707   -3.735  0.423   1.00 30.78  ? 39  C   A "O5'" 1 
ATOM   497  C  "C5'" . C   A 1 24 ? 9.444   -4.049  -0.737  1.00 30.54  ? 39  C   A "C5'" 1 
ATOM   498  C  "C4'" . C   A 1 24 ? 9.759   -5.525  -0.792  1.00 29.53  ? 39  C   A "C4'" 1 
ATOM   499  O  "O4'" . C   A 1 24 ? 10.167  -5.999  0.518   1.00 30.81  ? 39  C   A "O4'" 1 
ATOM   500  C  "C3'" . C   A 1 24 ? 8.650   -6.500  -1.134  1.00 29.20  ? 39  C   A "C3'" 1 
ATOM   501  O  "O3'" . C   A 1 24 ? 8.404   -6.504  -2.526  1.00 27.82  ? 39  C   A "O3'" 1 
ATOM   502  C  "C2'" . C   A 1 24 ? 9.303   -7.807  -0.724  1.00 28.06  ? 39  C   A "C2'" 1 
ATOM   503  O  "O2'" . C   A 1 24 ? 10.300  -8.196  -1.637  1.00 27.60  ? 39  C   A "O2'" 1 
ATOM   504  C  "C1'" . C   A 1 24 ? 9.992   -7.404  0.576   1.00 26.50  ? 39  C   A "C1'" 1 
ATOM   505  N  N1    . C   A 1 24 ? 9.165   -7.741  1.735   1.00 26.08  ? 39  C   A N1    1 
ATOM   506  C  C2    . C   A 1 24 ? 8.984   -9.089  2.034   1.00 26.31  ? 39  C   A C2    1 
ATOM   507  O  O2    . C   A 1 24 ? 9.529   -9.935  1.304   1.00 25.06  ? 39  C   A O2    1 
ATOM   508  N  N3    . C   A 1 24 ? 8.220   -9.440  3.100   1.00 22.37  ? 39  C   A N3    1 
ATOM   509  C  C4    . C   A 1 24 ? 7.652   -8.499  3.848   1.00 23.41  ? 39  C   A C4    1 
ATOM   510  N  N4    . C   A 1 24 ? 6.914   -8.896  4.896   1.00 18.49  ? 39  C   A N4    1 
ATOM   511  C  C5    . C   A 1 24 ? 7.815   -7.107  3.562   1.00 24.11  ? 39  C   A C5    1 
ATOM   512  C  C6    . C   A 1 24 ? 8.576   -6.777  2.505   1.00 26.19  ? 39  C   A C6    1 
ATOM   513  P  P     . A   A 1 25 ? 7.060   -7.162  -3.091  1.00 31.53  ? 40  A   A P     1 
ATOM   514  O  OP1   . A   A 1 25 ? 6.920   -6.776  -4.515  1.00 30.36  ? 40  A   A OP1   1 
ATOM   515  O  OP2   . A   A 1 25 ? 5.967   -6.853  -2.135  1.00 30.60  ? 40  A   A OP2   1 
ATOM   516  O  "O5'" . A   A 1 25 ? 7.322   -8.732  -3.014  1.00 28.90  ? 40  A   A "O5'" 1 
ATOM   517  C  "C5'" . A   A 1 25 ? 8.249   -9.365  -3.881  1.00 29.58  ? 40  A   A "C5'" 1 
ATOM   518  C  "C4'" . A   A 1 25 ? 8.101   -10.867 -3.794  1.00 27.38  ? 40  A   A "C4'" 1 
ATOM   519  O  "O4'" . A   A 1 25 ? 8.515   -11.334 -2.485  1.00 26.76  ? 40  A   A "O4'" 1 
ATOM   520  C  "C3'" . A   A 1 25 ? 6.674   -11.358 -3.940  1.00 28.58  ? 40  A   A "C3'" 1 
ATOM   521  O  "O3'" . A   A 1 25 ? 6.338   -11.478 -5.310  1.00 27.50  ? 40  A   A "O3'" 1 
ATOM   522  C  "C2'" . A   A 1 25 ? 6.732   -12.702 -3.232  1.00 29.26  ? 40  A   A "C2'" 1 
ATOM   523  O  "O2'" . A   A 1 25 ? 7.343   -13.697 -4.031  1.00 34.00  ? 40  A   A "O2'" 1 
ATOM   524  C  "C1'" . A   A 1 25 ? 7.646   -12.372 -2.050  1.00 27.64  ? 40  A   A "C1'" 1 
ATOM   525  N  N9    . A   A 1 25 ? 6.920   -11.887 -0.876  1.00 27.10  ? 40  A   A N9    1 
ATOM   526  C  C8    . A   A 1 25 ? 6.677   -10.571 -0.550  1.00 27.58  ? 40  A   A C8    1 
ATOM   527  N  N7    . A   A 1 25 ? 6.011   -10.418 0.571   1.00 26.67  ? 40  A   A N7    1 
ATOM   528  C  C5    . A   A 1 25 ? 5.804   -11.714 1.016   1.00 24.98  ? 40  A   A C5    1 
ATOM   529  C  C6    . A   A 1 25 ? 5.163   -12.228 2.161   1.00 24.86  ? 40  A   A C6    1 
ATOM   530  N  N6    . A   A 1 25 ? 4.617   -11.464 3.114   1.00 20.72  ? 40  A   A N6    1 
ATOM   531  N  N1    . A   A 1 25 ? 5.111   -13.574 2.297   1.00 24.24  ? 40  A   A N1    1 
ATOM   532  C  C2    . A   A 1 25 ? 5.685   -14.340 1.352   1.00 24.56  ? 40  A   A C2    1 
ATOM   533  N  N3    . A   A 1 25 ? 6.328   -13.972 0.243   1.00 24.02  ? 40  A   A N3    1 
ATOM   534  C  C4    . A   A 1 25 ? 6.351   -12.631 0.129   1.00 24.78  ? 40  A   A C4    1 
ATOM   535  P  P     . C   A 1 26 ? 4.810   -11.357 -5.761  1.00 30.17  ? 41  C   A P     1 
ATOM   536  O  OP1   . C   A 1 26 ? 4.778   -11.532 -7.237  1.00 30.75  ? 41  C   A OP1   1 
ATOM   537  O  OP2   . C   A 1 26 ? 4.229   -10.137 -5.153  1.00 30.97  ? 41  C   A OP2   1 
ATOM   538  O  "O5'" . C   A 1 26 ? 4.108   -12.614 -5.083  1.00 28.76  ? 41  C   A "O5'" 1 
ATOM   539  C  "C5'" . C   A 1 26 ? 4.251   -13.898 -5.657  1.00 29.66  ? 41  C   A "C5'" 1 
ATOM   540  C  "C4'" . C   A 1 26 ? 3.599   -14.946 -4.789  1.00 29.40  ? 41  C   A "C4'" 1 
ATOM   541  O  "O4'" . C   A 1 26 ? 4.219   -14.946 -3.476  1.00 28.57  ? 41  C   A "O4'" 1 
ATOM   542  C  "C3'" . C   A 1 26 ? 2.134   -14.757 -4.466  1.00 28.06  ? 41  C   A "C3'" 1 
ATOM   543  O  "O3'" . C   A 1 26 ? 1.302   -15.129 -5.544  1.00 28.59  ? 41  C   A "O3'" 1 
ATOM   544  C  "C2'" . C   A 1 26 ? 1.989   -15.689 -3.278  1.00 29.75  ? 41  C   A "C2'" 1 
ATOM   545  O  "O2'" . C   A 1 26 ? 2.023   -17.058 -3.633  1.00 29.75  ? 41  C   A "O2'" 1 
ATOM   546  C  "C1'" . C   A 1 26 ? 3.264   -15.358 -2.511  1.00 28.98  ? 41  C   A "C1'" 1 
ATOM   547  N  N1    . C   A 1 26 ? 3.021   -14.251 -1.573  1.00 28.52  ? 41  C   A N1    1 
ATOM   548  C  C2    . C   A 1 26 ? 2.480   -14.557 -0.340  1.00 27.04  ? 41  C   A C2    1 
ATOM   549  O  O2    . C   A 1 26 ? 2.261   -15.744 -0.073  1.00 27.43  ? 41  C   A O2    1 
ATOM   550  N  N3    . C   A 1 26 ? 2.206   -13.563 0.532   1.00 28.42  ? 41  C   A N3    1 
ATOM   551  C  C4    . C   A 1 26 ? 2.466   -12.297 0.202   1.00 29.63  ? 41  C   A C4    1 
ATOM   552  N  N4    . C   A 1 26 ? 2.171   -11.348 1.093   1.00 31.41  ? 41  C   A N4    1 
ATOM   553  C  C5    . C   A 1 26 ? 3.037   -11.948 -1.056  1.00 28.48  ? 41  C   A C5    1 
ATOM   554  C  C6    . C   A 1 26 ? 3.299   -12.950 -1.908  1.00 28.26  ? 41  C   A C6    1 
ATOM   555  P  P     . G   A 1 27 ? -0.144  -14.451 -5.691  1.00 34.00  ? 42  G   A P     1 
ATOM   556  O  OP1   . G   A 1 27 ? -0.747  -14.993 -6.946  1.00 29.29  ? 42  G   A OP1   1 
ATOM   557  O  OP2   . G   A 1 27 ? 0.013   -12.978 -5.526  1.00 29.49  ? 42  G   A OP2   1 
ATOM   558  O  "O5'" . G   A 1 27 ? -0.941  -15.021 -4.435  1.00 31.21  ? 42  G   A "O5'" 1 
ATOM   559  C  "C5'" . G   A 1 27 ? -1.183  -16.421 -4.338  1.00 32.02  ? 42  G   A "C5'" 1 
ATOM   560  C  "C4'" . G   A 1 27 ? -1.768  -16.783 -2.991  1.00 30.66  ? 42  G   A "C4'" 1 
ATOM   561  O  "O4'" . G   A 1 27 ? -0.837  -16.419 -1.945  1.00 30.42  ? 42  G   A "O4'" 1 
ATOM   562  C  "C3'" . G   A 1 27 ? -3.052  -16.090 -2.565  1.00 30.31  ? 42  G   A "C3'" 1 
ATOM   563  O  "O3'" . G   A 1 27 ? -4.196  -16.658 -3.181  1.00 29.57  ? 42  G   A "O3'" 1 
ATOM   564  C  "C2'" . G   A 1 27 ? -3.039  -16.346 -1.066  1.00 29.91  ? 42  G   A "C2'" 1 
ATOM   565  O  "O2'" . G   A 1 27 ? -3.411  -17.661 -0.716  1.00 30.13  ? 42  G   A "O2'" 1 
ATOM   566  C  "C1'" . G   A 1 27 ? -1.560  -16.156 -0.754  1.00 30.56  ? 42  G   A "C1'" 1 
ATOM   567  N  N9    . G   A 1 27 ? -1.316  -14.780 -0.358  1.00 32.73  ? 42  G   A N9    1 
ATOM   568  C  C8    . G   A 1 27 ? -0.726  -13.779 -1.091  1.00 33.31  ? 42  G   A C8    1 
ATOM   569  N  N7    . G   A 1 27 ? -0.685  -12.641 -0.457  1.00 31.96  ? 42  G   A N7    1 
ATOM   570  C  C5    . G   A 1 27 ? -1.279  -12.911 0.767   1.00 32.87  ? 42  G   A C5    1 
ATOM   571  C  C6    . G   A 1 27 ? -1.522  -12.070 1.873   1.00 32.25  ? 42  G   A C6    1 
ATOM   572  O  O6    . G   A 1 27 ? -1.252  -10.873 1.999   1.00 34.02  ? 42  G   A O6    1 
ATOM   573  N  N1    . G   A 1 27 ? -2.146  -12.756 2.912   1.00 31.85  ? 42  G   A N1    1 
ATOM   574  C  C2    . G   A 1 27 ? -2.493  -14.082 2.887   1.00 30.50  ? 42  G   A C2    1 
ATOM   575  N  N2    . G   A 1 27 ? -3.084  -14.560 3.980   1.00 28.60  ? 42  G   A N2    1 
ATOM   576  N  N3    . G   A 1 27 ? -2.272  -14.879 1.861   1.00 31.23  ? 42  G   A N3    1 
ATOM   577  C  C4    . G   A 1 27 ? -1.666  -14.231 0.843   1.00 33.53  ? 42  G   A C4    1 
ATOM   578  P  P     . C   A 1 28 ? -5.557  -15.813 -3.253  1.00 35.60  ? 43  C   A P     1 
ATOM   579  O  OP1   . C   A 1 28 ? -6.521  -16.545 -4.105  1.00 33.64  ? 43  C   A OP1   1 
ATOM   580  O  OP2   . C   A 1 28 ? -5.196  -14.410 -3.596  1.00 34.64  ? 43  C   A OP2   1 
ATOM   581  O  "O5'" . C   A 1 28 ? -6.110  -15.856 -1.757  1.00 36.84  ? 43  C   A "O5'" 1 
ATOM   582  C  "C5'" . C   A 1 28 ? -6.428  -17.105 -1.142  1.00 36.60  ? 43  C   A "C5'" 1 
ATOM   583  C  "C4'" . C   A 1 28 ? -7.012  -16.893 0.238   1.00 35.05  ? 43  C   A "C4'" 1 
ATOM   584  O  "O4'" . C   A 1 28 ? -5.989  -16.388 1.137   1.00 35.51  ? 43  C   A "O4'" 1 
ATOM   585  C  "C3'" . C   A 1 28 ? -8.116  -15.857 0.355   1.00 36.48  ? 43  C   A "C3'" 1 
ATOM   586  O  "O3'" . C   A 1 28 ? -9.382  -16.341 -0.052  1.00 36.19  ? 43  C   A "O3'" 1 
ATOM   587  C  "C2'" . C   A 1 28 ? -8.095  -15.564 1.846   1.00 36.10  ? 43  C   A "C2'" 1 
ATOM   588  O  "O2'" . C   A 1 28 ? -8.707  -16.584 2.602   1.00 38.01  ? 43  C   A "O2'" 1 
ATOM   589  C  "C1'" . C   A 1 28 ? -6.593  -15.551 2.118   1.00 34.80  ? 43  C   A "C1'" 1 
ATOM   590  N  N1    . C   A 1 28 ? -6.039  -14.190 2.003   1.00 33.06  ? 43  C   A N1    1 
ATOM   591  C  C2    . C   A 1 28 ? -6.191  -13.319 3.082   1.00 33.16  ? 43  C   A C2    1 
ATOM   592  O  O2    . C   A 1 28 ? -6.785  -13.714 4.084   1.00 32.61  ? 43  C   A O2    1 
ATOM   593  N  N3    . C   A 1 28 ? -5.690  -12.070 3.002   1.00 32.36  ? 43  C   A N3    1 
ATOM   594  C  C4    . C   A 1 28 ? -5.063  -11.675 1.896   1.00 33.55  ? 43  C   A C4    1 
ATOM   595  N  N4    . C   A 1 28 ? -4.581  -10.429 1.865   1.00 35.01  ? 43  C   A N4    1 
ATOM   596  C  C5    . C   A 1 28 ? -4.904  -12.537 0.775   1.00 32.15  ? 43  C   A C5    1 
ATOM   597  C  C6    . C   A 1 28 ? -5.399  -13.776 0.871   1.00 32.30  ? 43  C   A C6    1 
ATOM   598  P  P     . A   A 1 29 ? -10.476 -15.307 -0.609  1.00 40.17  ? 44  A   A P     1 
ATOM   599  O  OP1   . A   A 1 29 ? -11.663 -16.091 -1.026  1.00 41.03  ? 44  A   A OP1   1 
ATOM   600  O  OP2   . A   A 1 29 ? -9.806  -14.420 -1.583  1.00 39.67  ? 44  A   A OP2   1 
ATOM   601  O  "O5'" . A   A 1 29 ? -10.860 -14.418 0.658   1.00 41.84  ? 44  A   A "O5'" 1 
ATOM   602  C  "C5'" . A   A 1 29 ? -11.553 -14.990 1.765   1.00 43.29  ? 44  A   A "C5'" 1 
ATOM   603  C  "C4'" . A   A 1 29 ? -11.666 -13.993 2.904   1.00 43.76  ? 44  A   A "C4'" 1 
ATOM   604  O  "O4'" . A   A 1 29 ? -10.339 -13.644 3.384   1.00 43.34  ? 44  A   A "O4'" 1 
ATOM   605  C  "C3'" . A   A 1 29 ? -12.295 -12.638 2.612   1.00 44.04  ? 44  A   A "C3'" 1 
ATOM   606  O  "O3'" . A   A 1 29 ? -13.713 -12.704 2.622   1.00 46.38  ? 44  A   A "O3'" 1 
ATOM   607  C  "C2'" . A   A 1 29 ? -11.788 -11.829 3.796   1.00 43.26  ? 44  A   A "C2'" 1 
ATOM   608  O  "O2'" . A   A 1 29 ? -12.425 -12.190 5.008   1.00 42.21  ? 44  A   A "O2'" 1 
ATOM   609  C  "C1'" . A   A 1 29 ? -10.344 -12.309 3.869   1.00 40.73  ? 44  A   A "C1'" 1 
ATOM   610  N  N9    . A   A 1 29 ? -9.481  -11.513 3.006   1.00 38.99  ? 44  A   A N9    1 
ATOM   611  C  C8    . A   A 1 29 ? -8.915  -11.890 1.807   1.00 37.56  ? 44  A   A C8    1 
ATOM   612  N  N7    . A   A 1 29 ? -8.187  -10.957 1.250   1.00 34.68  ? 44  A   A N7    1 
ATOM   613  C  C5    . A   A 1 29 ? -8.277  -9.892  2.137   1.00 35.89  ? 44  A   A C5    1 
ATOM   614  C  C6    . A   A 1 29 ? -7.730  -8.605  2.114   1.00 33.99  ? 44  A   A C6    1 
ATOM   615  N  N6    . A   A 1 29 ? -6.953  -8.155  1.122   1.00 33.50  ? 44  A   A N6    1 
ATOM   616  N  N1    . A   A 1 29 ? -8.013  -7.782  3.152   1.00 34.02  ? 44  A   A N1    1 
ATOM   617  C  C2    . A   A 1 29 ? -8.799  -8.242  4.142   1.00 35.22  ? 44  A   A C2    1 
ATOM   618  N  N3    . A   A 1 29 ? -9.373  -9.435  4.274   1.00 35.28  ? 44  A   A N3    1 
ATOM   619  C  C4    . A   A 1 29 ? -9.070  -10.223 3.226   1.00 36.61  ? 44  A   A C4    1 
ATOM   620  P  P     . A   A 1 30 ? -14.570 -11.662 1.746   1.00 48.52  ? 45  A   A P     1 
ATOM   621  O  OP1   . A   A 1 30 ? -15.981 -12.091 1.929   1.00 47.88  ? 45  A   A OP1   1 
ATOM   622  O  OP2   . A   A 1 30 ? -13.996 -11.564 0.379   1.00 48.71  ? 45  A   A OP2   1 
ATOM   623  O  "O5'" . A   A 1 30 ? -14.362 -10.242 2.442   1.00 45.96  ? 45  A   A "O5'" 1 
ATOM   624  C  "C5'" . A   A 1 30 ? -14.955 -9.972  3.704   1.00 45.57  ? 45  A   A "C5'" 1 
ATOM   625  C  "C4'" . A   A 1 30 ? -14.418 -8.687  4.298   1.00 43.53  ? 45  A   A "C4'" 1 
ATOM   626  O  "O4'" . A   A 1 30 ? -12.973 -8.673  4.211   1.00 41.86  ? 45  A   A "O4'" 1 
ATOM   627  C  "C3'" . A   A 1 30 ? -14.808 -7.375  3.642   1.00 43.82  ? 45  A   A "C3'" 1 
ATOM   628  O  "O3'" . A   A 1 30 ? -16.104 -6.967  4.064   1.00 44.97  ? 45  A   A "O3'" 1 
ATOM   629  C  "C2'" . A   A 1 30 ? -13.753 -6.436  4.210   1.00 42.34  ? 45  A   A "C2'" 1 
ATOM   630  O  "O2'" . A   A 1 30 ? -14.008 -6.094  5.551   1.00 42.19  ? 45  A   A "O2'" 1 
ATOM   631  C  "C1'" . A   A 1 30 ? -12.521 -7.331  4.188   1.00 41.08  ? 45  A   A "C1'" 1 
ATOM   632  N  N9    . A   A 1 30 ? -11.685 -7.125  3.005   1.00 39.86  ? 45  A   A N9    1 
ATOM   633  C  C8    . A   A 1 30 ? -11.438 -7.974  1.956   1.00 38.37  ? 45  A   A C8    1 
ATOM   634  N  N7    . A   A 1 30 ? -10.584 -7.496  1.082   1.00 39.49  ? 45  A   A N7    1 
ATOM   635  C  C5    . A   A 1 30 ? -10.257 -6.244  1.587   1.00 38.50  ? 45  A   A C5    1 
ATOM   636  C  C6    . A   A 1 30 ? -9.387  -5.234  1.134   1.00 39.41  ? 45  A   A C6    1 
ATOM   637  N  N6    . A   A 1 30 ? -8.633  -5.338  0.035   1.00 38.73  ? 45  A   A N6    1 
ATOM   638  N  N1    . A   A 1 30 ? -9.310  -4.098  1.865   1.00 39.99  ? 45  A   A N1    1 
ATOM   639  C  C2    . A   A 1 30 ? -10.053 -3.997  2.977   1.00 39.53  ? 45  A   A C2    1 
ATOM   640  N  N3    . A   A 1 30 ? -10.893 -4.881  3.509   1.00 39.01  ? 45  A   A N3    1 
ATOM   641  C  C4    . A   A 1 30 ? -10.947 -5.995  2.757   1.00 38.96  ? 45  A   A C4    1 
ATOM   642  P  P     . G   A 1 31 ? -16.998 -6.039  3.106   1.00 45.31  ? 46  G   A P     1 
ATOM   643  O  OP1   . G   A 1 31 ? -18.256 -5.739  3.837   1.00 45.70  ? 46  G   A OP1   1 
ATOM   644  O  OP2   . G   A 1 31 ? -17.058 -6.686  1.771   1.00 44.50  ? 46  G   A OP2   1 
ATOM   645  O  "O5'" . G   A 1 31 ? -16.152 -4.692  2.965   1.00 45.05  ? 46  G   A "O5'" 1 
ATOM   646  C  "C5'" . G   A 1 31 ? -16.121 -3.730  4.019   1.00 42.76  ? 46  G   A "C5'" 1 
ATOM   647  C  "C4'" . G   A 1 31 ? -15.276 -2.541  3.620   1.00 41.42  ? 46  G   A "C4'" 1 
ATOM   648  O  "O4'" . G   A 1 31 ? -13.927 -2.996  3.347   1.00 40.56  ? 46  G   A "O4'" 1 
ATOM   649  C  "C3'" . G   A 1 31 ? -15.683 -1.836  2.336   1.00 42.30  ? 46  G   A "C3'" 1 
ATOM   650  O  "O3'" . G   A 1 31 ? -16.713 -0.887  2.571   1.00 42.40  ? 46  G   A "O3'" 1 
ATOM   651  C  "C2'" . G   A 1 31 ? -14.383 -1.168  1.907   1.00 39.87  ? 46  G   A "C2'" 1 
ATOM   652  O  "O2'" . G   A 1 31 ? -14.090 0.017   2.621   1.00 39.21  ? 46  G   A "O2'" 1 
ATOM   653  C  "C1'" . G   A 1 31 ? -13.365 -2.238  2.290   1.00 38.36  ? 46  G   A "C1'" 1 
ATOM   654  N  N9    . G   A 1 31 ? -13.039 -3.153  1.201   1.00 35.07  ? 46  G   A N9    1 
ATOM   655  C  C8    . G   A 1 31 ? -13.684 -4.322  0.878   1.00 33.69  ? 46  G   A C8    1 
ATOM   656  N  N7    . G   A 1 31 ? -13.134 -4.950  -0.127  1.00 31.89  ? 46  G   A N7    1 
ATOM   657  C  C5    . G   A 1 31 ? -12.068 -4.142  -0.494  1.00 31.20  ? 46  G   A C5    1 
ATOM   658  C  C6    . G   A 1 31 ? -11.100 -4.316  -1.510  1.00 30.82  ? 46  G   A C6    1 
ATOM   659  O  O6    . G   A 1 31 ? -10.988 -5.252  -2.311  1.00 30.97  ? 46  G   A O6    1 
ATOM   660  N  N1    . G   A 1 31 ? -10.193 -3.260  -1.537  1.00 30.24  ? 46  G   A N1    1 
ATOM   661  C  C2    . G   A 1 31 ? -10.211 -2.174  -0.687  1.00 30.91  ? 46  G   A C2    1 
ATOM   662  N  N2    . G   A 1 31 ? -9.246  -1.258  -0.869  1.00 27.51  ? 46  G   A N2    1 
ATOM   663  N  N3    . G   A 1 31 ? -11.111 -2.004  0.271   1.00 30.33  ? 46  G   A N3    1 
ATOM   664  C  C4    . G   A 1 31 ? -12.003 -3.021  0.310   1.00 32.75  ? 46  G   A C4    1 
ATOM   665  P  P     . U   A 1 32 ? -18.069 -0.971  1.721   1.00 42.62  ? 47  U   A P     1 
ATOM   666  O  OP1   . U   A 1 32 ? -19.040 -0.087  2.415   1.00 43.57  ? 47  U   A OP1   1 
ATOM   667  O  OP2   . U   A 1 32 ? -18.391 -2.405  1.527   1.00 43.34  ? 47  U   A OP2   1 
ATOM   668  O  "O5'" . U   A 1 32 ? -17.695 -0.343  0.304   1.00 43.54  ? 47  U   A "O5'" 1 
ATOM   669  C  "C5'" . U   A 1 32 ? -17.415 1.049   0.174   1.00 44.73  ? 47  U   A "C5'" 1 
ATOM   670  C  "C4'" . U   A 1 32 ? -17.480 1.479   -1.279  1.00 46.94  ? 47  U   A "C4'" 1 
ATOM   671  O  "O4'" . U   A 1 32 ? -16.410 0.837   -2.024  1.00 46.22  ? 47  U   A "O4'" 1 
ATOM   672  C  "C3'" . U   A 1 32 ? -18.779 1.027   -1.942  1.00 49.07  ? 47  U   A "C3'" 1 
ATOM   673  O  "O3'" . U   A 1 32 ? -19.425 2.052   -2.698  1.00 53.41  ? 47  U   A "O3'" 1 
ATOM   674  C  "C2'" . U   A 1 32 ? -18.441 -0.250  -2.709  1.00 48.66  ? 47  U   A "C2'" 1 
ATOM   675  O  "O2'" . U   A 1 32 ? -19.073 -0.310  -3.971  1.00 49.42  ? 47  U   A "O2'" 1 
ATOM   676  C  "C1'" . U   A 1 32 ? -16.944 -0.072  -2.957  1.00 46.54  ? 47  U   A "C1'" 1 
ATOM   677  N  N1    . U   A 1 32 ? -16.110 -1.278  -3.032  1.00 44.74  ? 47  U   A N1    1 
ATOM   678  C  C2    . U   A 1 32 ? -15.258 -1.370  -4.116  1.00 45.31  ? 47  U   A C2    1 
ATOM   679  O  O2    . U   A 1 32 ? -15.137 -0.476  -4.937  1.00 43.26  ? 47  U   A O2    1 
ATOM   680  N  N3    . U   A 1 32 ? -14.548 -2.540  -4.198  1.00 44.92  ? 47  U   A N3    1 
ATOM   681  C  C4    . U   A 1 32 ? -14.589 -3.595  -3.315  1.00 45.36  ? 47  U   A C4    1 
ATOM   682  O  O4    . U   A 1 32 ? -13.935 -4.607  -3.557  1.00 47.57  ? 47  U   A O4    1 
ATOM   683  C  C5    . U   A 1 32 ? -15.468 -3.411  -2.200  1.00 45.01  ? 47  U   A C5    1 
ATOM   684  C  C6    . U   A 1 32 ? -16.181 -2.283  -2.099  1.00 45.88  ? 47  U   A C6    1 
ATOM   685  P  P     . U   A 1 33 ? -20.837 2.641   -2.225  1.00 56.04  ? 48  U   A P     1 
ATOM   686  O  OP1   . U   A 1 33 ? -21.299 3.508   -3.336  1.00 56.67  ? 48  U   A OP1   1 
ATOM   687  O  OP2   . U   A 1 33 ? -20.698 3.207   -0.859  1.00 56.63  ? 48  U   A OP2   1 
ATOM   688  O  "O5'" . U   A 1 33 ? -21.779 1.363   -2.153  1.00 58.13  ? 48  U   A "O5'" 1 
ATOM   689  C  "C5'" . U   A 1 33 ? -21.857 0.463   -3.247  1.00 60.54  ? 48  U   A "C5'" 1 
ATOM   690  C  "C4'" . U   A 1 33 ? -23.234 -0.129  -3.316  1.00 62.41  ? 48  U   A "C4'" 1 
ATOM   691  O  "O4'" . U   A 1 33 ? -24.192 0.948   -3.342  1.00 64.28  ? 48  U   A "O4'" 1 
ATOM   692  C  "C3'" . U   A 1 33 ? -23.543 -0.939  -4.563  1.00 62.94  ? 48  U   A "C3'" 1 
ATOM   693  O  "O3'" . U   A 1 33 ? -23.247 -2.317  -4.341  1.00 60.25  ? 48  U   A "O3'" 1 
ATOM   694  C  "C2'" . U   A 1 33 ? -25.068 -0.837  -4.661  1.00 65.44  ? 48  U   A "C2'" 1 
ATOM   695  O  "O2'" . U   A 1 33 ? -25.722 -1.872  -3.954  1.00 68.74  ? 48  U   A "O2'" 1 
ATOM   696  C  "C1'" . U   A 1 33 ? -25.371 0.485   -3.949  1.00 66.13  ? 48  U   A "C1'" 1 
ATOM   697  N  N1    . U   A 1 33 ? -25.950 1.546   -4.780  1.00 68.35  ? 48  U   A N1    1 
ATOM   698  C  C2    . U   A 1 33 ? -27.324 1.645   -4.783  1.00 69.91  ? 48  U   A C2    1 
ATOM   699  O  O2    . U   A 1 33 ? -28.040 0.882   -4.154  1.00 70.99  ? 48  U   A O2    1 
ATOM   700  N  N3    . U   A 1 33 ? -27.833 2.664   -5.545  1.00 70.42  ? 48  U   A N3    1 
ATOM   701  C  C4    . U   A 1 33 ? -27.121 3.571   -6.291  1.00 70.83  ? 48  U   A C4    1 
ATOM   702  O  O4    . U   A 1 33 ? -27.724 4.457   -6.899  1.00 71.78  ? 48  U   A O4    1 
ATOM   703  C  C5    . U   A 1 33 ? -25.698 3.392   -6.250  1.00 70.55  ? 48  U   A C5    1 
ATOM   704  C  C6    . U   A 1 33 ? -25.175 2.408   -5.513  1.00 69.35  ? 48  U   A C6    1 
ATOM   705  P  P     . U   A 1 34 ? -21.731 -2.845  -4.317  1.00 57.19  ? 49  U   A P     1 
ATOM   706  O  OP1   . U   A 1 34 ? -21.864 -4.297  -4.609  1.00 56.78  ? 49  U   A OP1   1 
ATOM   707  O  OP2   . U   A 1 34 ? -21.082 -2.415  -3.055  1.00 57.45  ? 49  U   A OP2   1 
ATOM   708  O  "O5'" . U   A 1 34 ? -21.006 -2.146  -5.560  1.00 56.16  ? 49  U   A "O5'" 1 
ATOM   709  C  "C5'" . U   A 1 34 ? -21.439 -2.421  -6.887  1.00 53.06  ? 49  U   A "C5'" 1 
ATOM   710  C  "C4'" . U   A 1 34 ? -20.275 -2.520  -7.863  1.00 51.07  ? 49  U   A "C4'" 1 
ATOM   711  O  "O4'" . U   A 1 34 ? -19.914 -1.203  -8.353  1.00 49.98  ? 49  U   A "O4'" 1 
ATOM   712  C  "C3'" . U   A 1 34 ? -18.995 -3.109  -7.271  1.00 50.68  ? 49  U   A "C3'" 1 
ATOM   713  O  "O3'" . U   A 1 34 ? -18.478 -4.178  -8.066  1.00 51.93  ? 49  U   A "O3'" 1 
ATOM   714  C  "C2'" . U   A 1 34 ? -18.087 -1.914  -6.957  1.00 49.53  ? 49  U   A "C2'" 1 
ATOM   715  O  "O2'" . U   A 1 34 ? -16.741 -2.125  -7.324  1.00 51.21  ? 49  U   A "O2'" 1 
ATOM   716  C  "C1'" . U   A 1 34 ? -18.613 -0.864  -7.932  1.00 47.56  ? 49  U   A "C1'" 1 
ATOM   717  N  N1    . U   A 1 34 ? -18.533 0.568   -7.606  1.00 44.09  ? 49  U   A N1    1 
ATOM   718  C  C2    . U   A 1 34 ? -18.033 1.388   -8.601  1.00 40.22  ? 49  U   A C2    1 
ATOM   719  O  O2    . U   A 1 34 ? -17.683 0.963   -9.683  1.00 40.41  ? 49  U   A O2    1 
ATOM   720  N  N3    . U   A 1 34 ? -17.962 2.716   -8.286  1.00 38.08  ? 49  U   A N3    1 
ATOM   721  C  C4    . U   A 1 34 ? -18.326 3.305   -7.100  1.00 39.58  ? 49  U   A C4    1 
ATOM   722  O  O4    . U   A 1 34 ? -18.258 4.534   -6.994  1.00 37.22  ? 49  U   A O4    1 
ATOM   723  C  C5    . U   A 1 34 ? -18.826 2.393   -6.108  1.00 39.36  ? 49  U   A C5    1 
ATOM   724  C  C6    . U   A 1 34 ? -18.914 1.085   -6.392  1.00 42.22  ? 49  U   A C6    1 
ATOM   725  P  P     . C   A 1 35 ? -17.287 -5.109  -7.517  1.00 52.97  ? 50  C   A P     1 
ATOM   726  O  OP1   . C   A 1 35 ? -17.880 -6.369  -6.997  1.00 54.41  ? 50  C   A OP1   1 
ATOM   727  O  OP2   . C   A 1 35 ? -16.390 -4.314  -6.650  1.00 53.78  ? 50  C   A OP2   1 
ATOM   728  O  "O5'" . C   A 1 35 ? -16.482 -5.476  -8.838  1.00 52.91  ? 50  C   A "O5'" 1 
ATOM   729  C  "C5'" . C   A 1 35 ? -17.082 -6.265  -9.861  1.00 52.20  ? 50  C   A "C5'" 1 
ATOM   730  C  "C4'" . C   A 1 35 ? -16.375 -6.035  -11.175 1.00 51.09  ? 50  C   A "C4'" 1 
ATOM   731  O  "O4'" . C   A 1 35 ? -16.570 -4.659  -11.587 1.00 51.09  ? 50  C   A "O4'" 1 
ATOM   732  C  "C3'" . C   A 1 35 ? -14.868 -6.200  -11.124 1.00 50.56  ? 50  C   A "C3'" 1 
ATOM   733  O  "O3'" . C   A 1 35 ? -14.512 -7.561  -11.300 1.00 49.81  ? 50  C   A "O3'" 1 
ATOM   734  C  "C2'" . C   A 1 35 ? -14.406 -5.341  -12.293 1.00 50.15  ? 50  C   A "C2'" 1 
ATOM   735  O  "O2'" . C   A 1 35 ? -14.535 -6.009  -13.529 1.00 51.17  ? 50  C   A "O2'" 1 
ATOM   736  C  "C1'" . C   A 1 35 ? -15.406 -4.186  -12.238 1.00 49.21  ? 50  C   A "C1'" 1 
ATOM   737  N  N1    . C   A 1 35 ? -14.945 -2.988  -11.525 1.00 47.04  ? 50  C   A N1    1 
ATOM   738  C  C2    . C   A 1 35 ? -13.908 -2.223  -12.072 1.00 47.23  ? 50  C   A C2    1 
ATOM   739  O  O2    . C   A 1 35 ? -13.369 -2.603  -13.126 1.00 48.28  ? 50  C   A O2    1 
ATOM   740  N  N3    . C   A 1 35 ? -13.520 -1.089  -11.439 1.00 46.02  ? 50  C   A N3    1 
ATOM   741  C  C4    . C   A 1 35 ? -14.127 -0.717  -10.305 1.00 45.76  ? 50  C   A C4    1 
ATOM   742  N  N4    . C   A 1 35 ? -13.736 0.421   -9.725  1.00 44.48  ? 50  C   A N4    1 
ATOM   743  C  C5    . C   A 1 35 ? -15.167 -1.492  -9.719  1.00 45.26  ? 50  C   A C5    1 
ATOM   744  C  C6    . C   A 1 35 ? -15.537 -2.610  -10.352 1.00 46.70  ? 50  C   A C6    1 
ATOM   745  P  P     . U   A 1 36 ? -13.453 -8.232  -10.302 1.00 51.52  ? 51  U   A P     1 
ATOM   746  O  OP1   . U   A 1 36 ? -13.143 -9.600  -10.791 1.00 51.26  ? 51  U   A OP1   1 
ATOM   747  O  OP2   . U   A 1 36 ? -13.966 -8.038  -8.919  1.00 51.11  ? 51  U   A OP2   1 
ATOM   748  O  "O5'" . U   A 1 36 ? -12.142 -7.349  -10.493 1.00 50.41  ? 51  U   A "O5'" 1 
ATOM   749  C  "C5'" . U   A 1 36 ? -11.349 -7.483  -11.664 1.00 48.60  ? 51  U   A "C5'" 1 
ATOM   750  C  "C4'" . U   A 1 36 ? -10.396 -6.322  -11.796 1.00 47.29  ? 51  U   A "C4'" 1 
ATOM   751  O  "O4'" . U   A 1 36 ? -11.156 -5.084  -11.826 1.00 47.01  ? 51  U   A "O4'" 1 
ATOM   752  C  "C3'" . U   A 1 36 ? -9.421  -6.086  -10.653 1.00 47.11  ? 51  U   A "C3'" 1 
ATOM   753  O  "O3'" . U   A 1 36 ? -8.282  -6.931  -10.729 1.00 46.40  ? 51  U   A "O3'" 1 
ATOM   754  C  "C2'" . U   A 1 36 ? -9.022  -4.643  -10.910 1.00 46.43  ? 51  U   A "C2'" 1 
ATOM   755  O  "O2'" . U   A 1 36 ? -8.138  -4.535  -12.010 1.00 47.90  ? 51  U   A "O2'" 1 
ATOM   756  C  "C1'" . U   A 1 36 ? -10.367 -4.033  -11.293 1.00 43.91  ? 51  U   A "C1'" 1 
ATOM   757  N  N1    . U   A 1 36 ? -11.065 -3.457  -10.140 1.00 41.68  ? 51  U   A N1    1 
ATOM   758  C  C2    . U   A 1 36 ? -10.723 -2.173  -9.774  1.00 40.77  ? 51  U   A C2    1 
ATOM   759  O  O2    . U   A 1 36 ? -9.874  -1.528  -10.359 1.00 40.91  ? 51  U   A O2    1 
ATOM   760  N  N3    . U   A 1 36 ? -11.409 -1.673  -8.699  1.00 39.60  ? 51  U   A N3    1 
ATOM   761  C  C4    . U   A 1 36 ? -12.379 -2.313  -7.965  1.00 39.33  ? 51  U   A C4    1 
ATOM   762  O  O4    . U   A 1 36 ? -12.920 -1.715  -7.035  1.00 40.39  ? 51  U   A O4    1 
ATOM   763  C  C5    . U   A 1 36 ? -12.675 -3.643  -8.398  1.00 39.20  ? 51  U   A C5    1 
ATOM   764  C  C6    . U   A 1 36 ? -12.022 -4.158  -9.446  1.00 40.80  ? 51  U   A C6    1 
ATOM   765  P  P     . A   A 1 37 ? -7.404  -7.191  -9.411  1.00 47.75  ? 52  A   A P     1 
ATOM   766  O  OP1   . A   A 1 37 ? -6.347  -8.171  -9.759  1.00 47.21  ? 52  A   A OP1   1 
ATOM   767  O  OP2   . A   A 1 37 ? -8.337  -7.482  -8.288  1.00 45.38  ? 52  A   A OP2   1 
ATOM   768  O  "O5'" . A   A 1 37 ? -6.716  -5.783  -9.121  1.00 44.97  ? 52  A   A "O5'" 1 
ATOM   769  C  "C5'" . A   A 1 37 ? -5.843  -5.177  -10.072 1.00 41.27  ? 52  A   A "C5'" 1 
ATOM   770  C  "C4'" . A   A 1 37 ? -5.392  -3.834  -9.561  1.00 40.10  ? 52  A   A "C4'" 1 
ATOM   771  O  "O4'" . A   A 1 37 ? -6.549  -2.964  -9.441  1.00 38.54  ? 52  A   A "O4'" 1 
ATOM   772  C  "C3'" . A   A 1 37 ? -4.776  -3.868  -8.170  1.00 40.42  ? 52  A   A "C3'" 1 
ATOM   773  O  "O3'" . A   A 1 37 ? -3.372  -4.125  -8.254  1.00 39.37  ? 52  A   A "O3'" 1 
ATOM   774  C  "C2'" . A   A 1 37 ? -5.083  -2.470  -7.641  1.00 38.75  ? 52  A   A "C2'" 1 
ATOM   775  O  "O2'" . A   A 1 37 ? -4.185  -1.499  -8.133  1.00 41.33  ? 52  A   A "O2'" 1 
ATOM   776  C  "C1'" . A   A 1 37 ? -6.468  -2.216  -8.240  1.00 37.55  ? 52  A   A "C1'" 1 
ATOM   777  N  N9    . A   A 1 37 ? -7.586  -2.617  -7.382  1.00 37.16  ? 52  A   A N9    1 
ATOM   778  C  C8    . A   A 1 37 ? -8.263  -3.816  -7.402  1.00 35.92  ? 52  A   A C8    1 
ATOM   779  N  N7    . A   A 1 37 ? -9.237  -3.887  -6.527  1.00 35.90  ? 52  A   A N7    1 
ATOM   780  C  C5    . A   A 1 37 ? -9.199  -2.659  -5.885  1.00 35.43  ? 52  A   A C5    1 
ATOM   781  C  C6    . A   A 1 37 ? -9.983  -2.108  -4.857  1.00 36.06  ? 52  A   A C6    1 
ATOM   782  N  N6    . A   A 1 37 ? -10.996 -2.754  -4.270  1.00 34.46  ? 52  A   A N6    1 
ATOM   783  N  N1    . A   A 1 37 ? -9.687  -0.854  -4.447  1.00 35.88  ? 52  A   A N1    1 
ATOM   784  C  C2    . A   A 1 37 ? -8.671  -0.210  -5.036  1.00 35.07  ? 52  A   A C2    1 
ATOM   785  N  N3    . A   A 1 37 ? -7.864  -0.620  -6.011  1.00 34.41  ? 52  A   A N3    1 
ATOM   786  C  C4    . A   A 1 37 ? -8.185  -1.867  -6.397  1.00 35.70  ? 52  A   A C4    1 
ATOM   787  P  P     . C   A 1 38 ? -2.678  -5.159  -7.233  1.00 40.23  ? 53  C   A P     1 
ATOM   788  O  OP1   . C   A 1 38 ? -1.280  -5.348  -7.696  1.00 40.98  ? 53  C   A OP1   1 
ATOM   789  O  OP2   . C   A 1 38 ? -3.556  -6.348  -7.062  1.00 38.68  ? 53  C   A OP2   1 
ATOM   790  O  "O5'" . C   A 1 38 ? -2.654  -4.380  -5.841  1.00 38.78  ? 53  C   A "O5'" 1 
ATOM   791  C  "C5'" . C   A 1 38 ? -1.900  -3.177  -5.674  1.00 38.38  ? 53  C   A "C5'" 1 
ATOM   792  C  "C4'" . C   A 1 38 ? -2.398  -2.412  -4.464  1.00 36.83  ? 53  C   A "C4'" 1 
ATOM   793  O  "O4'" . C   A 1 38 ? -3.771  -2.009  -4.705  1.00 36.24  ? 53  C   A "O4'" 1 
ATOM   794  C  "C3'" . C   A 1 38 ? -2.444  -3.190  -3.151  1.00 35.61  ? 53  C   A "C3'" 1 
ATOM   795  O  "O3'" . C   A 1 38 ? -1.235  -3.034  -2.417  1.00 38.34  ? 53  C   A "O3'" 1 
ATOM   796  C  "C2'" . C   A 1 38 ? -3.530  -2.454  -2.382  1.00 34.60  ? 53  C   A "C2'" 1 
ATOM   797  O  "O2'" . C   A 1 38 ? -3.022  -1.298  -1.747  1.00 33.33  ? 53  C   A "O2'" 1 
ATOM   798  C  "C1'" . C   A 1 38 ? -4.507  -2.073  -3.496  1.00 35.18  ? 53  C   A "C1'" 1 
ATOM   799  N  N1    . C   A 1 38 ? -5.586  -3.060  -3.659  1.00 36.64  ? 53  C   A N1    1 
ATOM   800  C  C2    . C   A 1 38 ? -6.825  -2.802  -3.066  1.00 35.92  ? 53  C   A C2    1 
ATOM   801  O  O2    . C   A 1 38 ? -6.979  -1.738  -2.450  1.00 39.26  ? 53  C   A O2    1 
ATOM   802  N  N3    . C   A 1 38 ? -7.818  -3.711  -3.181  1.00 33.84  ? 53  C   A N3    1 
ATOM   803  C  C4    . C   A 1 38 ? -7.610  -4.840  -3.864  1.00 34.56  ? 53  C   A C4    1 
ATOM   804  N  N4    . C   A 1 38 ? -8.607  -5.715  -3.942  1.00 30.86  ? 53  C   A N4    1 
ATOM   805  C  C5    . C   A 1 38 ? -6.361  -5.122  -4.496  1.00 35.46  ? 53  C   A C5    1 
ATOM   806  C  C6    . C   A 1 38 ? -5.386  -4.213  -4.368  1.00 35.54  ? 53  C   A C6    1 
ATOM   807  P  P     . C   A 1 39 ? -0.179  -4.243  -2.317  1.00 39.44  ? 54  C   A P     1 
ATOM   808  O  OP1   . C   A 1 39 ? -0.569  -5.292  -3.280  1.00 40.73  ? 54  C   A OP1   1 
ATOM   809  O  OP2   . C   A 1 39 ? 0.008   -4.595  -0.891  1.00 39.33  ? 54  C   A OP2   1 
ATOM   810  O  "O5'" . C   A 1 39 ? 1.174   -3.567  -2.826  1.00 40.20  ? 54  C   A "O5'" 1 
ATOM   811  C  "C5'" . C   A 1 39 ? 1.697   -3.898  -4.098  1.00 36.87  ? 54  C   A "C5'" 1 
ATOM   812  C  "C4'" . C   A 1 39 ? 2.063   -2.657  -4.885  1.00 35.57  ? 54  C   A "C4'" 1 
ATOM   813  O  "O4'" . C   A 1 39 ? 0.983   -1.690  -4.809  1.00 32.13  ? 54  C   A "O4'" 1 
ATOM   814  C  "C3'" . C   A 1 39 ? 3.242   -1.797  -4.455  1.00 36.63  ? 54  C   A "C3'" 1 
ATOM   815  O  "O3'" . C   A 1 39 ? 4.518   -2.366  -4.742  1.00 38.56  ? 54  C   A "O3'" 1 
ATOM   816  C  "C2'" . C   A 1 39 ? 3.001   -0.578  -5.330  1.00 34.55  ? 54  C   A "C2'" 1 
ATOM   817  O  "O2'" . C   A 1 39 ? 3.258   -0.858  -6.690  1.00 33.50  ? 54  C   A "O2'" 1 
ATOM   818  C  "C1'" . C   A 1 39 ? 1.495   -0.408  -5.167  1.00 32.42  ? 54  C   A "C1'" 1 
ATOM   819  N  N1    . C   A 1 39 ? 1.181   0.595   -4.127  1.00 26.71  ? 54  C   A N1    1 
ATOM   820  C  C2    . C   A 1 39 ? 1.486   1.928   -4.406  1.00 27.96  ? 54  C   A C2    1 
ATOM   821  O  O2    . C   A 1 39 ? 2.013   2.200   -5.503  1.00 26.18  ? 54  C   A O2    1 
ATOM   822  N  N3    . C   A 1 39 ? 1.203   2.882   -3.489  1.00 26.07  ? 54  C   A N3    1 
ATOM   823  C  C4    . C   A 1 39 ? 0.634   2.543   -2.328  1.00 28.35  ? 54  C   A C4    1 
ATOM   824  N  N4    . C   A 1 39 ? 0.357   3.516   -1.460  1.00 23.40  ? 54  C   A N4    1 
ATOM   825  C  C5    . C   A 1 39 ? 0.319   1.188   -2.011  1.00 27.40  ? 54  C   A C5    1 
ATOM   826  C  C6    . C   A 1 39 ? 0.610   0.252   -2.935  1.00 28.04  ? 54  C   A C6    1 
ATOM   827  P  P     . G   A 1 40 ? 5.817   -1.871  -3.923  1.00 36.09  ? 55  G   A P     1 
ATOM   828  O  OP1   . G   A 1 40 ? 6.888   -2.867  -4.176  1.00 40.01  ? 55  G   A OP1   1 
ATOM   829  O  OP2   . G   A 1 40 ? 5.430   -1.557  -2.526  1.00 38.73  ? 55  G   A OP2   1 
ATOM   830  O  "O5'" . G   A 1 40 ? 6.240   -0.521  -4.642  1.00 36.12  ? 55  G   A "O5'" 1 
ATOM   831  C  "C5'" . G   A 1 40 ? 6.807   -0.557  -5.944  1.00 35.77  ? 55  G   A "C5'" 1 
ATOM   832  C  "C4'" . G   A 1 40 ? 7.148   0.836   -6.405  1.00 35.78  ? 55  G   A "C4'" 1 
ATOM   833  O  "O4'" . G   A 1 40 ? 5.944   1.640   -6.362  1.00 35.89  ? 55  G   A "O4'" 1 
ATOM   834  C  "C3'" . G   A 1 40 ? 8.127   1.617   -5.542  1.00 36.21  ? 55  G   A "C3'" 1 
ATOM   835  O  "O3'" . G   A 1 40 ? 9.470   1.294   -5.870  1.00 36.92  ? 55  G   A "O3'" 1 
ATOM   836  C  "C2'" . G   A 1 40 ? 7.795   3.046   -5.932  1.00 34.30  ? 55  G   A "C2'" 1 
ATOM   837  O  "O2'" . G   A 1 40 ? 8.273   3.348   -7.221  1.00 34.73  ? 55  G   A "O2'" 1 
ATOM   838  C  "C1'" . G   A 1 40 ? 6.276   2.975   -6.021  1.00 34.15  ? 55  G   A "C1'" 1 
ATOM   839  N  N9    . G   A 1 40 ? 5.608   3.296   -4.768  1.00 33.04  ? 55  G   A N9    1 
ATOM   840  C  C8    . G   A 1 40 ? 5.059   2.410   -3.872  1.00 32.77  ? 55  G   A C8    1 
ATOM   841  N  N7    . G   A 1 40 ? 4.473   2.998   -2.867  1.00 32.11  ? 55  G   A N7    1 
ATOM   842  C  C5    . G   A 1 40 ? 4.653   4.351   -3.114  1.00 31.39  ? 55  G   A C5    1 
ATOM   843  C  C6    . G   A 1 40 ? 4.215   5.470   -2.389  1.00 29.88  ? 55  G   A C6    1 
ATOM   844  O  O6    . G   A 1 40 ? 3.530   5.497   -1.367  1.00 32.92  ? 55  G   A O6    1 
ATOM   845  N  N1    . G   A 1 40 ? 4.637   6.655   -2.975  1.00 29.20  ? 55  G   A N1    1 
ATOM   846  C  C2    . G   A 1 40 ? 5.377   6.748   -4.125  1.00 30.22  ? 55  G   A C2    1 
ATOM   847  N  N2    . G   A 1 40 ? 5.708   7.985   -4.524  1.00 30.82  ? 55  G   A N2    1 
ATOM   848  N  N3    . G   A 1 40 ? 5.769   5.704   -4.831  1.00 30.61  ? 55  G   A N3    1 
ATOM   849  C  C4    . G   A 1 40 ? 5.376   4.547   -4.270  1.00 30.80  ? 55  G   A C4    1 
ATOM   850  P  P     . G   A 1 41 ? 10.598  1.322   -4.724  1.00 38.26  ? 56  G   A P     1 
ATOM   851  O  OP1   . G   A 1 41 ? 11.798  0.645   -5.283  1.00 41.15  ? 56  G   A OP1   1 
ATOM   852  O  OP2   . G   A 1 41 ? 10.001  0.832   -3.453  1.00 38.17  ? 56  G   A OP2   1 
ATOM   853  O  "O5'" . G   A 1 41 ? 10.931  2.870   -4.559  1.00 36.68  ? 56  G   A "O5'" 1 
ATOM   854  C  "C5'" . G   A 1 41 ? 11.532  3.599   -5.624  1.00 34.01  ? 56  G   A "C5'" 1 
ATOM   855  C  "C4'" . G   A 1 41 ? 11.479  5.083   -5.349  1.00 31.46  ? 56  G   A "C4'" 1 
ATOM   856  O  "O4'" . G   A 1 41 ? 10.097  5.530   -5.345  1.00 32.45  ? 56  G   A "O4'" 1 
ATOM   857  C  "C3'" . G   A 1 41 ? 11.974  5.532   -3.991  1.00 30.94  ? 56  G   A "C3'" 1 
ATOM   858  O  "O3'" . G   A 1 41 ? 13.377  5.645   -3.914  1.00 31.88  ? 56  G   A "O3'" 1 
ATOM   859  C  "C2'" . G   A 1 41 ? 11.335  6.898   -3.885  1.00 31.74  ? 56  G   A "C2'" 1 
ATOM   860  O  "O2'" . G   A 1 41 ? 11.976  7.844   -4.721  1.00 29.85  ? 56  G   A "O2'" 1 
ATOM   861  C  "C1'" . G   A 1 41 ? 9.938   6.580   -4.403  1.00 30.50  ? 56  G   A "C1'" 1 
ATOM   862  N  N9    . G   A 1 41 ? 9.081   6.103   -3.322  1.00 30.74  ? 56  G   A N9    1 
ATOM   863  C  C8    . G   A 1 41 ? 8.776   4.799   -3.014  1.00 28.32  ? 56  G   A C8    1 
ATOM   864  N  N7    . G   A 1 41 ? 7.969   4.690   -1.992  1.00 27.15  ? 56  G   A N7    1 
ATOM   865  C  C5    . G   A 1 41 ? 7.728   5.998   -1.599  1.00 27.12  ? 56  G   A C5    1 
ATOM   866  C  C6    . G   A 1 41 ? 6.923   6.504   -0.551  1.00 29.22  ? 56  G   A C6    1 
ATOM   867  O  O6    . G   A 1 41 ? 6.234   5.874   0.269   1.00 27.50  ? 56  G   A O6    1 
ATOM   868  N  N1    . G   A 1 41 ? 6.962   7.892   -0.504  1.00 29.07  ? 56  G   A N1    1 
ATOM   869  C  C2    . G   A 1 41 ? 7.682   8.693   -1.354  1.00 31.22  ? 56  G   A C2    1 
ATOM   870  N  N2    . G   A 1 41 ? 7.583   10.022  -1.137  1.00 31.43  ? 56  G   A N2    1 
ATOM   871  N  N3    . G   A 1 41 ? 8.439   8.235   -2.340  1.00 27.95  ? 56  G   A N3    1 
ATOM   872  C  C4    . G   A 1 41 ? 8.412   6.885   -2.403  1.00 29.51  ? 56  G   A C4    1 
ATOM   873  P  P     . G   A 1 42 ? 14.080  5.618   -2.478  1.00 31.68  ? 57  G   A P     1 
ATOM   874  O  OP1   . G   A 1 42 ? 15.522  5.358   -2.683  1.00 32.02  ? 57  G   A OP1   1 
ATOM   875  O  OP2   . G   A 1 42 ? 13.280  4.696   -1.644  1.00 34.47  ? 57  G   A OP2   1 
ATOM   876  O  "O5'" . G   A 1 42 ? 13.848  7.077   -1.859  1.00 32.01  ? 57  G   A "O5'" 1 
ATOM   877  C  "C5'" . G   A 1 42 ? 14.282  8.258   -2.533  1.00 28.48  ? 57  G   A "C5'" 1 
ATOM   878  C  "C4'" . G   A 1 42 ? 13.817  9.500   -1.787  1.00 26.00  ? 57  G   A "C4'" 1 
ATOM   879  O  "O4'" . G   A 1 42 ? 12.364  9.608   -1.838  1.00 27.54  ? 57  G   A "O4'" 1 
ATOM   880  C  "C3'" . G   A 1 42 ? 14.133  9.542   -0.303  1.00 24.70  ? 57  G   A "C3'" 1 
ATOM   881  O  "O3'" . G   A 1 42 ? 15.454  9.996   -0.044  1.00 24.99  ? 57  G   A "O3'" 1 
ATOM   882  C  "C2'" . G   A 1 42 ? 13.116  10.547  0.195   1.00 26.02  ? 57  G   A "C2'" 1 
ATOM   883  O  "O2'" . G   A 1 42 ? 13.510  11.858  -0.136  1.00 29.05  ? 57  G   A "O2'" 1 
ATOM   884  C  "C1'" . G   A 1 42 ? 11.880  10.149  -0.612  1.00 25.27  ? 57  G   A "C1'" 1 
ATOM   885  N  N9    . G   A 1 42 ? 11.087  9.124   0.071   1.00 25.34  ? 57  G   A N9    1 
ATOM   886  C  C8    . G   A 1 42 ? 11.098  7.769   -0.183  1.00 24.90  ? 57  G   A C8    1 
ATOM   887  N  N7    . G   A 1 42 ? 10.300  7.093   0.599   1.00 23.85  ? 57  G   A N7    1 
ATOM   888  C  C5    . G   A 1 42 ? 9.720   8.055   1.415   1.00 23.20  ? 57  G   A C5    1 
ATOM   889  C  C6    . G   A 1 42 ? 8.780   7.914   2.468   1.00 22.86  ? 57  G   A C6    1 
ATOM   890  O  O6    . G   A 1 42 ? 8.249   6.885   2.890   1.00 26.25  ? 57  G   A O6    1 
ATOM   891  N  N1    . G   A 1 42 ? 8.476   9.135   3.051   1.00 23.18  ? 57  G   A N1    1 
ATOM   892  C  C2    . G   A 1 42 ? 9.006   10.343  2.674   1.00 23.43  ? 57  G   A C2    1 
ATOM   893  N  N2    . G   A 1 42 ? 8.594   11.408  3.385   1.00 19.82  ? 57  G   A N2    1 
ATOM   894  N  N3    . G   A 1 42 ? 9.877   10.493  1.682   1.00 22.72  ? 57  G   A N3    1 
ATOM   895  C  C4    . G   A 1 42 ? 10.190  9.314   1.104   1.00 23.26  ? 57  G   A C4    1 
ATOM   896  P  P     . C   A 1 43 ? 16.232  9.458   1.249   1.00 25.13  ? 58  C   A P     1 
ATOM   897  O  OP1   . C   A 1 43 ? 17.534  10.150  1.389   1.00 26.14  ? 58  C   A OP1   1 
ATOM   898  O  OP2   . C   A 1 43 ? 16.196  7.971   1.204   1.00 26.72  ? 58  C   A OP2   1 
ATOM   899  O  "O5'" . C   A 1 43 ? 15.314  9.948   2.452   1.00 26.92  ? 58  C   A "O5'" 1 
ATOM   900  C  "C5'" . C   A 1 43 ? 15.341  11.301  2.861   1.00 25.75  ? 58  C   A "C5'" 1 
ATOM   901  C  "C4'" . C   A 1 43 ? 14.318  11.538  3.935   1.00 26.87  ? 58  C   A "C4'" 1 
ATOM   902  O  "O4'" . C   A 1 43 ? 13.012  11.142  3.439   1.00 27.86  ? 58  C   A "O4'" 1 
ATOM   903  C  "C3'" . C   A 1 43 ? 14.482  10.720  5.199   1.00 27.26  ? 58  C   A "C3'" 1 
ATOM   904  O  "O3'" . C   A 1 43 ? 15.448  11.321  6.048   1.00 27.47  ? 58  C   A "O3'" 1 
ATOM   905  C  "C2'" . C   A 1 43 ? 13.071  10.787  5.770   1.00 27.96  ? 58  C   A "C2'" 1 
ATOM   906  O  "O2'" . C   A 1 43 ? 12.759  12.049  6.319   1.00 30.82  ? 58  C   A "O2'" 1 
ATOM   907  C  "C1'" . C   A 1 43 ? 12.244  10.605  4.500   1.00 25.94  ? 58  C   A "C1'" 1 
ATOM   908  N  N1    . C   A 1 43 ? 11.999  9.182   4.228   1.00 25.96  ? 58  C   A N1    1 
ATOM   909  C  C2    . C   A 1 43 ? 11.018  8.550   4.964   1.00 25.27  ? 58  C   A C2    1 
ATOM   910  O  O2    . C   A 1 43 ? 10.372  9.225   5.769   1.00 28.18  ? 58  C   A O2    1 
ATOM   911  N  N3    . C   A 1 43 ? 10.790  7.231   4.780   1.00 24.79  ? 58  C   A N3    1 
ATOM   912  C  C4    . C   A 1 43 ? 11.498  6.553   3.877   1.00 26.06  ? 58  C   A C4    1 
ATOM   913  N  N4    . C   A 1 43 ? 11.229  5.254   3.722   1.00 23.93  ? 58  C   A N4    1 
ATOM   914  C  C5    . C   A 1 43 ? 12.507  7.181   3.090   1.00 23.83  ? 58  C   A C5    1 
ATOM   915  C  C6    . C   A 1 43 ? 12.722  8.488   3.297   1.00 23.48  ? 58  C   A C6    1 
ATOM   916  P  P     . A   A 1 44 ? 16.211  10.434  7.145   1.00 30.58  ? 59  A   A P     1 
ATOM   917  O  OP1   . A   A 1 44 ? 17.199  11.319  7.818   1.00 30.44  ? 59  A   A OP1   1 
ATOM   918  O  OP2   . A   A 1 44 ? 16.673  9.172   6.517   1.00 27.46  ? 59  A   A OP2   1 
ATOM   919  O  "O5'" . A   A 1 44 ? 15.076  10.065  8.199   1.00 29.55  ? 59  A   A "O5'" 1 
ATOM   920  C  "C5'" . A   A 1 44 ? 14.496  11.068  9.023   1.00 30.52  ? 59  A   A "C5'" 1 
ATOM   921  C  "C4'" . A   A 1 44 ? 13.342  10.492  9.806   1.00 30.57  ? 59  A   A "C4'" 1 
ATOM   922  O  "O4'" . A   A 1 44 ? 12.418  9.881   8.870   1.00 31.25  ? 59  A   A "O4'" 1 
ATOM   923  C  "C3'" . A   A 1 44 ? 13.696  9.368   10.766  1.00 30.57  ? 59  A   A "C3'" 1 
ATOM   924  O  "O3'" . A   A 1 44 ? 14.089  9.919   12.017  1.00 33.39  ? 59  A   A "O3'" 1 
ATOM   925  C  "C2'" . A   A 1 44 ? 12.374  8.623   10.880  1.00 30.71  ? 59  A   A "C2'" 1 
ATOM   926  O  "O2'" . A   A 1 44 ? 11.438  9.267   11.727  1.00 31.74  ? 59  A   A "O2'" 1 
ATOM   927  C  "C1'" . A   A 1 44 ? 11.853  8.721   9.448   1.00 30.74  ? 59  A   A "C1'" 1 
ATOM   928  N  N9    . A   A 1 44 ? 12.192  7.575   8.609   1.00 30.09  ? 59  A   A N9    1 
ATOM   929  C  C8    . A   A 1 44 ? 13.081  7.510   7.563   1.00 29.01  ? 59  A   A C8    1 
ATOM   930  N  N7    . A   A 1 44 ? 13.117  6.340   6.975   1.00 28.22  ? 59  A   A N7    1 
ATOM   931  C  C5    . A   A 1 44 ? 12.202  5.581   7.689   1.00 27.03  ? 59  A   A C5    1 
ATOM   932  C  C6    . A   A 1 44 ? 11.771  4.257   7.555   1.00 27.38  ? 59  A   A C6    1 
ATOM   933  N  N6    . A   A 1 44 ? 12.201  3.435   6.593   1.00 25.69  ? 59  A   A N6    1 
ATOM   934  N  N1    . A   A 1 44 ? 10.860  3.800   8.445   1.00 26.38  ? 59  A   A N1    1 
ATOM   935  C  C2    . A   A 1 44 ? 10.405  4.638   9.382   1.00 26.88  ? 59  A   A C2    1 
ATOM   936  N  N3    . A   A 1 44 ? 10.719  5.911   9.594   1.00 27.77  ? 59  A   A N3    1 
ATOM   937  C  C4    . A   A 1 44 ? 11.636  6.324   8.704   1.00 27.35  ? 59  A   A C4    1 
ATOM   938  P  P     . C   A 1 45 ? 15.106  9.116   12.965  1.00 30.86  ? 60  C   A P     1 
ATOM   939  O  OP1   . C   A 1 45 ? 15.204  9.855   14.240  1.00 32.36  ? 60  C   A OP1   1 
ATOM   940  O  OP2   . C   A 1 45 ? 16.336  8.822   12.190  1.00 31.19  ? 60  C   A OP2   1 
ATOM   941  O  "O5'" . C   A 1 45 ? 14.370  7.735   13.252  1.00 32.24  ? 60  C   A "O5'" 1 
ATOM   942  C  "C5'" . C   A 1 45 ? 13.202  7.678   14.063  1.00 29.42  ? 60  C   A "C5'" 1 
ATOM   943  C  "C4'" . C   A 1 45 ? 12.605  6.296   14.003  1.00 27.90  ? 60  C   A "C4'" 1 
ATOM   944  O  "O4'" . C   A 1 45 ? 12.184  6.017   12.640  1.00 27.18  ? 60  C   A "O4'" 1 
ATOM   945  C  "C3'" . C   A 1 45 ? 13.583  5.175   14.324  1.00 28.69  ? 60  C   A "C3'" 1 
ATOM   946  O  "O3'" . C   A 1 45 ? 13.671  4.974   15.729  1.00 28.99  ? 60  C   A "O3'" 1 
ATOM   947  C  "C2'" . C   A 1 45 ? 12.946  3.987   13.615  1.00 27.09  ? 60  C   A "C2'" 1 
ATOM   948  O  "O2'" . C   A 1 45 ? 11.853  3.445   14.323  1.00 29.56  ? 60  C   A "O2'" 1 
ATOM   949  C  "C1'" . C   A 1 45 ? 12.425  4.648   12.338  1.00 27.54  ? 60  C   A "C1'" 1 
ATOM   950  N  N1    . C   A 1 45 ? 13.382  4.566   11.220  1.00 27.17  ? 60  C   A N1    1 
ATOM   951  C  C2    . C   A 1 45 ? 13.444  3.386   10.472  1.00 27.31  ? 60  C   A C2    1 
ATOM   952  O  O2    . C   A 1 45 ? 12.733  2.428   10.799  1.00 26.87  ? 60  C   A O2    1 
ATOM   953  N  N3    . C   A 1 45 ? 14.285  3.316   9.420   1.00 26.97  ? 60  C   A N3    1 
ATOM   954  C  C4    . C   A 1 45 ? 15.063  4.355   9.115   1.00 25.47  ? 60  C   A C4    1 
ATOM   955  N  N4    . C   A 1 45 ? 15.872  4.238   8.061   1.00 25.52  ? 60  C   A N4    1 
ATOM   956  C  C5    . C   A 1 45 ? 15.044  5.554   9.870   1.00 25.51  ? 60  C   A C5    1 
ATOM   957  C  C6    . C   A 1 45 ? 14.194  5.620   10.905  1.00 27.64  ? 60  C   A C6    1 
ATOM   958  P  P     . C   A 1 46 ? 15.071  4.566   16.399  1.00 27.46  ? 61  C   A P     1 
ATOM   959  O  OP1   . C   A 1 46 ? 14.967  4.947   17.834  1.00 28.66  ? 61  C   A OP1   1 
ATOM   960  O  OP2   . C   A 1 46 ? 16.190  5.085   15.575  1.00 27.20  ? 61  C   A OP2   1 
ATOM   961  O  "O5'" . C   A 1 46 ? 15.096  2.979   16.307  1.00 28.56  ? 61  C   A "O5'" 1 
ATOM   962  C  "C5'" . C   A 1 46 ? 14.042  2.216   16.877  1.00 30.13  ? 61  C   A "C5'" 1 
ATOM   963  C  "C4'" . C   A 1 46 ? 13.930  0.881   16.184  1.00 30.26  ? 61  C   A "C4'" 1 
ATOM   964  O  "O4'" . C   A 1 46 ? 13.689  1.083   14.766  1.00 29.86  ? 61  C   A "O4'" 1 
ATOM   965  C  "C3'" . C   A 1 46 ? 15.185  0.031   16.220  1.00 30.27  ? 61  C   A "C3'" 1 
ATOM   966  O  "O3'" . C   A 1 46 ? 15.241  -0.677  17.445  1.00 32.55  ? 61  C   A "O3'" 1 
ATOM   967  C  "C2'" . C   A 1 46 ? 14.953  -0.902  15.043  1.00 29.65  ? 61  C   A "C2'" 1 
ATOM   968  O  "O2'" . C   A 1 46 ? 14.007  -1.904  15.347  1.00 28.32  ? 61  C   A "O2'" 1 
ATOM   969  C  "C1'" . C   A 1 46 ? 14.315  0.048   14.032  1.00 30.39  ? 61  C   A "C1'" 1 
ATOM   970  N  N1    . C   A 1 46 ? 15.257  0.654   13.079  1.00 32.57  ? 61  C   A N1    1 
ATOM   971  C  C2    . C   A 1 46 ? 15.628  -0.081  11.953  1.00 34.07  ? 61  C   A C2    1 
ATOM   972  O  O2    . C   A 1 46 ? 15.203  -1.243  11.828  1.00 37.22  ? 61  C   A O2    1 
ATOM   973  N  N3    . C   A 1 46 ? 16.437  0.486   11.030  1.00 33.35  ? 61  C   A N3    1 
ATOM   974  C  C4    . C   A 1 46 ? 16.880  1.730   11.208  1.00 33.70  ? 61  C   A C4    1 
ATOM   975  N  N4    . C   A 1 46 ? 17.643  2.259   10.254  1.00 32.37  ? 61  C   A N4    1 
ATOM   976  C  C5    . C   A 1 46 ? 16.553  2.490   12.369  1.00 33.44  ? 61  C   A C5    1 
ATOM   977  C  C6    . C   A 1 46 ? 15.744  1.917   13.272  1.00 33.90  ? 61  C   A C6    1 
ATOM   978  P  P     . G   A 1 47 ? 16.428  -0.387  18.485  1.00 34.52  ? 62  G   A P     1 
ATOM   979  O  OP1   . G   A 1 47 ? 16.119  -1.143  19.726  1.00 37.20  ? 62  G   A OP1   1 
ATOM   980  O  OP2   . G   A 1 47 ? 16.626  1.082   18.556  1.00 35.97  ? 62  G   A OP2   1 
ATOM   981  O  "O5'" . G   A 1 47 ? 17.709  -1.054  17.818  1.00 36.95  ? 62  G   A "O5'" 1 
ATOM   982  C  "C5'" . G   A 1 47 ? 18.843  -1.408  18.613  1.00 42.05  ? 62  G   A "C5'" 1 
ATOM   983  C  "C4'" . G   A 1 47 ? 19.894  -2.083  17.759  1.00 45.87  ? 62  G   A "C4'" 1 
ATOM   984  O  "O4'" . G   A 1 47 ? 20.427  -1.124  16.809  1.00 46.06  ? 62  G   A "O4'" 1 
ATOM   985  C  "C3'" . G   A 1 47 ? 21.084  -2.540  18.598  1.00 47.25  ? 62  G   A "C3'" 1 
ATOM   986  O  "O3'" . G   A 1 47 ? 21.518  -3.836  18.222  1.00 49.36  ? 62  G   A "O3'" 1 
ATOM   987  C  "C2'" . G   A 1 47 ? 22.151  -1.457  18.457  1.00 46.59  ? 62  G   A "C2'" 1 
ATOM   988  O  "O2'" . G   A 1 47 ? 23.429  -2.023  18.274  1.00 49.57  ? 62  G   A "O2'" 1 
ATOM   989  C  "C1'" . G   A 1 47 ? 21.771  -0.839  17.119  1.00 46.36  ? 62  G   A "C1'" 1 
ATOM   990  N  N9    . G   A 1 47 ? 22.047  0.564   16.859  1.00 45.43  ? 62  G   A N9    1 
ATOM   991  C  C8    . G   A 1 47 ? 21.883  1.650   17.681  1.00 44.53  ? 62  G   A C8    1 
ATOM   992  N  N7    . G   A 1 47 ? 22.209  2.774   17.102  1.00 45.50  ? 62  G   A N7    1 
ATOM   993  C  C5    . G   A 1 47 ? 22.616  2.397   15.828  1.00 45.70  ? 62  G   A C5    1 
ATOM   994  C  C6    . G   A 1 47 ? 23.070  3.177   14.729  1.00 45.83  ? 62  G   A C6    1 
ATOM   995  O  O6    . G   A 1 47 ? 23.207  4.403   14.656  1.00 45.81  ? 62  G   A O6    1 
ATOM   996  N  N1    . G   A 1 47 ? 23.371  2.378   13.626  1.00 45.84  ? 62  G   A N1    1 
ATOM   997  C  C2    . G   A 1 47 ? 23.243  1.010   13.582  1.00 44.83  ? 62  G   A C2    1 
ATOM   998  N  N2    . G   A 1 47 ? 23.574  0.407   12.430  1.00 44.62  ? 62  G   A N2    1 
ATOM   999  N  N3    . G   A 1 47 ? 22.820  0.282   14.595  1.00 45.59  ? 62  G   A N3    1 
ATOM   1000 C  C4    . G   A 1 47 ? 22.527  1.035   15.674  1.00 44.96  ? 62  G   A C4    1 
ATOM   1001 P  P     . U   A 1 48 ? 21.281  -5.080  19.191  1.00 53.05  ? 63  U   A P     1 
ATOM   1002 O  OP1   . U   A 1 48 ? 20.035  -4.860  19.976  1.00 55.08  ? 63  U   A OP1   1 
ATOM   1003 O  OP2   . U   A 1 48 ? 22.558  -5.341  19.897  1.00 54.76  ? 63  U   A OP2   1 
ATOM   1004 O  "O5'" . U   A 1 48 ? 21.036  -6.276  18.169  1.00 52.50  ? 63  U   A "O5'" 1 
ATOM   1005 C  "C5'" . U   A 1 48 ? 19.720  -6.686  17.798  1.00 50.43  ? 63  U   A "C5'" 1 
ATOM   1006 C  "C4'" . U   A 1 48 ? 19.764  -7.327  16.436  1.00 50.04  ? 63  U   A "C4'" 1 
ATOM   1007 O  "O4'" . U   A 1 48 ? 19.685  -6.317  15.407  1.00 48.72  ? 63  U   A "O4'" 1 
ATOM   1008 C  "C3'" . U   A 1 48 ? 21.072  -8.054  16.197  1.00 50.02  ? 63  U   A "C3'" 1 
ATOM   1009 O  "O3'" . U   A 1 48 ? 21.040  -9.370  16.775  1.00 50.28  ? 63  U   A "O3'" 1 
ATOM   1010 C  "C2'" . U   A 1 48 ? 21.371  -7.888  14.701  1.00 50.11  ? 63  U   A "C2'" 1 
ATOM   1011 O  "O2'" . U   A 1 48 ? 21.142  -9.010  13.876  1.00 53.43  ? 63  U   A "O2'" 1 
ATOM   1012 C  "C1'" . U   A 1 48 ? 20.471  -6.708  14.300  1.00 47.84  ? 63  U   A "C1'" 1 
ATOM   1013 N  N1    . U   A 1 48 ? 21.094  -5.506  13.722  1.00 45.06  ? 63  U   A N1    1 
ATOM   1014 C  C2    . U   A 1 48 ? 21.467  -5.547  12.390  1.00 42.67  ? 63  U   A C2    1 
ATOM   1015 O  O2    . U   A 1 48 ? 21.344  -6.543  11.700  1.00 40.27  ? 63  U   A O2    1 
ATOM   1016 N  N3    . U   A 1 48 ? 21.980  -4.374  11.896  1.00 41.20  ? 63  U   A N3    1 
ATOM   1017 C  C4    . U   A 1 48 ? 22.158  -3.190  12.578  1.00 41.38  ? 63  U   A C4    1 
ATOM   1018 O  O4    . U   A 1 48 ? 22.595  -2.205  11.980  1.00 40.46  ? 63  U   A O4    1 
ATOM   1019 C  C5    . U   A 1 48 ? 21.769  -3.233  13.955  1.00 41.98  ? 63  U   A C5    1 
ATOM   1020 C  C6    . U   A 1 48 ? 21.269  -4.362  14.468  1.00 43.01  ? 63  U   A C6    1 
ATOM   1021 P  P     . A   A 1 49 ? 20.015  -10.499 16.230  1.00 49.93  ? 64  A   A P     1 
ATOM   1022 O  OP1   . A   A 1 49 ? 20.518  -11.803 16.723  1.00 51.62  ? 64  A   A OP1   1 
ATOM   1023 O  OP2   . A   A 1 49 ? 19.702  -10.339 14.796  1.00 50.35  ? 64  A   A OP2   1 
ATOM   1024 O  "O5'" . A   A 1 49 ? 18.646  -10.245 17.004  1.00 49.89  ? 64  A   A "O5'" 1 
ATOM   1025 C  "C5'" . A   A 1 49 ? 17.455  -10.893 16.557  1.00 46.33  ? 64  A   A "C5'" 1 
ATOM   1026 C  "C4'" . A   A 1 49 ? 16.235  -10.059 16.870  1.00 45.42  ? 64  A   A "C4'" 1 
ATOM   1027 O  "O4'" . A   A 1 49 ? 16.559  -8.647  16.822  1.00 44.24  ? 64  A   A "O4'" 1 
ATOM   1028 C  "C3'" . A   A 1 49 ? 15.100  -10.260 15.878  1.00 44.43  ? 64  A   A "C3'" 1 
ATOM   1029 O  "O3'" . A   A 1 49 ? 14.255  -11.326 16.303  1.00 44.16  ? 64  A   A "O3'" 1 
ATOM   1030 C  "C2'" . A   A 1 49 ? 14.378  -8.921  15.917  1.00 43.89  ? 64  A   A "C2'" 1 
ATOM   1031 O  "O2'" . A   A 1 49 ? 13.477  -8.861  17.005  1.00 43.81  ? 64  A   A "O2'" 1 
ATOM   1032 C  "C1'" . A   A 1 49 ? 15.541  -7.944  16.130  1.00 42.90  ? 64  A   A "C1'" 1 
ATOM   1033 N  N9    . A   A 1 49 ? 16.154  -7.386  14.922  1.00 42.05  ? 64  A   A N9    1 
ATOM   1034 C  C8    . A   A 1 49 ? 16.575  -8.046  13.794  1.00 41.51  ? 64  A   A C8    1 
ATOM   1035 N  N7    . A   A 1 49 ? 17.175  -7.270  12.920  1.00 41.96  ? 64  A   A N7    1 
ATOM   1036 C  C5    . A   A 1 49 ? 17.129  -6.012  13.503  1.00 39.83  ? 64  A   A C5    1 
ATOM   1037 C  C6    . A   A 1 49 ? 17.619  -4.755  13.093  1.00 38.84  ? 64  A   A C6    1 
ATOM   1038 N  N6    . A   A 1 49 ? 18.291  -4.549  11.957  1.00 37.14  ? 64  A   A N6    1 
ATOM   1039 N  N1    . A   A 1 49 ? 17.403  -3.704  13.908  1.00 39.06  ? 64  A   A N1    1 
ATOM   1040 C  C2    . A   A 1 49 ? 16.751  -3.910  15.060  1.00 40.55  ? 64  A   A C2    1 
ATOM   1041 N  N3    . A   A 1 49 ? 16.255  -5.041  15.560  1.00 39.72  ? 64  A   A N3    1 
ATOM   1042 C  C4    . A   A 1 49 ? 16.480  -6.065  14.724  1.00 40.00  ? 64  A   A C4    1 
ATOM   1043 P  P     . A   A 1 50 ? 13.410  -12.152 15.218  1.00 45.41  ? 65  A   A P     1 
ATOM   1044 O  OP1   . A   A 1 50 ? 13.016  -13.453 15.816  1.00 45.74  ? 65  A   A OP1   1 
ATOM   1045 O  OP2   . A   A 1 50 ? 14.189  -12.133 13.954  1.00 46.48  ? 65  A   A OP2   1 
ATOM   1046 O  "O5'" . A   A 1 50 ? 12.100  -11.268 14.988  1.00 44.87  ? 65  A   A "O5'" 1 
ATOM   1047 C  "C5'" . A   A 1 50 ? 11.256  -10.906 16.077  1.00 39.37  ? 65  A   A "C5'" 1 
ATOM   1048 C  "C4'" . A   A 1 50 ? 10.333  -9.763  15.691  1.00 36.04  ? 65  A   A "C4'" 1 
ATOM   1049 O  "O4'" . A   A 1 50 ? 11.108  -8.607  15.276  1.00 34.89  ? 65  A   A "O4'" 1 
ATOM   1050 C  "C3'" . A   A 1 50 ? 9.435   -10.111 14.502  1.00 34.40  ? 65  A   A "C3'" 1 
ATOM   1051 O  "O3'" . A   A 1 50 ? 8.170   -9.513  14.774  1.00 33.06  ? 65  A   A "O3'" 1 
ATOM   1052 C  "C2'" . A   A 1 50 ? 10.137  -9.520  13.276  1.00 33.85  ? 65  A   A "C2'" 1 
ATOM   1053 O  "O2'" . A   A 1 50 ? 9.255   -8.946  12.341  1.00 34.48  ? 65  A   A "O2'" 1 
ATOM   1054 C  "C1'" . A   A 1 50 ? 10.880  -8.356  13.917  1.00 32.77  ? 65  A   A "C1'" 1 
ATOM   1055 N  N9    . A   A 1 50 ? 12.026  -7.703  13.295  1.00 32.53  ? 65  A   A N9    1 
ATOM   1056 C  C8    . A   A 1 50 ? 12.926  -8.134  12.355  1.00 32.15  ? 65  A   A C8    1 
ATOM   1057 N  N7    . A   A 1 50 ? 13.759  -7.197  11.959  1.00 32.73  ? 65  A   A N7    1 
ATOM   1058 C  C5    . A   A 1 50 ? 13.390  -6.085  12.705  1.00 31.98  ? 65  A   A C5    1 
ATOM   1059 C  C6    . A   A 1 50 ? 13.861  -4.759  12.737  1.00 33.26  ? 65  A   A C6    1 
ATOM   1060 N  N6    . A   A 1 50 ? 14.837  -4.295  11.953  1.00 34.11  ? 65  A   A N6    1 
ATOM   1061 N  N1    . A   A 1 50 ? 13.277  -3.906  13.611  1.00 33.79  ? 65  A   A N1    1 
ATOM   1062 C  C2    . A   A 1 50 ? 12.284  -4.362  14.384  1.00 32.01  ? 65  A   A C2    1 
ATOM   1063 N  N3    . A   A 1 50 ? 11.745  -5.576  14.430  1.00 31.78  ? 65  A   A N3    1 
ATOM   1064 C  C4    . A   A 1 50 ? 12.348  -6.395  13.554  1.00 32.15  ? 65  A   A C4    1 
ATOM   1065 P  P     . A   A 1 51 ? 6.804   -10.150 14.240  1.00 32.89  ? 66  A   A P     1 
ATOM   1066 O  OP1   . A   A 1 51 ? 6.108   -10.646 15.463  1.00 33.93  ? 66  A   A OP1   1 
ATOM   1067 O  OP2   . A   A 1 51 ? 7.039   -11.068 13.106  1.00 33.53  ? 66  A   A OP2   1 
ATOM   1068 O  "O5'" . A   A 1 51 ? 6.000   -8.887  13.705  1.00 30.70  ? 66  A   A "O5'" 1 
ATOM   1069 C  "C5'" . A   A 1 51 ? 6.443   -8.146  12.565  1.00 30.76  ? 66  A   A "C5'" 1 
ATOM   1070 C  "C4'" . A   A 1 51 ? 6.535   -6.674  12.903  1.00 29.65  ? 66  A   A "C4'" 1 
ATOM   1071 O  "O4'" . A   A 1 51 ? 7.866   -6.376  13.419  1.00 29.39  ? 66  A   A "O4'" 1 
ATOM   1072 C  "C3'" . A   A 1 51 ? 6.440   -5.723  11.728  1.00 29.11  ? 66  A   A "C3'" 1 
ATOM   1073 O  "O3'" . A   A 1 51 ? 5.110   -5.535  11.304  1.00 26.72  ? 66  A   A "O3'" 1 
ATOM   1074 C  "C2'" . A   A 1 51 ? 7.042   -4.458  12.317  1.00 30.50  ? 66  A   A "C2'" 1 
ATOM   1075 O  "O2'" . A   A 1 51 ? 6.183   -3.810  13.238  1.00 31.96  ? 66  A   A "O2'" 1 
ATOM   1076 C  "C1'" . A   A 1 51 ? 8.242   -5.048  13.052  1.00 29.09  ? 66  A   A "C1'" 1 
ATOM   1077 N  N9    . A   A 1 51 ? 9.380   -5.104  12.127  1.00 28.98  ? 66  A   A N9    1 
ATOM   1078 C  C8    . A   A 1 51 ? 9.871   -6.180  11.427  1.00 28.07  ? 66  A   A C8    1 
ATOM   1079 N  N7    . A   A 1 51 ? 10.854  -5.876  10.610  1.00 26.97  ? 66  A   A N7    1 
ATOM   1080 C  C5    . A   A 1 51 ? 11.024  -4.512  10.790  1.00 26.33  ? 66  A   A C5    1 
ATOM   1081 C  C6    . A   A 1 51 ? 11.882  -3.587  10.187  1.00 25.75  ? 66  A   A C6    1 
ATOM   1082 N  N6    . A   A 1 51 ? 12.744  -3.906  9.219   1.00 23.18  ? 66  A   A N6    1 
ATOM   1083 N  N1    . A   A 1 51 ? 11.816  -2.301  10.606  1.00 24.03  ? 66  A   A N1    1 
ATOM   1084 C  C2    . A   A 1 51 ? 10.925  -1.979  11.550  1.00 26.53  ? 66  A   A C2    1 
ATOM   1085 N  N3    . A   A 1 51 ? 10.045  -2.760  12.178  1.00 25.89  ? 66  A   A N3    1 
ATOM   1086 C  C4    . A   A 1 51 ? 10.147  -4.030  11.746  1.00 27.03  ? 66  A   A C4    1 
ATOM   1087 P  P     . U   A 1 52 ? 4.786   -5.586  9.742   1.00 26.97  ? 67  U   A P     1 
ATOM   1088 O  OP1   . U   A 1 52 ? 3.384   -5.204  9.500   1.00 24.03  ? 67  U   A OP1   1 
ATOM   1089 O  OP2   . U   A 1 52 ? 5.275   -6.906  9.274   1.00 29.14  ? 67  U   A OP2   1 
ATOM   1090 O  "O5'" . U   A 1 52 ? 5.744   -4.465  9.138   1.00 27.85  ? 67  U   A "O5'" 1 
ATOM   1091 C  "C5'" . U   A 1 52 ? 5.237   -3.173  8.809   1.00 24.75  ? 67  U   A "C5'" 1 
ATOM   1092 C  "C4'" . U   A 1 52 ? 5.562   -2.189  9.911   1.00 25.34  ? 67  U   A "C4'" 1 
ATOM   1093 O  "O4'" . U   A 1 52 ? 6.994   -2.152  10.160  1.00 23.32  ? 67  U   A "O4'" 1 
ATOM   1094 C  "C3'" . U   A 1 52 ? 5.181   -0.747  9.611   1.00 23.67  ? 67  U   A "C3'" 1 
ATOM   1095 O  "O3'" . U   A 1 52 ? 3.818   -0.517  9.940   1.00 23.31  ? 67  U   A "O3'" 1 
ATOM   1096 C  "C2'" . U   A 1 52 ? 6.116   0.019   10.528  1.00 23.17  ? 67  U   A "C2'" 1 
ATOM   1097 O  "O2'" . U   A 1 52 ? 5.640   0.010   11.849  1.00 24.09  ? 67  U   A "O2'" 1 
ATOM   1098 C  "C1'" . U   A 1 52 ? 7.394   -0.817  10.428  1.00 24.20  ? 67  U   A "C1'" 1 
ATOM   1099 N  N1    . U   A 1 52 ? 8.298   -0.388  9.351   1.00 23.88  ? 67  U   A N1    1 
ATOM   1100 C  C2    . U   A 1 52 ? 8.822   0.891   9.411   1.00 25.08  ? 67  U   A C2    1 
ATOM   1101 O  O2    . U   A 1 52 ? 8.542   1.685   10.289  1.00 24.49  ? 67  U   A O2    1 
ATOM   1102 N  N3    . U   A 1 52 ? 9.684   1.213   8.395   1.00 24.08  ? 67  U   A N3    1 
ATOM   1103 C  C4    . U   A 1 52 ? 10.061  0.415   7.345   1.00 27.09  ? 67  U   A C4    1 
ATOM   1104 O  O4    . U   A 1 52 ? 10.899  0.833   6.534   1.00 27.70  ? 67  U   A O4    1 
ATOM   1105 C  C5    . U   A 1 52 ? 9.458   -0.888  7.342   1.00 25.80  ? 67  U   A C5    1 
ATOM   1106 C  C6    . U   A 1 52 ? 8.622   -1.233  8.325   1.00 23.39  ? 67  U   A C6    1 
ATOM   1107 P  P     . G   A 1 53 ? 2.930   0.440   9.013   1.00 26.48  ? 68  G   A P     1 
ATOM   1108 O  OP1   . G   A 1 53 ? 1.511   0.325   9.409   1.00 26.36  ? 68  G   A OP1   1 
ATOM   1109 O  OP2   . G   A 1 53 ? 3.313   0.217   7.592   1.00 27.16  ? 68  G   A OP2   1 
ATOM   1110 O  "O5'" . G   A 1 53 ? 3.416   1.892   9.434   1.00 26.28  ? 68  G   A "O5'" 1 
ATOM   1111 C  "C5'" . G   A 1 53 ? 3.081   2.418   10.706  1.00 26.24  ? 68  G   A "C5'" 1 
ATOM   1112 C  "C4'" . G   A 1 53 ? 3.719   3.760   10.879  1.00 25.03  ? 68  G   A "C4'" 1 
ATOM   1113 O  "O4'" . G   A 1 53 ? 5.149   3.590   10.757  1.00 24.81  ? 68  G   A "O4'" 1 
ATOM   1114 C  "C3'" . G   A 1 53 ? 3.384   4.772   9.798   1.00 26.32  ? 68  G   A "C3'" 1 
ATOM   1115 O  "O3'" . G   A 1 53 ? 2.172   5.441   10.129  1.00 27.55  ? 68  G   A "O3'" 1 
ATOM   1116 C  "C2'" . G   A 1 53 ? 4.571   5.714   9.895   1.00 23.93  ? 68  G   A "C2'" 1 
ATOM   1117 O  "O2'" . G   A 1 53 ? 4.474   6.531   11.034  1.00 23.90  ? 68  G   A "O2'" 1 
ATOM   1118 C  "C1'" . G   A 1 53 ? 5.706   4.730   10.137  1.00 23.02  ? 68  G   A "C1'" 1 
ATOM   1119 N  N9    . G   A 1 53 ? 6.368   4.306   8.910   1.00 24.90  ? 68  G   A N9    1 
ATOM   1120 C  C8    . G   A 1 53 ? 6.273   3.086   8.287   1.00 23.73  ? 68  G   A C8    1 
ATOM   1121 N  N7    . G   A 1 53 ? 7.015   3.003   7.219   1.00 23.49  ? 68  G   A N7    1 
ATOM   1122 C  C5    . G   A 1 53 ? 7.632   4.240   7.133   1.00 20.85  ? 68  G   A C5    1 
ATOM   1123 C  C6    . G   A 1 53 ? 8.565   4.726   6.201   1.00 21.24  ? 68  G   A C6    1 
ATOM   1124 O  O6    . G   A 1 53 ? 9.065   4.131   5.231   1.00 21.29  ? 68  G   A O6    1 
ATOM   1125 N  N1    . G   A 1 53 ? 8.929   6.041   6.483   1.00 19.65  ? 68  G   A N1    1 
ATOM   1126 C  C2    . G   A 1 53 ? 8.467   6.782   7.542   1.00 20.60  ? 68  G   A C2    1 
ATOM   1127 N  N2    . G   A 1 53 ? 8.955   8.030   7.669   1.00 15.09  ? 68  G   A N2    1 
ATOM   1128 N  N3    . G   A 1 53 ? 7.594   6.329   8.425   1.00 19.39  ? 68  G   A N3    1 
ATOM   1129 C  C4    . G   A 1 53 ? 7.228   5.060   8.161   1.00 21.60  ? 68  G   A C4    1 
ATOM   1130 P  P     . U   A 1 54 ? 1.196   5.958   8.965   1.00 28.29  ? 69  U   A P     1 
ATOM   1131 O  OP1   . U   A 1 54 ? -0.090  6.337   9.613   1.00 25.85  ? 69  U   A OP1   1 
ATOM   1132 O  OP2   . U   A 1 54 ? 1.191   4.975   7.860   1.00 28.38  ? 69  U   A OP2   1 
ATOM   1133 O  "O5'" . U   A 1 54 ? 1.916   7.274   8.433   1.00 27.16  ? 69  U   A "O5'" 1 
ATOM   1134 C  "C5'" . U   A 1 54 ? 2.190   8.356   9.310   1.00 27.89  ? 69  U   A "C5'" 1 
ATOM   1135 C  "C4'" . U   A 1 54 ? 3.207   9.270   8.689   1.00 27.86  ? 69  U   A "C4'" 1 
ATOM   1136 O  "O4'" . U   A 1 54 ? 4.423   8.517   8.454   1.00 29.96  ? 69  U   A "O4'" 1 
ATOM   1137 C  "C3'" . U   A 1 54 ? 2.844   9.780   7.307   1.00 29.13  ? 69  U   A "C3'" 1 
ATOM   1138 O  "O3'" . U   A 1 54 ? 1.974   10.898  7.406   1.00 27.58  ? 69  U   A "O3'" 1 
ATOM   1139 C  "C2'" . U   A 1 54 ? 4.213   10.134  6.740   1.00 28.89  ? 69  U   A "C2'" 1 
ATOM   1140 O  "O2'" . U   A 1 54 ? 4.730   11.315  7.316   1.00 30.75  ? 69  U   A "O2'" 1 
ATOM   1141 C  "C1'" . U   A 1 54 ? 5.049   8.970   7.261   1.00 27.73  ? 69  U   A "C1'" 1 
ATOM   1142 N  N1    . U   A 1 54 ? 5.168   7.829   6.342   1.00 25.81  ? 69  U   A N1    1 
ATOM   1143 C  C2    . U   A 1 54 ? 6.099   7.919   5.322   1.00 24.57  ? 69  U   A C2    1 
ATOM   1144 O  O2    . U   A 1 54 ? 6.763   8.926   5.128   1.00 22.39  ? 69  U   A O2    1 
ATOM   1145 N  N3    . U   A 1 54 ? 6.219   6.794   4.540   1.00 19.84  ? 69  U   A N3    1 
ATOM   1146 C  C4    . U   A 1 54 ? 5.506   5.614   4.662   1.00 23.93  ? 69  U   A C4    1 
ATOM   1147 O  O4    . U   A 1 54 ? 5.773   4.656   3.923   1.00 23.96  ? 69  U   A O4    1 
ATOM   1148 C  C5    . U   A 1 54 ? 4.534   5.613   5.716   1.00 25.50  ? 69  U   A C5    1 
ATOM   1149 C  C6    . U   A 1 54 ? 4.402   6.696   6.503   1.00 26.16  ? 69  U   A C6    1 
ATOM   1150 P  P     . C   A 1 55 ? 0.886   11.158  6.256   1.00 30.72  ? 70  C   A P     1 
ATOM   1151 O  OP1   . C   A 1 55 ? -0.146  12.079  6.817   1.00 26.19  ? 70  C   A OP1   1 
ATOM   1152 O  OP2   . C   A 1 55 ? 0.474   9.848   5.691   1.00 28.48  ? 70  C   A OP2   1 
ATOM   1153 O  "O5'" . C   A 1 55 ? 1.720   11.928  5.135   1.00 29.95  ? 70  C   A "O5'" 1 
ATOM   1154 C  "C5'" . C   A 1 55 ? 2.281   13.204  5.408   1.00 26.86  ? 70  C   A "C5'" 1 
ATOM   1155 C  "C4'" . C   A 1 55 ? 3.286   13.570  4.348   1.00 27.55  ? 70  C   A "C4'" 1 
ATOM   1156 O  "O4'" . C   A 1 55 ? 4.397   12.645  4.403   1.00 29.29  ? 70  C   A "O4'" 1 
ATOM   1157 C  "C3'" . C   A 1 55 ? 2.803   13.461  2.916   1.00 28.05  ? 70  C   A "C3'" 1 
ATOM   1158 O  "O3'" . C   A 1 55 ? 2.091   14.618  2.522   1.00 27.44  ? 70  C   A "O3'" 1 
ATOM   1159 C  "C2'" . C   A 1 55 ? 4.117   13.340  2.169   1.00 28.95  ? 70  C   A "C2'" 1 
ATOM   1160 O  "O2'" . C   A 1 55 ? 4.791   14.576  2.107   1.00 30.18  ? 70  C   A "O2'" 1 
ATOM   1161 C  "C1'" . C   A 1 55 ? 4.889   12.404  3.093   1.00 27.99  ? 70  C   A "C1'" 1 
ATOM   1162 N  N1    . C   A 1 55 ? 4.674   10.984  2.784   1.00 27.38  ? 70  C   A N1    1 
ATOM   1163 C  C2    . C   A 1 55 ? 5.469   10.367  1.809   1.00 28.29  ? 70  C   A C2    1 
ATOM   1164 O  O2    . C   A 1 55 ? 6.292   11.049  1.182   1.00 29.32  ? 70  C   A O2    1 
ATOM   1165 N  N3    . C   A 1 55 ? 5.317   9.043   1.575   1.00 26.32  ? 70  C   A N3    1 
ATOM   1166 C  C4    . C   A 1 55 ? 4.414   8.343   2.266   1.00 27.25  ? 70  C   A C4    1 
ATOM   1167 N  N4    . C   A 1 55 ? 4.334   7.028   2.047   1.00 27.15  ? 70  C   A N4    1 
ATOM   1168 C  C5    . C   A 1 55 ? 3.560   8.956   3.230   1.00 27.80  ? 70  C   A C5    1 
ATOM   1169 C  C6    . C   A 1 55 ? 3.723   10.266  3.455   1.00 28.65  ? 70  C   A C6    1 
ATOM   1170 P  P     . C   A 1 56 ? 0.862   14.473  1.512   1.00 27.34  ? 71  C   A P     1 
ATOM   1171 O  OP1   . C   A 1 56 ? 0.149   15.781  1.475   1.00 28.06  ? 71  C   A OP1   1 
ATOM   1172 O  OP2   . C   A 1 56 ? 0.121   13.245  1.880   1.00 29.45  ? 71  C   A OP2   1 
ATOM   1173 O  "O5'" . C   A 1 56 ? 1.562   14.218  0.106   1.00 26.77  ? 71  C   A "O5'" 1 
ATOM   1174 C  "C5'" . C   A 1 56 ? 2.237   15.271  -0.562  1.00 26.20  ? 71  C   A "C5'" 1 
ATOM   1175 C  "C4'" . C   A 1 56 ? 3.107   14.720  -1.662  1.00 25.94  ? 71  C   A "C4'" 1 
ATOM   1176 O  "O4'" . C   A 1 56 ? 3.988   13.718  -1.090  1.00 27.47  ? 71  C   A "O4'" 1 
ATOM   1177 C  "C3'" . C   A 1 56 ? 2.395   13.950  -2.756  1.00 24.43  ? 71  C   A "C3'" 1 
ATOM   1178 O  "O3'" . C   A 1 56 ? 1.811   14.807  -3.717  1.00 24.33  ? 71  C   A "O3'" 1 
ATOM   1179 C  "C2'" . C   A 1 56 ? 3.540   13.134  -3.331  1.00 27.47  ? 71  C   A "C2'" 1 
ATOM   1180 O  "O2'" . C   A 1 56 ? 4.432   13.916  -4.102  1.00 26.89  ? 71  C   A "O2'" 1 
ATOM   1181 C  "C1'" . C   A 1 56 ? 4.242   12.699  -2.047  1.00 25.82  ? 71  C   A "C1'" 1 
ATOM   1182 N  N1    . C   A 1 56 ? 3.717   11.423  -1.526  1.00 24.26  ? 71  C   A N1    1 
ATOM   1183 C  C2    . C   A 1 56 ? 4.184   10.225  -2.090  1.00 24.27  ? 71  C   A C2    1 
ATOM   1184 O  O2    . C   A 1 56 ? 5.028   10.283  -3.005  1.00 23.62  ? 71  C   A O2    1 
ATOM   1185 N  N3    . C   A 1 56 ? 3.710   9.041   -1.623  1.00 22.64  ? 71  C   A N3    1 
ATOM   1186 C  C4    . C   A 1 56 ? 2.810   9.023   -0.631  1.00 22.41  ? 71  C   A C4    1 
ATOM   1187 N  N4    . C   A 1 56 ? 2.375   7.830   -0.194  1.00 19.42  ? 71  C   A N4    1 
ATOM   1188 C  C5    . C   A 1 56 ? 2.319   10.228  -0.038  1.00 23.67  ? 71  C   A C5    1 
ATOM   1189 C  C6    . C   A 1 56 ? 2.793   11.397  -0.516  1.00 23.31  ? 71  C   A C6    1 
ATOM   1190 P  P     . G   A 1 57 ? 0.553   14.291  -4.561  1.00 26.77  ? 72  G   A P     1 
ATOM   1191 O  OP1   . G   A 1 57 ? 0.067   15.372  -5.449  1.00 23.92  ? 72  G   A OP1   1 
ATOM   1192 O  OP2   . G   A 1 57 ? -0.381  13.638  -3.625  1.00 27.35  ? 72  G   A OP2   1 
ATOM   1193 O  "O5'" . G   A 1 57 ? 1.160   13.134  -5.472  1.00 28.10  ? 72  G   A "O5'" 1 
ATOM   1194 C  "C5'" . G   A 1 57 ? 2.155   13.419  -6.450  1.00 27.65  ? 72  G   A "C5'" 1 
ATOM   1195 C  "C4'" . G   A 1 57 ? 2.581   12.146  -7.141  1.00 27.86  ? 72  G   A "C4'" 1 
ATOM   1196 O  "O4'" . G   A 1 57 ? 3.229   11.271  -6.184  1.00 27.93  ? 72  G   A "O4'" 1 
ATOM   1197 C  "C3'" . G   A 1 57 ? 1.444   11.304  -7.678  1.00 28.87  ? 72  G   A "C3'" 1 
ATOM   1198 O  "O3'" . G   A 1 57 ? 1.027   11.782  -8.940  1.00 32.50  ? 72  G   A "O3'" 1 
ATOM   1199 C  "C2'" . G   A 1 57 ? 2.077   9.925   -7.758  1.00 29.04  ? 72  G   A "C2'" 1 
ATOM   1200 O  "O2'" . G   A 1 57 ? 2.895   9.737   -8.892  1.00 32.11  ? 72  G   A "O2'" 1 
ATOM   1201 C  "C1'" . G   A 1 57 ? 2.940   9.922   -6.498  1.00 26.39  ? 72  G   A "C1'" 1 
ATOM   1202 N  N9    . G   A 1 57 ? 2.223   9.324   -5.378  1.00 24.83  ? 72  G   A N9    1 
ATOM   1203 C  C8    . G   A 1 57 ? 1.499   9.956   -4.392  1.00 24.94  ? 72  G   A C8    1 
ATOM   1204 N  N7    . G   A 1 57 ? 0.932   9.119   -3.561  1.00 23.59  ? 72  G   A N7    1 
ATOM   1205 C  C5    . G   A 1 57 ? 1.315   7.870   -4.023  1.00 22.61  ? 72  G   A C5    1 
ATOM   1206 C  C6    . G   A 1 57 ? 1.007   6.576   -3.539  1.00 23.09  ? 72  G   A C6    1 
ATOM   1207 O  O6    . G   A 1 57 ? 0.297   6.257   -2.565  1.00 21.83  ? 72  G   A O6    1 
ATOM   1208 N  N1    . G   A 1 57 ? 1.609   5.589   -4.317  1.00 21.32  ? 72  G   A N1    1 
ATOM   1209 C  C2    . G   A 1 57 ? 2.393   5.820   -5.428  1.00 22.98  ? 72  G   A C2    1 
ATOM   1210 N  N2    . G   A 1 57 ? 2.877   4.738   -6.079  1.00 21.09  ? 72  G   A N2    1 
ATOM   1211 N  N3    . G   A 1 57 ? 2.682   7.019   -5.880  1.00 22.03  ? 72  G   A N3    1 
ATOM   1212 C  C4    . G   A 1 57 ? 2.119   7.987   -5.138  1.00 22.95  ? 72  G   A C4    1 
ATOM   1213 P  P     . A   A 1 58 ? -0.449  11.445  -9.461  1.00 35.49  ? 73  A   A P     1 
ATOM   1214 O  OP1   . A   A 1 58 ? -0.795  12.413  -10.533 1.00 37.11  ? 73  A   A OP1   1 
ATOM   1215 O  OP2   . A   A 1 58 ? -1.346  11.306  -8.284  1.00 37.64  ? 73  A   A OP2   1 
ATOM   1216 O  "O5'" . A   A 1 58 ? -0.302  9.997   -10.096 1.00 38.08  ? 73  A   A "O5'" 1 
ATOM   1217 C  "C5'" . A   A 1 58 ? -1.371  9.430   -10.836 1.00 40.24  ? 73  A   A "C5'" 1 
ATOM   1218 C  "C4'" . A   A 1 58 ? -1.105  7.975   -11.104 1.00 41.35  ? 73  A   A "C4'" 1 
ATOM   1219 O  "O4'" . A   A 1 58 ? -0.956  7.266   -9.851  1.00 42.08  ? 73  A   A "O4'" 1 
ATOM   1220 C  "C3'" . A   A 1 58 ? -2.250  7.267   -11.791 1.00 42.94  ? 73  A   A "C3'" 1 
ATOM   1221 O  "O3'" . A   A 1 58 ? -2.151  7.478   -13.185 1.00 45.14  ? 73  A   A "O3'" 1 
ATOM   1222 C  "C2'" . A   A 1 58 ? -2.001  5.822   -11.395 1.00 42.77  ? 73  A   A "C2'" 1 
ATOM   1223 O  "O2'" . A   A 1 58 ? -0.924  5.253   -12.107 1.00 44.86  ? 73  A   A "O2'" 1 
ATOM   1224 C  "C1'" . A   A 1 58 ? -1.567  5.992   -9.943  1.00 40.79  ? 73  A   A "C1'" 1 
ATOM   1225 N  N9    . A   A 1 58 ? -2.667  5.955   -8.981  1.00 40.12  ? 73  A   A N9    1 
ATOM   1226 C  C8    . A   A 1 58 ? -3.269  7.026   -8.368  1.00 38.78  ? 73  A   A C8    1 
ATOM   1227 N  N7    . A   A 1 58 ? -4.202  6.688   -7.509  1.00 37.76  ? 73  A   A N7    1 
ATOM   1228 C  C5    . A   A 1 58 ? -4.226  5.303   -7.571  1.00 36.82  ? 73  A   A C5    1 
ATOM   1229 C  C6    . A   A 1 58 ? -4.993  4.343   -6.894  1.00 36.23  ? 73  A   A C6    1 
ATOM   1230 N  N6    . A   A 1 58 ? -5.911  4.645   -5.980  1.00 37.07  ? 73  A   A N6    1 
ATOM   1231 N  N1    . A   A 1 58 ? -4.777  3.044   -7.189  1.00 35.58  ? 73  A   A N1    1 
ATOM   1232 C  C2    . A   A 1 58 ? -3.842  2.743   -8.099  1.00 36.72  ? 73  A   A C2    1 
ATOM   1233 N  N3    . A   A 1 58 ? -3.052  3.556   -8.798  1.00 36.94  ? 73  A   A N3    1 
ATOM   1234 C  C4    . A   A 1 58 ? -3.295  4.837   -8.483  1.00 37.44  ? 73  A   A C4    1 
ATOM   1235 P  P     . U   A 1 59 ? -3.486  7.617   -14.058 1.00 47.81  ? 74  U   A P     1 
ATOM   1236 O  OP1   . U   A 1 59 ? -3.071  7.987   -15.434 1.00 48.79  ? 74  U   A OP1   1 
ATOM   1237 O  OP2   . U   A 1 59 ? -4.453  8.475   -13.316 1.00 48.02  ? 74  U   A OP2   1 
ATOM   1238 O  "O5'" . U   A 1 59 ? -4.089  6.145   -14.061 1.00 46.46  ? 74  U   A "O5'" 1 
ATOM   1239 C  "C5'" . U   A 1 59 ? -3.298  5.041   -14.460 1.00 43.53  ? 74  U   A "C5'" 1 
ATOM   1240 C  "C4'" . U   A 1 59 ? -3.909  3.767   -13.946 1.00 42.71  ? 74  U   A "C4'" 1 
ATOM   1241 O  "O4'" . U   A 1 59 ? -3.856  3.761   -12.494 1.00 41.09  ? 74  U   A "O4'" 1 
ATOM   1242 C  "C3'" . U   A 1 59 ? -5.391  3.605   -14.218 1.00 41.63  ? 74  U   A "C3'" 1 
ATOM   1243 O  "O3'" . U   A 1 59 ? -5.654  3.172   -15.541 1.00 42.02  ? 74  U   A "O3'" 1 
ATOM   1244 C  "C2'" . U   A 1 59 ? -5.770  2.549   -13.191 1.00 40.83  ? 74  U   A "C2'" 1 
ATOM   1245 O  "O2'" . U   A 1 59 ? -5.365  1.251   -13.583 1.00 38.72  ? 74  U   A "O2'" 1 
ATOM   1246 C  "C1'" . U   A 1 59 ? -4.946  3.009   -11.986 1.00 39.84  ? 74  U   A "C1'" 1 
ATOM   1247 N  N1    . U   A 1 59 ? -5.709  3.852   -11.056 1.00 38.12  ? 74  U   A N1    1 
ATOM   1248 C  C2    . U   A 1 59 ? -6.555  3.212   -10.177 1.00 37.53  ? 74  U   A C2    1 
ATOM   1249 O  O2    . U   A 1 59 ? -6.709  2.010   -10.174 1.00 39.65  ? 74  U   A O2    1 
ATOM   1250 N  N3    . U   A 1 59 ? -7.225  4.030   -9.306  1.00 36.82  ? 74  U   A N3    1 
ATOM   1251 C  C4    . U   A 1 59 ? -7.147  5.399   -9.231  1.00 37.15  ? 74  U   A C4    1 
ATOM   1252 O  O4    . U   A 1 59 ? -7.773  5.987   -8.347  1.00 38.56  ? 74  U   A O4    1 
ATOM   1253 C  C5    . U   A 1 59 ? -6.267  6.003   -10.190 1.00 37.35  ? 74  U   A C5    1 
ATOM   1254 C  C6    . U   A 1 59 ? -5.591  5.224   -11.049 1.00 38.48  ? 74  U   A C6    1 
ATOM   1255 P  P     . U   A 1 60 ? -7.053  3.551   -16.227 1.00 41.32  ? 75  U   A P     1 
ATOM   1256 O  OP1   . U   A 1 60 ? -7.032  3.039   -17.618 1.00 41.71  ? 75  U   A OP1   1 
ATOM   1257 O  OP2   . U   A 1 60 ? -7.272  4.996   -15.980 1.00 40.42  ? 75  U   A OP2   1 
ATOM   1258 O  "O5'" . U   A 1 60 ? -8.123  2.718   -15.387 1.00 41.55  ? 75  U   A "O5'" 1 
ATOM   1259 C  "C5'" . U   A 1 60 ? -8.043  1.297   -15.323 1.00 41.42  ? 75  U   A "C5'" 1 
ATOM   1260 C  "C4'" . U   A 1 60 ? -9.091  0.737   -14.382 1.00 41.94  ? 75  U   A "C4'" 1 
ATOM   1261 O  "O4'" . U   A 1 60 ? -8.763  1.085   -13.010 1.00 42.44  ? 75  U   A "O4'" 1 
ATOM   1262 C  "C3'" . U   A 1 60 ? -10.503 1.262   -14.569 1.00 42.46  ? 75  U   A "C3'" 1 
ATOM   1263 O  "O3'" . U   A 1 60 ? -11.186 0.559   -15.594 1.00 43.85  ? 75  U   A "O3'" 1 
ATOM   1264 C  "C2'" . U   A 1 60 ? -11.124 1.002   -13.203 1.00 41.34  ? 75  U   A "C2'" 1 
ATOM   1265 O  "O2'" . U   A 1 60 ? -11.495 -0.346  -13.027 1.00 44.53  ? 75  U   A "O2'" 1 
ATOM   1266 C  "C1'" . U   A 1 60 ? -9.956  1.318   -12.276 1.00 39.64  ? 75  U   A "C1'" 1 
ATOM   1267 N  N1    . U   A 1 60 ? -9.978  2.719   -11.838 1.00 35.68  ? 75  U   A N1    1 
ATOM   1268 C  C2    . U   A 1 60 ? -10.833 3.042   -10.804 1.00 33.61  ? 75  U   A C2    1 
ATOM   1269 O  O2    . U   A 1 60 ? -11.545 2.220   -10.255 1.00 34.14  ? 75  U   A O2    1 
ATOM   1270 N  N3    . U   A 1 60 ? -10.830 4.362   -10.440 1.00 32.49  ? 75  U   A N3    1 
ATOM   1271 C  C4    . U   A 1 60 ? -10.081 5.372   -10.998 1.00 30.76  ? 75  U   A C4    1 
ATOM   1272 O  O4    . U   A 1 60 ? -10.201 6.513   -10.566 1.00 29.68  ? 75  U   A O4    1 
ATOM   1273 C  C5    . U   A 1 60 ? -9.219  4.961   -12.061 1.00 32.53  ? 75  U   A C5    1 
ATOM   1274 C  C6    . U   A 1 60 ? -9.196  3.678   -12.435 1.00 33.64  ? 75  U   A C6    1 
ATOM   1275 P  P     . A   A 1 61 ? -12.380 1.275   -16.385 1.00 44.89  ? 76  A   A P     1 
ATOM   1276 O  OP1   . A   A 1 61 ? -12.811 0.364   -17.472 1.00 45.02  ? 76  A   A OP1   1 
ATOM   1277 O  OP2   . A   A 1 61 ? -11.946 2.659   -16.709 1.00 43.20  ? 76  A   A OP2   1 
ATOM   1278 O  "O5'" . A   A 1 61 ? -13.549 1.366   -15.306 1.00 44.87  ? 76  A   A "O5'" 1 
ATOM   1279 C  "C5'" . A   A 1 61 ? -14.191 0.188   -14.836 1.00 44.80  ? 76  A   A "C5'" 1 
ATOM   1280 C  "C4'" . A   A 1 61 ? -15.295 0.539   -13.865 1.00 44.75  ? 76  A   A "C4'" 1 
ATOM   1281 O  "O4'" . A   A 1 61 ? -14.723 1.066   -12.639 1.00 43.99  ? 76  A   A "O4'" 1 
ATOM   1282 C  "C3'" . A   A 1 61 ? -16.235 1.636   -14.332 1.00 44.91  ? 76  A   A "C3'" 1 
ATOM   1283 O  "O3'" . A   A 1 61 ? -17.252 1.099   -15.161 1.00 46.57  ? 76  A   A "O3'" 1 
ATOM   1284 C  "C2'" . A   A 1 61 ? -16.796 2.161   -13.020 1.00 44.02  ? 76  A   A "C2'" 1 
ATOM   1285 O  "O2'" . A   A 1 61 ? -17.804 1.315   -12.507 1.00 47.12  ? 76  A   A "O2'" 1 
ATOM   1286 C  "C1'" . A   A 1 61 ? -15.573 2.071   -12.112 1.00 42.74  ? 76  A   A "C1'" 1 
ATOM   1287 N  N9    . A   A 1 61 ? -14.819 3.316   -12.003 1.00 39.84  ? 76  A   A N9    1 
ATOM   1288 C  C8    . A   A 1 61 ? -13.703 3.707   -12.703 1.00 39.76  ? 76  A   A C8    1 
ATOM   1289 N  N7    . A   A 1 61 ? -13.244 4.885   -12.349 1.00 38.57  ? 76  A   A N7    1 
ATOM   1290 C  C5    . A   A 1 61 ? -14.120 5.297   -11.352 1.00 37.52  ? 76  A   A C5    1 
ATOM   1291 C  C6    . A   A 1 61 ? -14.181 6.458   -10.564 1.00 36.75  ? 76  A   A C6    1 
ATOM   1292 N  N6    . A   A 1 61 ? -13.307 7.464   -10.651 1.00 37.08  ? 76  A   A N6    1 
ATOM   1293 N  N1    . A   A 1 61 ? -15.182 6.554   -9.668  1.00 37.73  ? 76  A   A N1    1 
ATOM   1294 C  C2    . A   A 1 61 ? -16.060 5.548   -9.574  1.00 36.79  ? 76  A   A C2    1 
ATOM   1295 N  N3    . A   A 1 61 ? -16.108 4.411   -10.253 1.00 36.94  ? 76  A   A N3    1 
ATOM   1296 C  C4    . A   A 1 61 ? -15.098 4.344   -11.136 1.00 38.14  ? 76  A   A C4    1 
ATOM   1297 P  P     . U   A 1 62 ? -17.870 1.994   -16.339 1.00 47.80  ? 77  U   A P     1 
ATOM   1298 O  OP1   . U   A 1 62 ? -18.712 1.082   -17.149 1.00 48.71  ? 77  U   A OP1   1 
ATOM   1299 O  OP2   . U   A 1 62 ? -16.775 2.755   -16.995 1.00 48.43  ? 77  U   A OP2   1 
ATOM   1300 O  "O5'" . U   A 1 62 ? -18.812 3.030   -15.583 1.00 46.59  ? 77  U   A "O5'" 1 
ATOM   1301 C  "C5'" . U   A 1 62 ? -20.097 2.629   -15.144 1.00 48.05  ? 77  U   A "C5'" 1 
ATOM   1302 C  "C4'" . U   A 1 62 ? -20.767 3.732   -14.360 1.00 50.47  ? 77  U   A "C4'" 1 
ATOM   1303 O  "O4'" . U   A 1 62 ? -20.016 3.971   -13.137 1.00 50.44  ? 77  U   A "O4'" 1 
ATOM   1304 C  "C3'" . U   A 1 62 ? -20.798 5.099   -15.031 1.00 51.77  ? 77  U   A "C3'" 1 
ATOM   1305 O  "O3'" . U   A 1 62 ? -21.849 5.248   -15.977 1.00 54.86  ? 77  U   A "O3'" 1 
ATOM   1306 C  "C2'" . U   A 1 62 ? -20.970 6.030   -13.842 1.00 51.33  ? 77  U   A "C2'" 1 
ATOM   1307 O  "O2'" . U   A 1 62 ? -22.305 6.089   -13.388 1.00 52.72  ? 77  U   A "O2'" 1 
ATOM   1308 C  "C1'" . U   A 1 62 ? -20.086 5.347   -12.798 1.00 50.56  ? 77  U   A "C1'" 1 
ATOM   1309 N  N1    . U   A 1 62 ? -18.739 5.930   -12.831 1.00 47.98  ? 77  U   A N1    1 
ATOM   1310 C  C2    . U   A 1 62 ? -18.509 6.995   -11.996 1.00 46.32  ? 77  U   A C2    1 
ATOM   1311 O  O2    . U   A 1 62 ? -19.342 7.400   -11.212 1.00 45.20  ? 77  U   A O2    1 
ATOM   1312 N  N3    . U   A 1 62 ? -17.270 7.572   -12.112 1.00 46.78  ? 77  U   A N3    1 
ATOM   1313 C  C4    . U   A 1 62 ? -16.255 7.186   -12.961 1.00 47.37  ? 77  U   A C4    1 
ATOM   1314 O  O4    . U   A 1 62 ? -15.195 7.819   -12.962 1.00 48.30  ? 77  U   A O4    1 
ATOM   1315 C  C5    . U   A 1 62 ? -16.562 6.049   -13.779 1.00 46.75  ? 77  U   A C5    1 
ATOM   1316 C  C6    . U   A 1 62 ? -17.763 5.470   -13.683 1.00 46.72  ? 77  U   A C6    1 
ATOM   1317 P  P     . G   A 1 63 ? -21.693 6.319   -17.167 1.00 56.78  ? 78  G   A P     1 
ATOM   1318 O  OP1   . G   A 1 63 ? -22.772 6.081   -18.160 1.00 56.61  ? 78  G   A OP1   1 
ATOM   1319 O  OP2   . G   A 1 63 ? -20.276 6.297   -17.606 1.00 56.64  ? 78  G   A OP2   1 
ATOM   1320 O  "O5'" . G   A 1 63 ? -21.949 7.723   -16.458 1.00 57.42  ? 78  G   A "O5'" 1 
ATOM   1321 C  "C5'" . G   A 1 63 ? -23.156 7.962   -15.752 1.00 58.43  ? 78  G   A "C5'" 1 
ATOM   1322 C  "C4'" . G   A 1 63 ? -23.062 9.238   -14.950 1.00 61.29  ? 78  G   A "C4'" 1 
ATOM   1323 O  "O4'" . G   A 1 63 ? -22.016 9.102   -13.943 1.00 61.88  ? 78  G   A "O4'" 1 
ATOM   1324 C  "C3'" . G   A 1 63 ? -22.640 10.473  -15.732 1.00 62.44  ? 78  G   A "C3'" 1 
ATOM   1325 O  "O3'" . G   A 1 63 ? -23.720 11.083  -16.423 1.00 64.46  ? 78  G   A "O3'" 1 
ATOM   1326 C  "C2'" . G   A 1 63 ? -22.089 11.374  -14.636 1.00 61.97  ? 78  G   A "C2'" 1 
ATOM   1327 O  "O2'" . G   A 1 63 ? -23.105 12.027  -13.903 1.00 63.21  ? 78  G   A "O2'" 1 
ATOM   1328 C  "C1'" . G   A 1 63 ? -21.387 10.359  -13.738 1.00 60.99  ? 78  G   A "C1'" 1 
ATOM   1329 N  N9    . G   A 1 63 ? -19.970 10.255  -14.070 1.00 59.98  ? 78  G   A N9    1 
ATOM   1330 C  C8    . G   A 1 63 ? -19.337 9.280   -14.804 1.00 58.69  ? 78  G   A C8    1 
ATOM   1331 N  N7    . G   A 1 63 ? -18.055 9.495   -14.935 1.00 57.64  ? 78  G   A N7    1 
ATOM   1332 C  C5    . G   A 1 63 ? -17.833 10.678  -14.242 1.00 57.39  ? 78  G   A C5    1 
ATOM   1333 C  C6    . G   A 1 63 ? -16.639 11.411  -14.029 1.00 56.90  ? 78  G   A C6    1 
ATOM   1334 O  O6    . G   A 1 63 ? -15.494 11.157  -14.419 1.00 57.88  ? 78  G   A O6    1 
ATOM   1335 N  N1    . G   A 1 63 ? -16.868 12.552  -13.271 1.00 56.12  ? 78  G   A N1    1 
ATOM   1336 C  C2    . G   A 1 63 ? -18.082 12.944  -12.778 1.00 56.92  ? 78  G   A C2    1 
ATOM   1337 N  N2    . G   A 1 63 ? -18.094 14.083  -12.065 1.00 56.67  ? 78  G   A N2    1 
ATOM   1338 N  N3    . G   A 1 63 ? -19.202 12.271  -12.965 1.00 58.11  ? 78  G   A N3    1 
ATOM   1339 C  C4    . G   A 1 63 ? -19.004 11.156  -13.702 1.00 58.53  ? 78  G   A C4    1 
ATOM   1340 P  P     . U   A 1 64 ? -23.414 12.031  -17.684 1.00 66.21  ? 79  U   A P     1 
ATOM   1341 O  OP1   . U   A 1 64 ? -24.720 12.393  -18.288 1.00 67.23  ? 79  U   A OP1   1 
ATOM   1342 O  OP2   . U   A 1 64 ? -22.374 11.367  -18.514 1.00 65.12  ? 79  U   A OP2   1 
ATOM   1343 O  "O5'" . U   A 1 64 ? -22.770 13.343  -17.047 1.00 66.56  ? 79  U   A "O5'" 1 
ATOM   1344 C  "C5'" . U   A 1 64 ? -23.559 14.240  -16.274 1.00 68.55  ? 79  U   A "C5'" 1 
ATOM   1345 C  "C4'" . U   A 1 64 ? -22.759 15.468  -15.904 1.00 70.48  ? 79  U   A "C4'" 1 
ATOM   1346 O  "O4'" . U   A 1 64 ? -21.661 15.080  -15.033 1.00 70.61  ? 79  U   A "O4'" 1 
ATOM   1347 C  "C3'" . U   A 1 64 ? -22.073 16.181  -17.061 1.00 72.14  ? 79  U   A "C3'" 1 
ATOM   1348 O  "O3'" . U   A 1 64 ? -22.940 17.078  -17.745 1.00 74.50  ? 79  U   A "O3'" 1 
ATOM   1349 C  "C2'" . U   A 1 64 ? -20.940 16.915  -16.359 1.00 71.55  ? 79  U   A "C2'" 1 
ATOM   1350 O  "O2'" . U   A 1 64 ? -21.372 18.104  -15.728 1.00 72.40  ? 79  U   A "O2'" 1 
ATOM   1351 C  "C1'" . U   A 1 64 ? -20.526 15.889  -15.304 1.00 70.70  ? 79  U   A "C1'" 1 
ATOM   1352 N  N1    . U   A 1 64 ? -19.439 15.027  -15.787 1.00 69.91  ? 79  U   A N1    1 
ATOM   1353 C  C2    . U   A 1 64 ? -18.153 15.515  -15.689 1.00 69.78  ? 79  U   A C2    1 
ATOM   1354 O  O2    . U   A 1 64 ? -17.892 16.603  -15.206 1.00 70.22  ? 79  U   A O2    1 
ATOM   1355 N  N3    . U   A 1 64 ? -17.179 14.681  -16.177 1.00 69.11  ? 79  U   A N3    1 
ATOM   1356 C  C4    . U   A 1 64 ? -17.355 13.433  -16.735 1.00 68.80  ? 79  U   A C4    1 
ATOM   1357 O  O4    . U   A 1 64 ? -16.369 12.798  -17.118 1.00 68.20  ? 79  U   A O4    1 
ATOM   1358 C  C5    . U   A 1 64 ? -18.717 12.997  -16.795 1.00 68.58  ? 79  U   A C5    1 
ATOM   1359 C  C6    . U   A 1 64 ? -19.688 13.789  -16.329 1.00 69.20  ? 79  U   A C6    1 
ATOM   1360 P  P     . C   A 1 65 ? -22.612 17.487  -19.266 1.00 76.58  ? 80  C   A P     1 
ATOM   1361 O  OP1   . C   A 1 65 ? -23.881 17.548  -20.034 1.00 76.46  ? 80  C   A OP1   1 
ATOM   1362 O  OP2   . C   A 1 65 ? -21.516 16.599  -19.732 1.00 75.76  ? 80  C   A OP2   1 
ATOM   1363 O  "O5'" . C   A 1 65 ? -22.015 18.959  -19.152 1.00 77.86  ? 80  C   A "O5'" 1 
ATOM   1364 C  "C5'" . C   A 1 65 ? -21.192 19.487  -20.186 1.00 80.41  ? 80  C   A "C5'" 1 
ATOM   1365 C  "C4'" . C   A 1 65 ? -20.015 20.222  -19.593 1.00 81.89  ? 80  C   A "C4'" 1 
ATOM   1366 O  "O4'" . C   A 1 65 ? -19.484 19.456  -18.481 1.00 82.44  ? 80  C   A "O4'" 1 
ATOM   1367 C  "C3'" . C   A 1 65 ? -18.832 20.425  -20.525 1.00 82.84  ? 80  C   A "C3'" 1 
ATOM   1368 O  "O3'" . C   A 1 65 ? -18.971 21.516  -21.444 1.00 82.90  ? 80  C   A "O3'" 1 
ATOM   1369 C  "C2'" . C   A 1 65 ? -17.678 20.573  -19.544 1.00 83.25  ? 80  C   A "C2'" 1 
ATOM   1370 O  "O2'" . C   A 1 65 ? -17.618 21.869  -18.987 1.00 84.10  ? 80  C   A "O2'" 1 
ATOM   1371 C  "C1'" . C   A 1 65 ? -18.072 19.563  -18.461 1.00 83.44  ? 80  C   A "C1'" 1 
ATOM   1372 N  N1    . C   A 1 65 ? -17.528 18.213  -18.688 1.00 83.80  ? 80  C   A N1    1 
ATOM   1373 C  C2    . C   A 1 65 ? -16.164 17.977  -18.481 1.00 84.26  ? 80  C   A C2    1 
ATOM   1374 O  O2    . C   A 1 65 ? -15.439 18.912  -18.104 1.00 84.30  ? 80  C   A O2    1 
ATOM   1375 N  N3    . C   A 1 65 ? -15.671 16.733  -18.697 1.00 84.33  ? 80  C   A N3    1 
ATOM   1376 C  C4    . C   A 1 65 ? -16.484 15.752  -19.098 1.00 84.14  ? 80  C   A C4    1 
ATOM   1377 N  N4    . C   A 1 65 ? -15.955 14.544  -19.299 1.00 84.05  ? 80  C   A N4    1 
ATOM   1378 C  C5    . C   A 1 65 ? -17.874 15.966  -19.311 1.00 84.30  ? 80  C   A C5    1 
ATOM   1379 C  C6    . C   A 1 65 ? -18.350 17.199  -19.097 1.00 84.43  ? 80  C   A C6    1 
HETATM 1380 C  C     . ACT B 2 .  ? 9.602   -6.246  6.865   1.00 27.57  ? 92  ACT A C     1 
HETATM 1381 O  O     . ACT B 2 .  ? 9.208   -7.392  7.186   1.00 26.97  ? 92  ACT A O     1 
HETATM 1382 O  OXT   . ACT B 2 .  ? 10.572  -5.908  6.013   1.00 24.13  ? 92  ACT A OXT   1 
HETATM 1383 C  CH3   . ACT B 2 .  ? 8.873   -5.093  7.549   1.00 26.51  ? 92  ACT A CH3   1 
HETATM 1384 CO CO    . NCO C 3 .  ? 1.222   -4.244  12.813  1.00 31.85  ? 101 NCO A CO    1 
HETATM 1385 N  N1    . NCO C 3 .  ? 2.921   -4.586  13.730  1.00 25.02  ? 101 NCO A N1    1 
HETATM 1386 N  N2    . NCO C 3 .  ? -0.470  -3.899  11.896  1.00 24.65  ? 101 NCO A N2    1 
HETATM 1387 N  N3    . NCO C 3 .  ? 0.946   -2.640  13.925  1.00 27.85  ? 101 NCO A N3    1 
HETATM 1388 N  N4    . NCO C 3 .  ? 1.497   -5.841  11.704  1.00 31.05  ? 101 NCO A N4    1 
HETATM 1389 N  N5    . NCO C 3 .  ? 2.164   -3.151  11.467  1.00 28.76  ? 101 NCO A N5    1 
HETATM 1390 N  N6    . NCO C 3 .  ? 0.288   -5.337  14.149  1.00 27.54  ? 101 NCO A N6    1 
HETATM 1391 CO CO    . NCO D 3 .  ? 12.918  -2.716  -4.137  1.00 74.96  ? 102 NCO A CO    1 
HETATM 1392 N  N1    . NCO D 3 .  ? 13.243  -1.198  -2.927  1.00 73.68  ? 102 NCO A N1    1 
HETATM 1393 N  N2    . NCO D 3 .  ? 12.592  -4.229  -5.345  1.00 74.60  ? 102 NCO A N2    1 
HETATM 1394 N  N3    . NCO D 3 .  ? 11.284  -1.844  -4.792  1.00 74.25  ? 102 NCO A N3    1 
HETATM 1395 N  N4    . NCO D 3 .  ? 14.551  -3.588  -3.480  1.00 73.96  ? 102 NCO A N4    1 
HETATM 1396 N  N5    . NCO D 3 .  ? 13.961  -1.821  -5.543  1.00 73.94  ? 102 NCO A N5    1 
HETATM 1397 N  N6    . NCO D 3 .  ? 11.878  -3.611  -2.730  1.00 73.99  ? 102 NCO A N6    1 
HETATM 1398 CO CO    . NCO E 3 .  ? 7.069   2.064   1.392   1.00 36.52  ? 103 NCO A CO    1 
HETATM 1399 N  N1    . NCO E 3 .  ? 7.751   3.788   2.051   1.00 36.62  ? 103 NCO A N1    1 
HETATM 1400 N  N2    . NCO E 3 .  ? 6.385   0.338   0.736   1.00 34.11  ? 103 NCO A N2    1 
HETATM 1401 N  N3    . NCO E 3 .  ? 6.418   2.932   -0.239  1.00 33.12  ? 103 NCO A N3    1 
HETATM 1402 N  N4    . NCO E 3 .  ? 7.724   1.190   3.018   1.00 35.23  ? 103 NCO A N4    1 
HETATM 1403 N  N5    . NCO E 3 .  ? 8.791   1.718   0.510   1.00 36.48  ? 103 NCO A N5    1 
HETATM 1404 N  N6    . NCO E 3 .  ? 5.351   2.415   2.284   1.00 36.27  ? 103 NCO A N6    1 
HETATM 1405 CO CO    . NCO F 3 .  ? 6.536   -12.410 9.424   1.00 37.01  ? 104 NCO A CO    1 
HETATM 1406 N  N1    . NCO F 3 .  ? 7.656   -11.156 10.433  1.00 32.92  ? 104 NCO A N1    1 
HETATM 1407 N  N2    . NCO F 3 .  ? 5.417   -13.667 8.411   1.00 34.97  ? 104 NCO A N2    1 
HETATM 1408 N  N3    . NCO F 3 .  ? 4.971   -11.848 10.461  1.00 34.69  ? 104 NCO A N3    1 
HETATM 1409 N  N4    . NCO F 3 .  ? 8.101   -12.975 8.385   1.00 33.59  ? 104 NCO A N4    1 
HETATM 1410 N  N5    . NCO F 3 .  ? 6.161   -11.010 8.099   1.00 33.60  ? 104 NCO A N5    1 
HETATM 1411 N  N6    . NCO F 3 .  ? 6.913   -13.811 10.744  1.00 32.71  ? 104 NCO A N6    1 
HETATM 1412 CO CO    . NCO G 3 .  ? 16.801  2.742   2.120   1.00 101.48 ? 105 NCO A CO    1 
HETATM 1413 N  N1    . NCO G 3 .  ? 16.395  4.618   2.544   1.00 101.22 ? 105 NCO A N1    1 
HETATM 1414 N  N2    . NCO G 3 .  ? 17.205  0.869   1.699   1.00 101.18 ? 105 NCO A N2    1 
HETATM 1415 N  N3    . NCO G 3 .  ? 15.823  2.170   3.722   1.00 101.30 ? 105 NCO A N3    1 
HETATM 1416 N  N4    . NCO G 3 .  ? 17.779  3.316   0.518   1.00 101.28 ? 105 NCO A N4    1 
HETATM 1417 N  N5    . NCO G 3 .  ? 15.148  2.619   1.067   1.00 101.09 ? 105 NCO A N5    1 
HETATM 1418 N  N6    . NCO G 3 .  ? 18.454  2.864   3.173   1.00 100.94 ? 105 NCO A N6    1 
HETATM 1419 CO CO    . NCO H 3 .  ? 0.959   -8.534  -5.139  1.00 95.91  ? 107 NCO A CO    1 
HETATM 1420 N  N1    . NCO H 3 .  ? 0.203   -6.965  -6.047  1.00 95.22  ? 107 NCO A N1    1 
HETATM 1421 N  N2    . NCO H 3 .  ? 1.714   -10.102 -4.230  1.00 95.46  ? 107 NCO A N2    1 
HETATM 1422 N  N3    . NCO H 3 .  ? -0.802  -8.941  -4.372  1.00 95.59  ? 107 NCO A N3    1 
HETATM 1423 N  N4    . NCO H 3 .  ? 2.717   -8.125  -5.907  1.00 95.47  ? 107 NCO A N4    1 
HETATM 1424 N  N5    . NCO H 3 .  ? 0.533   -9.642  -6.705  1.00 95.52  ? 107 NCO A N5    1 
HETATM 1425 N  N6    . NCO H 3 .  ? 1.385   -7.426  -3.573  1.00 95.17  ? 107 NCO A N6    1 
HETATM 1426 CO CO    . NCO I 3 .  ? -13.942 -7.956  -4.903  1.00 63.99  ? 108 NCO A CO    1 
HETATM 1427 N  N1    . NCO I 3 .  ? -12.710 -8.986  -6.031  1.00 62.34  ? 108 NCO A N1    1 
HETATM 1428 N  N2    . NCO I 3 .  ? -15.173 -6.929  -3.775  1.00 62.96  ? 108 NCO A N2    1 
HETATM 1429 N  N3    . NCO I 3 .  ? -15.465 -8.690  -5.899  1.00 63.06  ? 108 NCO A N3    1 
HETATM 1430 N  N4    . NCO I 3 .  ? -12.420 -7.221  -3.906  1.00 63.26  ? 108 NCO A N4    1 
HETATM 1431 N  N5    . NCO I 3 .  ? -14.043 -9.454  -3.638  1.00 63.16  ? 108 NCO A N5    1 
HETATM 1432 N  N6    . NCO I 3 .  ? -13.845 -6.456  -6.169  1.00 63.24  ? 108 NCO A N6    1 
HETATM 1433 CO CO    . NCO J 3 .  ? -3.341  11.368  0.970   1.00 78.74  ? 109 NCO A CO    1 
HETATM 1434 N  N1    . NCO J 3 .  ? -2.423  11.829  2.644   1.00 78.34  ? 109 NCO A N1    1 
HETATM 1435 N  N2    . NCO J 3 .  ? -4.260  10.908  -0.704  1.00 77.95  ? 109 NCO A N2    1 
HETATM 1436 N  N3    . NCO J 3 .  ? -3.406  13.271  0.482   1.00 78.47  ? 109 NCO A N3    1 
HETATM 1437 N  N4    . NCO J 3 .  ? -3.274  9.469   1.457   1.00 78.75  ? 109 NCO A N4    1 
HETATM 1438 N  N5    . NCO J 3 .  ? -1.606  11.197  0.065   1.00 78.15  ? 109 NCO A N5    1 
HETATM 1439 N  N6    . NCO J 3 .  ? -5.076  11.542  1.878   1.00 78.63  ? 109 NCO A N6    1 
HETATM 1440 CO CO    . NCO K 3 .  ? -3.441  15.817  -7.475  1.00 57.76  ? 112 NCO A CO    1 
HETATM 1441 N  N1    . NCO K 3 .  ? -2.987  17.110  -8.891  1.00 56.33  ? 112 NCO A N1    1 
HETATM 1442 N  N2    . NCO K 3 .  ? -3.895  14.526  -6.062  1.00 55.80  ? 112 NCO A N2    1 
HETATM 1443 N  N3    . NCO K 3 .  ? -4.434  14.735  -8.786  1.00 55.54  ? 112 NCO A N3    1 
HETATM 1444 N  N4    . NCO K 3 .  ? -2.445  16.896  -6.163  1.00 55.61  ? 112 NCO A N4    1 
HETATM 1445 N  N5    . NCO K 3 .  ? -1.801  14.805  -7.878  1.00 56.34  ? 112 NCO A N5    1 
HETATM 1446 N  N6    . NCO K 3 .  ? -5.076  16.828  -7.073  1.00 56.11  ? 112 NCO A N6    1 
HETATM 1447 N  N9    . 6AP L 4 .  ? -12.413 0.976   -5.949  1.00 26.78  ? 91  6AP A N9    1 
HETATM 1448 C  C8    . 6AP L 4 .  ? -12.789 1.996   -5.181  1.00 26.15  ? 91  6AP A C8    1 
HETATM 1449 N  N7    . 6AP L 4 .  ? -11.937 3.008   -5.334  1.00 25.10  ? 91  6AP A N7    1 
HETATM 1450 C  C5    . 6AP L 4 .  ? -11.009 2.629   -6.208  1.00 27.45  ? 91  6AP A C5    1 
HETATM 1451 C  C4    . 6AP L 4 .  ? -11.310 1.331   -6.602  1.00 28.44  ? 91  6AP A C4    1 
HETATM 1452 N  N3    . 6AP L 4 .  ? -10.532 0.707   -7.499  1.00 28.41  ? 91  6AP A N3    1 
HETATM 1453 C  C2    . 6AP L 4 .  ? -9.463  1.323   -8.025  1.00 29.63  ? 91  6AP A C2    1 
HETATM 1454 N  N2    . 6AP L 4 .  ? -8.714  0.690   -8.923  1.00 30.35  ? 91  6AP A N2    1 
HETATM 1455 N  N1    . 6AP L 4 .  ? -9.150  2.577   -7.661  1.00 30.34  ? 91  6AP A N1    1 
HETATM 1456 C  C6    . 6AP L 4 .  ? -9.894  3.246   -6.766  1.00 28.97  ? 91  6AP A C6    1 
HETATM 1457 N  N6    . 6AP L 4 .  ? -9.563  4.483   -6.410  1.00 27.97  ? 91  6AP A N6    1 
HETATM 1458 O  O     . HOH M 5 .  ? 11.037  1.408   12.654  1.00 18.49  ? 300 HOH A O     1 
HETATM 1459 O  O     . HOH M 5 .  ? -0.228  10.096  2.609   1.00 31.59  ? 301 HOH A O     1 
HETATM 1460 O  O     . HOH M 5 .  ? 7.270   11.863  5.815   1.00 23.45  ? 302 HOH A O     1 
HETATM 1461 O  O     . HOH M 5 .  ? 11.132  -10.394 9.910   1.00 16.71  ? 303 HOH A O     1 
HETATM 1462 O  O     . HOH M 5 .  ? 3.360   -11.662 7.908   1.00 19.83  ? 304 HOH A O     1 
HETATM 1463 O  O     . HOH M 5 .  ? 1.417   -2.199  0.190   1.00 36.25  ? 305 HOH A O     1 
HETATM 1464 O  O     . HOH M 5 .  ? 7.579   -15.951 -1.058  1.00 23.15  ? 306 HOH A O     1 
HETATM 1465 O  O     . HOH M 5 .  ? -1.293  -1.690  0.165   1.00 24.76  ? 307 HOH A O     1 
HETATM 1466 O  O     . HOH M 5 .  ? -15.223 1.148   -7.541  1.00 26.70  ? 308 HOH A O     1 
HETATM 1467 O  O     . HOH M 5 .  ? -6.853  -11.421 -1.034  1.00 64.74  ? 309 HOH A O     1 
HETATM 1468 O  O     . HOH M 5 .  ? -10.410 0.834   6.136   1.00 46.19  ? 310 HOH A O     1 
HETATM 1469 O  O     . HOH M 5 .  ? 18.760  13.963  6.617   1.00 38.02  ? 311 HOH A O     1 
HETATM 1470 O  O     . HOH M 5 .  ? 10.075  -16.235 0.631   1.00 39.73  ? 312 HOH A O     1 
HETATM 1471 O  O     . HOH M 5 .  ? 22.512  4.076   9.778   1.00 73.34  ? 313 HOH A O     1 
HETATM 1472 O  O     . HOH M 5 .  ? 4.036   -1.683  13.542  1.00 36.92  ? 314 HOH A O     1 
HETATM 1473 O  O     . HOH M 5 .  ? 19.573  11.151  2.880   1.00 38.99  ? 315 HOH A O     1 
HETATM 1474 O  O     . HOH M 5 .  ? -0.023  -10.172 -1.554  1.00 26.61  ? 316 HOH A O     1 
HETATM 1475 O  O     . HOH M 5 .  ? 15.677  -1.120  -1.887  1.00 79.97  ? 317 HOH A O     1 
HETATM 1476 O  O     . HOH M 5 .  ? 9.909   -12.859 11.524  1.00 36.17  ? 318 HOH A O     1 
HETATM 1477 O  O     . HOH M 5 .  ? 6.280   0.978   5.805   1.00 28.61  ? 319 HOH A O     1 
HETATM 1478 O  O     . HOH M 5 .  ? 7.697   5.916   -7.199  1.00 31.24  ? 320 HOH A O     1 
HETATM 1479 O  O     . HOH M 5 .  ? 13.177  -12.192 8.351   1.00 25.18  ? 321 HOH A O     1 
HETATM 1480 O  O     . HOH M 5 .  ? 7.673   -3.006  4.548   1.00 43.34  ? 322 HOH A O     1 
HETATM 1481 O  O     . HOH M 5 .  ? -5.605  -15.196 6.605   1.00 38.77  ? 323 HOH A O     1 
HETATM 1482 O  O     . HOH M 5 .  ? 6.486   -17.800 1.133   1.00 62.19  ? 324 HOH A O     1 
HETATM 1483 O  O     . HOH M 5 .  ? -2.076  14.635  -2.060  1.00 23.49  ? 325 HOH A O     1 
HETATM 1484 O  O     . HOH M 5 .  ? 7.666   -23.016 7.038   1.00 32.82  ? 326 HOH A O     1 
HETATM 1485 O  O     . HOH M 5 .  ? 10.486  11.426  10.900  1.00 35.50  ? 327 HOH A O     1 
HETATM 1486 O  O     . HOH M 5 .  ? 1.900   -4.701  7.066   1.00 38.59  ? 328 HOH A O     1 
HETATM 1487 O  O     . HOH M 5 .  ? 3.522   2.926   -0.455  1.00 39.04  ? 329 HOH A O     1 
HETATM 1488 O  O     . HOH M 5 .  ? 10.499  -15.326 7.799   1.00 34.02  ? 330 HOH A O     1 
HETATM 1489 O  O     . HOH M 5 .  ? 18.538  5.554   3.837   1.00 40.61  ? 331 HOH A O     1 
HETATM 1490 O  O     . HOH M 5 .  ? -9.743  6.959   -4.648  1.00 32.77  ? 332 HOH A O     1 
HETATM 1491 O  O     . HOH M 5 .  ? 8.567   -16.080 9.678   1.00 33.85  ? 333 HOH A O     1 
HETATM 1492 O  O     . HOH M 5 .  ? -13.969 9.451   -15.422 1.00 58.30  ? 334 HOH A O     1 
HETATM 1493 O  O     . HOH M 5 .  ? 10.338  2.374   3.747   1.00 47.84  ? 335 HOH A O     1 
HETATM 1494 O  O     . HOH M 5 .  ? 8.592   4.066   11.775  1.00 38.33  ? 336 HOH A O     1 
HETATM 1495 O  O     . HOH M 5 .  ? -12.245 -0.603  4.544   1.00 45.69  ? 337 HOH A O     1 
HETATM 1496 O  O     . HOH M 5 .  ? 28.172  -4.367  4.641   1.00 41.12  ? 338 HOH A O     1 
HETATM 1497 O  O     . HOH M 5 .  ? 0.273   7.548   1.533   1.00 21.64  ? 339 HOH A O     1 
HETATM 1498 O  O     . HOH M 5 .  ? 14.051  -10.572 0.767   1.00 64.55  ? 340 HOH A O     1 
HETATM 1499 O  O     . HOH M 5 .  ? 2.425   6.704   -9.991  1.00 35.50  ? 341 HOH A O     1 
HETATM 1500 O  O     . HOH M 5 .  ? 10.399  4.495   16.483  1.00 38.31  ? 342 HOH A O     1 
HETATM 1501 O  O     . HOH M 5 .  ? -5.849  -11.675 -3.587  1.00 32.77  ? 343 HOH A O     1 
HETATM 1502 O  O     . HOH M 5 .  ? -4.074  4.567   8.379   1.00 53.99  ? 344 HOH A O     1 
HETATM 1503 O  O     . HOH M 5 .  ? -6.903  -1.540  -13.202 1.00 41.75  ? 345 HOH A O     1 
HETATM 1504 O  O     . HOH M 5 .  ? -16.314 9.400   -17.010 1.00 43.76  ? 346 HOH A O     1 
HETATM 1505 O  O     . HOH M 5 .  ? 4.722   -17.580 -3.672  1.00 76.78  ? 347 HOH A O     1 
HETATM 1506 O  O     . HOH M 5 .  ? 24.807  3.526   11.447  1.00 39.18  ? 348 HOH A O     1 
HETATM 1507 O  O     . HOH M 5 .  ? 7.708   -0.197  -1.563  1.00 45.28  ? 349 HOH A O     1 
HETATM 1508 O  O     . HOH M 5 .  ? -7.586  3.504   -4.129  1.00 37.51  ? 350 HOH A O     1 
HETATM 1509 O  O     . HOH M 5 .  ? 25.734  4.491   3.245   1.00 41.13  ? 351 HOH A O     1 
HETATM 1510 O  O     . HOH M 5 .  ? -5.102  0.636   -6.230  1.00 37.54  ? 352 HOH A O     1 
HETATM 1511 O  O     . HOH M 5 .  ? 14.910  6.317   5.164   1.00 37.68  ? 353 HOH A O     1 
HETATM 1512 O  O     . HOH M 5 .  ? 8.333   -1.604  14.216  1.00 31.21  ? 354 HOH A O     1 
HETATM 1513 O  O     . HOH M 5 .  ? 11.359  -10.550 -0.882  1.00 24.57  ? 355 HOH A O     1 
HETATM 1514 O  O     . HOH M 5 .  ? 5.708   -6.877  6.685   1.00 18.69  ? 356 HOH A O     1 
HETATM 1515 O  O     . HOH M 5 .  ? 22.898  -2.693  20.952  1.00 94.24  ? 357 HOH A O     1 
HETATM 1516 O  O     . HOH M 5 .  ? -15.560 13.915  -14.593 1.00 99.73  ? 358 HOH A O     1 
HETATM 1517 O  O     . HOH M 5 .  ? 2.145   5.425   3.044   1.00 22.29  ? 359 HOH A O     1 
HETATM 1518 O  O     . HOH M 5 .  ? 3.716   0.462   -0.303  1.00 36.73  ? 360 HOH A O     1 
HETATM 1519 O  O     . HOH M 5 .  ? -2.460  -1.249  2.490   1.00 75.64  ? 361 HOH A O     1 
HETATM 1520 O  O     . HOH M 5 .  ? 3.955   7.450   -8.006  1.00 82.84  ? 362 HOH A O     1 
HETATM 1521 O  O     . HOH M 5 .  ? -1.078  -7.372  12.474  1.00 37.74  ? 363 HOH A O     1 
HETATM 1522 O  O     . HOH M 5 .  ? 4.724   11.415  9.990   1.00 34.82  ? 364 HOH A O     1 
HETATM 1523 O  O     . HOH M 5 .  ? 3.608   -9.017  9.837   1.00 44.18  ? 365 HOH A O     1 
HETATM 1524 O  O     . HOH M 5 .  ? 4.194   -8.866  -2.201  1.00 38.44  ? 366 HOH A O     1 
HETATM 1525 O  O     . HOH M 5 .  ? -21.378 12.969  -6.058  1.00 68.79  ? 367 HOH A O     1 
HETATM 1526 O  O     . HOH M 5 .  ? -1.127  9.126   -1.709  1.00 46.84  ? 368 HOH A O     1 
HETATM 1527 O  O     . HOH M 5 .  ? -0.454  -13.228 -9.100  1.00 34.80  ? 369 HOH A O     1 
HETATM 1528 O  O     . HOH M 5 .  ? 17.294  6.331   -0.494  1.00 43.33  ? 370 HOH A O     1 
HETATM 1529 O  O     . HOH M 5 .  ? -27.977 -4.387  -4.995  1.00 73.47  ? 371 HOH A O     1 
HETATM 1530 O  O     . HOH M 5 .  ? 17.360  -10.771 12.448  1.00 48.76  ? 372 HOH A O     1 
HETATM 1531 O  O     . HOH M 5 .  ? -10.599 12.444  -14.072 1.00 58.15  ? 373 HOH A O     1 
HETATM 1532 O  O     . HOH M 5 .  ? -8.105  11.443  -18.562 1.00 70.20  ? 374 HOH A O     1 
HETATM 1533 O  O     . HOH M 5 .  ? -3.413  -4.161  13.423  1.00 61.32  ? 375 HOH A O     1 
HETATM 1534 O  O     . HOH M 5 .  ? 25.030  -2.124  15.466  1.00 47.17  ? 376 HOH A O     1 
HETATM 1535 O  O     . HOH M 5 .  ? 2.214   -13.970 9.657   1.00 19.48  ? 377 HOH A O     1 
HETATM 1536 O  O     . HOH M 5 .  ? -2.208  0.521   -5.753  1.00 37.50  ? 378 HOH A O     1 
HETATM 1537 O  O     . HOH M 5 .  ? 7.052   11.077  -4.683  1.00 61.40  ? 379 HOH A O     1 
HETATM 1538 O  O     . HOH M 5 .  ? 11.018  10.672  -4.833  1.00 36.38  ? 380 HOH A O     1 
HETATM 1539 O  O     . HOH M 5 .  ? -1.248  6.932   -0.483  1.00 49.22  ? 381 HOH A O     1 
HETATM 1540 O  O     . HOH M 5 .  ? -5.729  9.127   -3.157  1.00 33.12  ? 382 HOH A O     1 
HETATM 1541 O  O     . HOH M 5 .  ? -22.620 7.241   -11.139 1.00 42.55  ? 383 HOH A O     1 
HETATM 1542 O  O     . HOH M 5 .  ? -1.902  -11.476 -4.454  1.00 32.73  ? 384 HOH A O     1 
HETATM 1543 O  O     . HOH M 5 .  ? -21.093 21.031  -22.628 1.00 69.79  ? 385 HOH A O     1 
HETATM 1544 O  O     . HOH M 5 .  ? 5.410   -3.428  1.157   1.00 49.14  ? 386 HOH A O     1 
HETATM 1545 O  O     . HOH M 5 .  ? 24.832  -0.292  9.895   1.00 89.87  ? 387 HOH A O     1 
HETATM 1546 O  O     . HOH M 5 .  ? 6.744   1.968   13.178  1.00 31.91  ? 388 HOH A O     1 
HETATM 1547 O  O     . HOH M 5 .  ? 19.824  -9.570  11.373  1.00 46.13  ? 389 HOH A O     1 
HETATM 1548 O  O     . HOH M 5 .  ? -18.261 -9.679  -3.816  1.00 54.93  ? 390 HOH A O     1 
HETATM 1549 O  O     . HOH M 5 .  ? -15.757 2.153   3.190   1.00 68.16  ? 391 HOH A O     1 
HETATM 1550 O  O     . HOH M 5 .  ? -9.470  22.294  -19.645 1.00 66.95  ? 392 HOH A O     1 
HETATM 1551 O  O     . HOH M 5 .  ? -3.066  9.332   -3.772  1.00 36.72  ? 393 HOH A O     1 
HETATM 1552 O  O     . HOH M 5 .  ? -5.629  12.148  -7.286  1.00 59.03  ? 394 HOH A O     1 
HETATM 1553 O  O     . HOH M 5 .  ? -30.457 -0.813  -3.095  1.00 45.97  ? 395 HOH A O     1 
HETATM 1554 O  O     . HOH M 5 .  ? -14.985 1.223   -19.105 1.00 61.05  ? 396 HOH A O     1 
HETATM 1555 O  O     . HOH M 5 .  ? 3.007   -17.837 0.938   1.00 53.76  ? 397 HOH A O     1 
HETATM 1556 O  O     . HOH M 5 .  ? 12.180  -1.598  18.073  1.00 50.22  ? 398 HOH A O     1 
HETATM 1557 O  O     . HOH M 5 .  ? -8.466  8.672   -11.792 1.00 69.56  ? 399 HOH A O     1 
HETATM 1558 O  O     . HOH M 5 .  ? 16.469  -1.782  -4.450  1.00 34.90  ? 400 HOH A O     1 
HETATM 1559 O  O     . HOH M 5 .  ? 13.025  -8.429  1.956   1.00 35.03  ? 401 HOH A O     1 
HETATM 1560 O  O     . HOH M 5 .  ? 17.244  6.813   7.627   1.00 29.52  ? 402 HOH A O     1 
HETATM 1561 O  O     . HOH M 5 .  ? 11.156  -0.847  -1.324  1.00 54.95  ? 403 HOH A O     1 
HETATM 1562 O  O     . HOH M 5 .  ? -18.029 1.421   4.703   1.00 35.63  ? 404 HOH A O     1 
HETATM 1563 O  O     . HOH M 5 .  ? 6.431   -4.494  -6.402  1.00 44.04  ? 405 HOH A O     1 
HETATM 1564 O  O     . HOH M 5 .  ? -7.223  -9.551  14.399  1.00 31.09  ? 406 HOH A O     1 
HETATM 1565 O  O     . HOH M 5 .  ? 4.047   -8.942  15.467  1.00 43.59  ? 407 HOH A O     1 
HETATM 1566 O  O     . HOH M 5 .  ? -3.507  -5.442  5.503   1.00 28.12  ? 408 HOH A O     1 
HETATM 1567 O  O     . HOH M 5 .  ? -23.952 3.834   -13.364 1.00 59.22  ? 409 HOH A O     1 
HETATM 1568 O  O     . HOH M 5 .  ? 24.869  -6.257  13.933  1.00 45.73  ? 410 HOH A O     1 
HETATM 1569 O  O     . HOH M 5 .  ? -13.787 -7.601  -1.524  1.00 50.07  ? 411 HOH A O     1 
HETATM 1570 O  O     . HOH M 5 .  ? 12.576  -16.623 0.218   1.00 68.90  ? 412 HOH A O     1 
HETATM 1571 O  O     . HOH M 5 .  ? -1.945  5.687   8.028   1.00 56.86  ? 413 HOH A O     1 
HETATM 1572 O  O     . HOH M 5 .  ? 0.498   -10.979 8.010   1.00 40.74  ? 414 HOH A O     1 
HETATM 1573 O  O     . HOH M 5 .  ? -14.590 -16.265 -1.348  1.00 48.42  ? 415 HOH A O     1 
HETATM 1574 O  O     . HOH M 5 .  ? -11.763 6.866   -14.052 1.00 43.77  ? 416 HOH A O     1 
HETATM 1575 O  O     . HOH M 5 .  ? 2.278   -9.200  -0.359  1.00 44.13  ? 417 HOH A O     1 
HETATM 1576 O  O     . HOH M 5 .  ? 15.385  -3.013  -7.435  1.00 47.72  ? 418 HOH A O     1 
HETATM 1577 O  O     . HOH M 5 .  ? -12.280 -5.066  -15.929 1.00 38.04  ? 419 HOH A O     1 
HETATM 1578 O  O     . HOH M 5 .  ? -9.387  -5.290  6.547   1.00 31.38  ? 420 HOH A O     1 
HETATM 1579 O  O     . HOH M 5 .  ? 19.363  16.331  6.782   1.00 44.74  ? 421 HOH A O     1 
HETATM 1580 O  O     . HOH M 5 .  ? -3.006  14.432  -10.688 1.00 47.79  ? 422 HOH A O     1 
HETATM 1581 O  O     . HOH M 5 .  ? 26.280  2.289   4.711   1.00 47.79  ? 423 HOH A O     1 
HETATM 1582 O  O     . HOH M 5 .  ? -2.026  -18.288 4.247   1.00 41.26  ? 424 HOH A O     1 
HETATM 1583 O  O     . HOH M 5 .  ? -7.374  -2.561  13.106  1.00 88.52  ? 425 HOH A O     1 
HETATM 1584 O  O     . HOH M 5 .  ? -11.281 4.424   -14.972 1.00 69.95  ? 426 HOH A O     1 
HETATM 1585 O  O     . HOH M 5 .  ? -0.300  -10.802 -9.720  1.00 40.63  ? 427 HOH A O     1 
HETATM 1586 O  O     . HOH M 5 .  ? 6.555   -4.719  16.320  1.00 42.41  ? 428 HOH A O     1 
HETATM 1587 O  O     . HOH M 5 .  ? 3.601   1.960   5.551   1.00 36.05  ? 429 HOH A O     1 
HETATM 1588 O  O     . HOH M 5 .  ? 24.125  -4.345  16.250  1.00 41.89  ? 430 HOH A O     1 
HETATM 1589 O  O     . HOH M 5 .  ? 18.000  -16.676 3.060   1.00 45.44  ? 431 HOH A O     1 
HETATM 1590 O  O     . HOH M 5 .  ? 8.153   -8.857  9.267   1.00 62.31  ? 432 HOH A O     1 
HETATM 1591 O  O     . HOH M 5 .  ? 10.163  12.163  -2.857  1.00 39.08  ? 433 HOH A O     1 
HETATM 1592 O  O     . HOH M 5 .  ? -8.449  6.767   -22.269 1.00 55.40  ? 434 HOH A O     1 
HETATM 1593 O  O     . HOH M 5 .  ? -9.685  -7.842  -1.295  1.00 49.00  ? 435 HOH A O     1 
HETATM 1594 O  O     . HOH M 5 .  ? 0.547   -8.225  2.133   1.00 36.55  ? 436 HOH A O     1 
HETATM 1595 O  O     . HOH M 5 .  ? 19.315  -12.831 14.408  1.00 65.35  ? 437 HOH A O     1 
HETATM 1596 O  O     . HOH M 5 .  ? -6.633  1.005   -2.392  1.00 46.84  ? 438 HOH A O     1 
HETATM 1597 O  O     . HOH M 5 .  ? -6.816  22.957  -11.415 1.00 40.22  ? 439 HOH A O     1 
HETATM 1598 O  O     . HOH M 5 .  ? 25.997  -0.861  13.392  1.00 43.52  ? 440 HOH A O     1 
HETATM 1599 O  O     . HOH M 5 .  ? 24.467  6.589   5.373   1.00 46.85  ? 441 HOH A O     1 
HETATM 1600 O  O     . HOH M 5 .  ? 12.727  -6.457  -2.110  1.00 43.09  ? 442 HOH A O     1 
HETATM 1601 O  O     . HOH M 5 .  ? 18.198  5.029   10.562  1.00 39.12  ? 443 HOH A O     1 
HETATM 1602 O  O     . HOH M 5 .  ? 5.613   -7.933  1.454   1.00 50.36  ? 444 HOH A O     1 
HETATM 1603 O  O     . HOH M 5 .  ? 12.446  -2.538  -7.942  1.00 58.94  ? 445 HOH A O     1 
HETATM 1604 O  O     . HOH M 5 .  ? 1.928   -9.930  4.781   1.00 52.96  ? 446 HOH A O     1 
HETATM 1605 O  O     . HOH M 5 .  ? 5.111   -16.692 9.555   1.00 46.39  ? 447 HOH A O     1 
HETATM 1606 O  O     . HOH M 5 .  ? 11.379  3.264   18.460  1.00 53.08  ? 448 HOH A O     1 
HETATM 1607 O  O     . HOH M 5 .  ? 5.647   -1.366  4.885   1.00 46.65  ? 449 HOH A O     1 
HETATM 1608 O  O     . HOH M 5 .  ? -7.810  13.286  -8.247  1.00 39.95  ? 450 HOH A O     1 
HETATM 1609 O  O     . HOH M 5 .  ? -13.617 -1.874  6.804   1.00 36.05  ? 451 HOH A O     1 
HETATM 1610 O  O     . HOH M 5 .  ? 18.018  9.884   14.589  1.00 40.37  ? 452 HOH A O     1 
HETATM 1611 O  O     . HOH M 5 .  ? 9.525   -3.394  -3.626  1.00 41.45  ? 453 HOH A O     1 
HETATM 1612 O  O     . HOH M 5 .  ? -1.276  -3.536  -10.960 1.00 82.91  ? 454 HOH A O     1 
HETATM 1613 O  O     . HOH M 5 .  ? 14.123  -6.902  -0.236  1.00 32.01  ? 455 HOH A O     1 
HETATM 1614 O  O     . HOH M 5 .  ? -0.241  -6.910  5.312   1.00 43.60  ? 456 HOH A O     1 
HETATM 1615 O  O     . HOH M 5 .  ? 3.291   -6.602  16.543  1.00 39.89  ? 457 HOH A O     1 
HETATM 1616 O  O     . HOH M 5 .  ? -14.228 10.127  -3.082  1.00 49.51  ? 458 HOH A O     1 
HETATM 1617 O  O     . HOH M 5 .  ? -28.528 11.147  -19.614 1.00 81.79  ? 459 HOH A O     1 
HETATM 1618 O  O     . HOH M 5 .  ? 22.138  10.370  2.560   1.00 44.20  ? 460 HOH A O     1 
HETATM 1619 O  O     . HOH M 5 .  ? -26.029 10.396  -18.974 1.00 61.65  ? 461 HOH A O     1 
HETATM 1620 O  O     . HOH M 5 .  ? -16.419 22.506  -24.814 1.00 77.71  ? 462 HOH A O     1 
HETATM 1621 O  O     . HOH M 5 .  ? 24.522  -2.473  6.374   1.00 41.67  ? 463 HOH A O     1 
HETATM 1622 O  O     . HOH M 5 .  ? -3.318  -2.007  7.430   1.00 94.67  ? 464 HOH A O     1 
HETATM 1623 O  O     . HOH M 5 .  ? -3.319  -7.464  1.585   1.00 77.91  ? 465 HOH A O     1 
HETATM 1624 O  O     . HOH M 5 .  ? -8.118  -7.972  -5.747  1.00 41.52  ? 466 HOH A O     1 
HETATM 1625 O  O     . HOH M 5 .  ? 8.576   1.768   5.398   1.00 60.93  ? 467 HOH A O     1 
HETATM 1626 O  O     . HOH M 5 .  ? 19.893  13.684  1.584   1.00 36.81  ? 468 HOH A O     1 
HETATM 1627 O  O     . HOH M 5 .  ? 5.644   5.648   -9.163  1.00 54.02  ? 469 HOH A O     1 
HETATM 1628 O  O     . HOH M 5 .  ? 8.364   8.604   -6.458  1.00 39.93  ? 470 HOH A O     1 
HETATM 1629 O  O     . HOH M 5 .  ? -11.136 -6.503  -6.693  1.00 53.96  ? 471 HOH A O     1 
HETATM 1630 O  O     . HOH M 5 .  ? 2.875   -1.887  5.228   1.00 53.26  ? 472 HOH A O     1 
HETATM 1631 O  O     . HOH M 5 .  ? -18.180 3.872   5.699   1.00 55.84  ? 473 HOH A O     1 
HETATM 1632 O  O     . HOH M 5 .  ? 3.798   -5.752  -5.165  1.00 40.07  ? 474 HOH A O     1 
HETATM 1633 O  O     . HOH M 5 .  ? 22.064  -3.859  -0.730  1.00 36.28  ? 475 HOH A O     1 
HETATM 1634 O  O     . HOH M 5 .  ? 26.753  6.774   3.360   1.00 46.02  ? 476 HOH A O     1 
HETATM 1635 O  O     . HOH M 5 .  ? 3.624   8.049   -11.821 1.00 53.73  ? 477 HOH A O     1 
HETATM 1636 O  O     . HOH M 5 .  ? 11.612  -13.325 9.816   1.00 59.57  ? 478 HOH A O     1 
HETATM 1637 O  O     . HOH M 5 .  ? 18.479  1.676   16.736  1.00 66.67  ? 479 HOH A O     1 
HETATM 1638 O  O     . HOH M 5 .  ? -15.063 7.618   -18.104 1.00 49.56  ? 480 HOH A O     1 
HETATM 1639 O  O     . HOH M 5 .  ? 4.313   4.463   1.489   1.00 79.26  ? 481 HOH A O     1 
HETATM 1640 O  O     . HOH M 5 .  ? -5.798  7.975   -5.669  1.00 42.12  ? 482 HOH A O     1 
HETATM 1641 O  O     . HOH M 5 .  ? 11.241  -5.973  17.070  1.00 48.39  ? 483 HOH A O     1 
HETATM 1642 O  O     . HOH M 5 .  ? -10.100 -18.830 2.046   1.00 52.01  ? 484 HOH A O     1 
# 
